data_2Q0M
# 
_entry.id   2Q0M 
# 
_audit_conform.dict_name       mmcif_pdbx.dic 
_audit_conform.dict_version    5.397 
_audit_conform.dict_location   http://mmcif.pdb.org/dictionaries/ascii/mmcif_pdbx.dic 
# 
loop_
_database_2.database_id 
_database_2.database_code 
_database_2.pdbx_database_accession 
_database_2.pdbx_DOI 
PDB   2Q0M         pdb_00002q0m 10.2210/pdb2q0m/pdb 
RCSB  RCSB042999   ?            ?                   
WWPDB D_1000042999 ?            ?                   
# 
loop_
_pdbx_audit_revision_history.ordinal 
_pdbx_audit_revision_history.data_content_type 
_pdbx_audit_revision_history.major_revision 
_pdbx_audit_revision_history.minor_revision 
_pdbx_audit_revision_history.revision_date 
1 'Structure model' 1 0 2007-12-11 
2 'Structure model' 1 1 2011-07-13 
3 'Structure model' 1 2 2017-10-18 
4 'Structure model' 1 3 2023-07-26 
5 'Structure model' 1 4 2024-10-30 
# 
_pdbx_audit_revision_details.ordinal             1 
_pdbx_audit_revision_details.revision_ordinal    1 
_pdbx_audit_revision_details.data_content_type   'Structure model' 
_pdbx_audit_revision_details.provider            repository 
_pdbx_audit_revision_details.type                'Initial release' 
_pdbx_audit_revision_details.description         ? 
_pdbx_audit_revision_details.details             ? 
# 
loop_
_pdbx_audit_revision_group.ordinal 
_pdbx_audit_revision_group.revision_ordinal 
_pdbx_audit_revision_group.data_content_type 
_pdbx_audit_revision_group.group 
1 2 'Structure model' 'Version format compliance' 
2 3 'Structure model' Advisory                    
3 3 'Structure model' 'Refinement description'    
4 4 'Structure model' Advisory                    
5 4 'Structure model' 'Database references'       
6 4 'Structure model' 'Derived calculations'      
7 5 'Structure model' 'Data collection'           
8 5 'Structure model' 'Structure summary'         
# 
loop_
_pdbx_audit_revision_category.ordinal 
_pdbx_audit_revision_category.revision_ordinal 
_pdbx_audit_revision_category.data_content_type 
_pdbx_audit_revision_category.category 
1  3 'Structure model' pdbx_unobs_or_zero_occ_atoms 
2  3 'Structure model' software                     
3  4 'Structure model' citation                     
4  4 'Structure model' database_2                   
5  4 'Structure model' pdbx_struct_conn_angle       
6  4 'Structure model' pdbx_unobs_or_zero_occ_atoms 
7  4 'Structure model' struct_conn                  
8  4 'Structure model' struct_site                  
9  5 'Structure model' chem_comp_atom               
10 5 'Structure model' chem_comp_bond               
11 5 'Structure model' pdbx_entry_details           
12 5 'Structure model' pdbx_modification_feature    
# 
loop_
_pdbx_audit_revision_item.ordinal 
_pdbx_audit_revision_item.revision_ordinal 
_pdbx_audit_revision_item.data_content_type 
_pdbx_audit_revision_item.item 
1  4 'Structure model' '_citation.journal_abbrev'                    
2  4 'Structure model' '_citation.journal_id_ISSN'                   
3  4 'Structure model' '_citation.title'                             
4  4 'Structure model' '_database_2.pdbx_DOI'                        
5  4 'Structure model' '_database_2.pdbx_database_accession'         
6  4 'Structure model' '_pdbx_struct_conn_angle.ptnr1_auth_comp_id'  
7  4 'Structure model' '_pdbx_struct_conn_angle.ptnr1_auth_seq_id'   
8  4 'Structure model' '_pdbx_struct_conn_angle.ptnr1_label_asym_id' 
9  4 'Structure model' '_pdbx_struct_conn_angle.ptnr1_label_atom_id' 
10 4 'Structure model' '_pdbx_struct_conn_angle.ptnr1_label_comp_id' 
11 4 'Structure model' '_pdbx_struct_conn_angle.ptnr3_auth_comp_id'  
12 4 'Structure model' '_pdbx_struct_conn_angle.ptnr3_auth_seq_id'   
13 4 'Structure model' '_pdbx_struct_conn_angle.ptnr3_label_asym_id' 
14 4 'Structure model' '_pdbx_struct_conn_angle.ptnr3_label_atom_id' 
15 4 'Structure model' '_pdbx_struct_conn_angle.ptnr3_label_comp_id' 
16 4 'Structure model' '_pdbx_struct_conn_angle.value'               
17 4 'Structure model' '_struct_conn.pdbx_dist_value'                
18 4 'Structure model' '_struct_conn.ptnr1_auth_comp_id'             
19 4 'Structure model' '_struct_conn.ptnr1_auth_seq_id'              
20 4 'Structure model' '_struct_conn.ptnr1_label_asym_id'            
21 4 'Structure model' '_struct_conn.ptnr1_label_atom_id'            
22 4 'Structure model' '_struct_conn.ptnr1_label_comp_id'            
23 4 'Structure model' '_struct_conn.ptnr2_auth_comp_id'             
24 4 'Structure model' '_struct_conn.ptnr2_auth_seq_id'              
25 4 'Structure model' '_struct_conn.ptnr2_label_asym_id'            
26 4 'Structure model' '_struct_conn.ptnr2_label_atom_id'            
27 4 'Structure model' '_struct_conn.ptnr2_label_comp_id'            
28 4 'Structure model' '_struct_site.pdbx_auth_asym_id'              
29 4 'Structure model' '_struct_site.pdbx_auth_comp_id'              
30 4 'Structure model' '_struct_site.pdbx_auth_seq_id'               
# 
_pdbx_database_status.status_code                     REL 
_pdbx_database_status.entry_id                        2Q0M 
_pdbx_database_status.recvd_initial_deposition_date   2007-05-22 
_pdbx_database_status.deposit_site                    RCSB 
_pdbx_database_status.process_site                    RCSB 
_pdbx_database_status.status_code_sf                  REL 
_pdbx_database_status.status_code_mr                  ? 
_pdbx_database_status.SG_entry                        ? 
_pdbx_database_status.pdb_format_compatible           Y 
_pdbx_database_status.status_code_cs                  ? 
_pdbx_database_status.methods_development_category    ? 
_pdbx_database_status.status_code_nmr_data            ? 
# 
loop_
_audit_author.name 
_audit_author.pdbx_ordinal 
'Razavet, M.'            1 
'Artero, V.'             2 
'Cavazza, C.'            3 
'Oudart, Y.'             4 
'Fontecilla-Camps, J.C.' 5 
'Fontecave, M.'          6 
# 
_citation.id                        primary 
_citation.title                     
'Tricarbonylmanganese(I)-lysozyme complex: a structurally characterized organometallic protein.' 
_citation.journal_abbrev            'Chem.Commun.(Camb.)' 
_citation.journal_volume            ? 
_citation.page_first                2805 
_citation.page_last                 2807 
_citation.year                      2007 
_citation.journal_id_ASTM           ? 
_citation.country                   UK 
_citation.journal_id_ISSN           1359-7345 
_citation.journal_id_CSD            ? 
_citation.book_publisher            ? 
_citation.pdbx_database_id_PubMed   17609782 
_citation.pdbx_database_id_DOI      10.1039/b703887a 
# 
loop_
_citation_author.citation_id 
_citation_author.name 
_citation_author.ordinal 
_citation_author.identifier_ORCID 
primary 'Razavet, M.'            1 ? 
primary 'Artero, V.'             2 ? 
primary 'Cavazza, C.'            3 ? 
primary 'Oudart, Y.'             4 ? 
primary 'Lebrun, C.'             5 ? 
primary 'Fontecilla-Camps, J.C.' 6 ? 
primary 'Fontecave, M.'          7 ? 
# 
loop_
_entity.id 
_entity.type 
_entity.src_method 
_entity.pdbx_description 
_entity.formula_weight 
_entity.pdbx_number_of_molecules 
_entity.pdbx_ec 
_entity.pdbx_mutation 
_entity.pdbx_fragment 
_entity.details 
1 polymer     nat 'Lysozyme C'                    14331.160 1  3.2.1.17 ? ? ? 
2 non-polymer syn 'CHLORIDE ION'                  35.453    1  ?        ? ? ? 
3 non-polymer syn 'SODIUM ION'                    22.990    1  ?        ? ? ? 
4 non-polymer syn 'MANGANESE (II) ION'            54.938    1  ?        ? ? ? 
5 non-polymer syn 'CARBON MONOXIDE'               28.010    3  ?        ? ? ? 
6 non-polymer syn 'trifluoromethanesulfonic acid' 150.077   1  ?        ? ? ? 
7 water       nat water                           18.015    86 ?        ? ? ? 
# 
_entity_name_com.entity_id   1 
_entity_name_com.name        '1,4-beta-N-acetylmuramidase C, Allergen Gal d 4, Gal d IV' 
# 
_entity_poly.entity_id                      1 
_entity_poly.type                           'polypeptide(L)' 
_entity_poly.nstd_linkage                   no 
_entity_poly.nstd_monomer                   no 
_entity_poly.pdbx_seq_one_letter_code       
;KVFGRCELAAAMKRHGLDNYRGYSLGNWVCAAKFESNFNTQATNRNTDGSTDYGILQINSRWWCNDGRTPGSRNLCNIPC
SALLSSDITASVNCAKKIVSDGNGMNAWVAWRNRCKGTDVQAWIRGCRL
;
_entity_poly.pdbx_seq_one_letter_code_can   
;KVFGRCELAAAMKRHGLDNYRGYSLGNWVCAAKFESNFNTQATNRNTDGSTDYGILQINSRWWCNDGRTPGSRNLCNIPC
SALLSSDITASVNCAKKIVSDGNGMNAWVAWRNRCKGTDVQAWIRGCRL
;
_entity_poly.pdbx_strand_id                 X 
_entity_poly.pdbx_target_identifier         ? 
# 
loop_
_pdbx_entity_nonpoly.entity_id 
_pdbx_entity_nonpoly.name 
_pdbx_entity_nonpoly.comp_id 
2 'CHLORIDE ION'                  CL  
3 'SODIUM ION'                    NA  
4 'MANGANESE (II) ION'            MN  
5 'CARBON MONOXIDE'               CMO 
6 'trifluoromethanesulfonic acid' TFS 
7 water                           HOH 
# 
loop_
_entity_poly_seq.entity_id 
_entity_poly_seq.num 
_entity_poly_seq.mon_id 
_entity_poly_seq.hetero 
1 1   LYS n 
1 2   VAL n 
1 3   PHE n 
1 4   GLY n 
1 5   ARG n 
1 6   CYS n 
1 7   GLU n 
1 8   LEU n 
1 9   ALA n 
1 10  ALA n 
1 11  ALA n 
1 12  MET n 
1 13  LYS n 
1 14  ARG n 
1 15  HIS n 
1 16  GLY n 
1 17  LEU n 
1 18  ASP n 
1 19  ASN n 
1 20  TYR n 
1 21  ARG n 
1 22  GLY n 
1 23  TYR n 
1 24  SER n 
1 25  LEU n 
1 26  GLY n 
1 27  ASN n 
1 28  TRP n 
1 29  VAL n 
1 30  CYS n 
1 31  ALA n 
1 32  ALA n 
1 33  LYS n 
1 34  PHE n 
1 35  GLU n 
1 36  SER n 
1 37  ASN n 
1 38  PHE n 
1 39  ASN n 
1 40  THR n 
1 41  GLN n 
1 42  ALA n 
1 43  THR n 
1 44  ASN n 
1 45  ARG n 
1 46  ASN n 
1 47  THR n 
1 48  ASP n 
1 49  GLY n 
1 50  SER n 
1 51  THR n 
1 52  ASP n 
1 53  TYR n 
1 54  GLY n 
1 55  ILE n 
1 56  LEU n 
1 57  GLN n 
1 58  ILE n 
1 59  ASN n 
1 60  SER n 
1 61  ARG n 
1 62  TRP n 
1 63  TRP n 
1 64  CYS n 
1 65  ASN n 
1 66  ASP n 
1 67  GLY n 
1 68  ARG n 
1 69  THR n 
1 70  PRO n 
1 71  GLY n 
1 72  SER n 
1 73  ARG n 
1 74  ASN n 
1 75  LEU n 
1 76  CYS n 
1 77  ASN n 
1 78  ILE n 
1 79  PRO n 
1 80  CYS n 
1 81  SER n 
1 82  ALA n 
1 83  LEU n 
1 84  LEU n 
1 85  SER n 
1 86  SER n 
1 87  ASP n 
1 88  ILE n 
1 89  THR n 
1 90  ALA n 
1 91  SER n 
1 92  VAL n 
1 93  ASN n 
1 94  CYS n 
1 95  ALA n 
1 96  LYS n 
1 97  LYS n 
1 98  ILE n 
1 99  VAL n 
1 100 SER n 
1 101 ASP n 
1 102 GLY n 
1 103 ASN n 
1 104 GLY n 
1 105 MET n 
1 106 ASN n 
1 107 ALA n 
1 108 TRP n 
1 109 VAL n 
1 110 ALA n 
1 111 TRP n 
1 112 ARG n 
1 113 ASN n 
1 114 ARG n 
1 115 CYS n 
1 116 LYS n 
1 117 GLY n 
1 118 THR n 
1 119 ASP n 
1 120 VAL n 
1 121 GLN n 
1 122 ALA n 
1 123 TRP n 
1 124 ILE n 
1 125 ARG n 
1 126 GLY n 
1 127 CYS n 
1 128 ARG n 
1 129 LEU n 
# 
_entity_src_nat.entity_id                  1 
_entity_src_nat.pdbx_src_id                1 
_entity_src_nat.pdbx_alt_source_flag       sample 
_entity_src_nat.pdbx_beg_seq_num           ? 
_entity_src_nat.pdbx_end_seq_num           ? 
_entity_src_nat.common_name                chicken 
_entity_src_nat.pdbx_organism_scientific   'Gallus gallus' 
_entity_src_nat.pdbx_ncbi_taxonomy_id      9031 
_entity_src_nat.genus                      Gallus 
_entity_src_nat.species                    ? 
_entity_src_nat.strain                     ? 
_entity_src_nat.tissue                     ? 
_entity_src_nat.tissue_fraction            ? 
_entity_src_nat.pdbx_secretion             ? 
_entity_src_nat.pdbx_fragment              ? 
_entity_src_nat.pdbx_variant               ? 
_entity_src_nat.pdbx_cell_line             ? 
_entity_src_nat.pdbx_atcc                  ? 
_entity_src_nat.pdbx_cellular_location     ? 
_entity_src_nat.pdbx_organ                 ? 
_entity_src_nat.pdbx_organelle             ? 
_entity_src_nat.pdbx_cell                  ? 
_entity_src_nat.pdbx_plasmid_name          ? 
_entity_src_nat.pdbx_plasmid_details       ? 
_entity_src_nat.details                    ? 
# 
loop_
_chem_comp.id 
_chem_comp.type 
_chem_comp.mon_nstd_flag 
_chem_comp.name 
_chem_comp.pdbx_synonyms 
_chem_comp.formula 
_chem_comp.formula_weight 
ALA 'L-peptide linking' y ALANINE                         ? 'C3 H7 N O2'     89.093  
ARG 'L-peptide linking' y ARGININE                        ? 'C6 H15 N4 O2 1' 175.209 
ASN 'L-peptide linking' y ASPARAGINE                      ? 'C4 H8 N2 O3'    132.118 
ASP 'L-peptide linking' y 'ASPARTIC ACID'                 ? 'C4 H7 N O4'     133.103 
CL  non-polymer         . 'CHLORIDE ION'                  ? 'Cl -1'          35.453  
CMO non-polymer         . 'CARBON MONOXIDE'               ? 'C O'            28.010  
CYS 'L-peptide linking' y CYSTEINE                        ? 'C3 H7 N O2 S'   121.158 
GLN 'L-peptide linking' y GLUTAMINE                       ? 'C5 H10 N2 O3'   146.144 
GLU 'L-peptide linking' y 'GLUTAMIC ACID'                 ? 'C5 H9 N O4'     147.129 
GLY 'peptide linking'   y GLYCINE                         ? 'C2 H5 N O2'     75.067  
HIS 'L-peptide linking' y HISTIDINE                       ? 'C6 H10 N3 O2 1' 156.162 
HOH non-polymer         . WATER                           ? 'H2 O'           18.015  
ILE 'L-peptide linking' y ISOLEUCINE                      ? 'C6 H13 N O2'    131.173 
LEU 'L-peptide linking' y LEUCINE                         ? 'C6 H13 N O2'    131.173 
LYS 'L-peptide linking' y LYSINE                          ? 'C6 H15 N2 O2 1' 147.195 
MET 'L-peptide linking' y METHIONINE                      ? 'C5 H11 N O2 S'  149.211 
MN  non-polymer         . 'MANGANESE (II) ION'            ? 'Mn 2'           54.938  
NA  non-polymer         . 'SODIUM ION'                    ? 'Na 1'           22.990  
PHE 'L-peptide linking' y PHENYLALANINE                   ? 'C9 H11 N O2'    165.189 
PRO 'L-peptide linking' y PROLINE                         ? 'C5 H9 N O2'     115.130 
SER 'L-peptide linking' y SERINE                          ? 'C3 H7 N O3'     105.093 
TFS non-polymer         . 'trifluoromethanesulfonic acid' ? 'C H F3 O3 S'    150.077 
THR 'L-peptide linking' y THREONINE                       ? 'C4 H9 N O3'     119.119 
TRP 'L-peptide linking' y TRYPTOPHAN                      ? 'C11 H12 N2 O2'  204.225 
TYR 'L-peptide linking' y TYROSINE                        ? 'C9 H11 N O3'    181.189 
VAL 'L-peptide linking' y VALINE                          ? 'C5 H11 N O2'    117.146 
# 
loop_
_pdbx_poly_seq_scheme.asym_id 
_pdbx_poly_seq_scheme.entity_id 
_pdbx_poly_seq_scheme.seq_id 
_pdbx_poly_seq_scheme.mon_id 
_pdbx_poly_seq_scheme.ndb_seq_num 
_pdbx_poly_seq_scheme.pdb_seq_num 
_pdbx_poly_seq_scheme.auth_seq_num 
_pdbx_poly_seq_scheme.pdb_mon_id 
_pdbx_poly_seq_scheme.auth_mon_id 
_pdbx_poly_seq_scheme.pdb_strand_id 
_pdbx_poly_seq_scheme.pdb_ins_code 
_pdbx_poly_seq_scheme.hetero 
A 1 1   LYS 1   1   1   LYS LYS X . n 
A 1 2   VAL 2   2   2   VAL VAL X . n 
A 1 3   PHE 3   3   3   PHE PHE X . n 
A 1 4   GLY 4   4   4   GLY GLY X . n 
A 1 5   ARG 5   5   5   ARG ARG X . n 
A 1 6   CYS 6   6   6   CYS CYS X . n 
A 1 7   GLU 7   7   7   GLU GLU X . n 
A 1 8   LEU 8   8   8   LEU LEU X . n 
A 1 9   ALA 9   9   9   ALA ALA X . n 
A 1 10  ALA 10  10  10  ALA ALA X . n 
A 1 11  ALA 11  11  11  ALA ALA X . n 
A 1 12  MET 12  12  12  MET MET X . n 
A 1 13  LYS 13  13  13  LYS LYS X . n 
A 1 14  ARG 14  14  14  ARG ARG X . n 
A 1 15  HIS 15  15  15  HIS HIS X . n 
A 1 16  GLY 16  16  16  GLY GLY X . n 
A 1 17  LEU 17  17  17  LEU LEU X . n 
A 1 18  ASP 18  18  18  ASP ASP X . n 
A 1 19  ASN 19  19  19  ASN ASN X . n 
A 1 20  TYR 20  20  20  TYR TYR X . n 
A 1 21  ARG 21  21  21  ARG ARG X . n 
A 1 22  GLY 22  22  22  GLY GLY X . n 
A 1 23  TYR 23  23  23  TYR TYR X . n 
A 1 24  SER 24  24  24  SER SER X . n 
A 1 25  LEU 25  25  25  LEU LEU X . n 
A 1 26  GLY 26  26  26  GLY GLY X . n 
A 1 27  ASN 27  27  27  ASN ASN X . n 
A 1 28  TRP 28  28  28  TRP TRP X . n 
A 1 29  VAL 29  29  29  VAL VAL X . n 
A 1 30  CYS 30  30  30  CYS CYS X . n 
A 1 31  ALA 31  31  31  ALA ALA X . n 
A 1 32  ALA 32  32  32  ALA ALA X . n 
A 1 33  LYS 33  33  33  LYS LYS X . n 
A 1 34  PHE 34  34  34  PHE PHE X . n 
A 1 35  GLU 35  35  35  GLU GLU X . n 
A 1 36  SER 36  36  36  SER SER X . n 
A 1 37  ASN 37  37  37  ASN ASN X . n 
A 1 38  PHE 38  38  38  PHE PHE X . n 
A 1 39  ASN 39  39  39  ASN ASN X . n 
A 1 40  THR 40  40  40  THR THR X . n 
A 1 41  GLN 41  41  41  GLN GLN X . n 
A 1 42  ALA 42  42  42  ALA ALA X . n 
A 1 43  THR 43  43  43  THR THR X . n 
A 1 44  ASN 44  44  44  ASN ASN X . n 
A 1 45  ARG 45  45  45  ARG ARG X . n 
A 1 46  ASN 46  46  46  ASN ASN X . n 
A 1 47  THR 47  47  47  THR THR X . n 
A 1 48  ASP 48  48  48  ASP ASP X . n 
A 1 49  GLY 49  49  49  GLY GLY X . n 
A 1 50  SER 50  50  50  SER SER X . n 
A 1 51  THR 51  51  51  THR THR X . n 
A 1 52  ASP 52  52  52  ASP ASP X . n 
A 1 53  TYR 53  53  53  TYR TYR X . n 
A 1 54  GLY 54  54  54  GLY GLY X . n 
A 1 55  ILE 55  55  55  ILE ILE X . n 
A 1 56  LEU 56  56  56  LEU LEU X . n 
A 1 57  GLN 57  57  57  GLN GLN X . n 
A 1 58  ILE 58  58  58  ILE ILE X . n 
A 1 59  ASN 59  59  59  ASN ASN X . n 
A 1 60  SER 60  60  60  SER SER X . n 
A 1 61  ARG 61  61  61  ARG ARG X . n 
A 1 62  TRP 62  62  62  TRP TRP X . n 
A 1 63  TRP 63  63  63  TRP TRP X . n 
A 1 64  CYS 64  64  64  CYS CYS X . n 
A 1 65  ASN 65  65  65  ASN ASN X . n 
A 1 66  ASP 66  66  66  ASP ASP X . n 
A 1 67  GLY 67  67  67  GLY GLY X . n 
A 1 68  ARG 68  68  68  ARG ARG X . n 
A 1 69  THR 69  69  69  THR THR X . n 
A 1 70  PRO 70  70  70  PRO PRO X . n 
A 1 71  GLY 71  71  71  GLY GLY X . n 
A 1 72  SER 72  72  72  SER SER X . n 
A 1 73  ARG 73  73  73  ARG ARG X . n 
A 1 74  ASN 74  74  74  ASN ASN X . n 
A 1 75  LEU 75  75  75  LEU LEU X . n 
A 1 76  CYS 76  76  76  CYS CYS X . n 
A 1 77  ASN 77  77  77  ASN ASN X . n 
A 1 78  ILE 78  78  78  ILE ILE X . n 
A 1 79  PRO 79  79  79  PRO PRO X . n 
A 1 80  CYS 80  80  80  CYS CYS X . n 
A 1 81  SER 81  81  81  SER SER X . n 
A 1 82  ALA 82  82  82  ALA ALA X . n 
A 1 83  LEU 83  83  83  LEU LEU X . n 
A 1 84  LEU 84  84  84  LEU LEU X . n 
A 1 85  SER 85  85  85  SER SER X . n 
A 1 86  SER 86  86  86  SER SER X . n 
A 1 87  ASP 87  87  87  ASP ASP X . n 
A 1 88  ILE 88  88  88  ILE ILE X . n 
A 1 89  THR 89  89  89  THR THR X . n 
A 1 90  ALA 90  90  90  ALA ALA X . n 
A 1 91  SER 91  91  91  SER SER X . n 
A 1 92  VAL 92  92  92  VAL VAL X . n 
A 1 93  ASN 93  93  93  ASN ASN X . n 
A 1 94  CYS 94  94  94  CYS CYS X . n 
A 1 95  ALA 95  95  95  ALA ALA X . n 
A 1 96  LYS 96  96  96  LYS LYS X . n 
A 1 97  LYS 97  97  97  LYS LYS X . n 
A 1 98  ILE 98  98  98  ILE ILE X . n 
A 1 99  VAL 99  99  99  VAL VAL X . n 
A 1 100 SER 100 100 100 SER SER X . n 
A 1 101 ASP 101 101 101 ASP ASP X . n 
A 1 102 GLY 102 102 102 GLY GLY X . n 
A 1 103 ASN 103 103 103 ASN ASN X . n 
A 1 104 GLY 104 104 104 GLY GLY X . n 
A 1 105 MET 105 105 105 MET MET X . n 
A 1 106 ASN 106 106 106 ASN ASN X . n 
A 1 107 ALA 107 107 107 ALA ALA X . n 
A 1 108 TRP 108 108 108 TRP TRP X . n 
A 1 109 VAL 109 109 109 VAL VAL X . n 
A 1 110 ALA 110 110 110 ALA ALA X . n 
A 1 111 TRP 111 111 111 TRP TRP X . n 
A 1 112 ARG 112 112 112 ARG ARG X . n 
A 1 113 ASN 113 113 113 ASN ASN X . n 
A 1 114 ARG 114 114 114 ARG ARG X . n 
A 1 115 CYS 115 115 115 CYS CYS X . n 
A 1 116 LYS 116 116 116 LYS LYS X . n 
A 1 117 GLY 117 117 117 GLY GLY X . n 
A 1 118 THR 118 118 118 THR THR X . n 
A 1 119 ASP 119 119 119 ASP ASP X . n 
A 1 120 VAL 120 120 120 VAL VAL X . n 
A 1 121 GLN 121 121 121 GLN GLN X . n 
A 1 122 ALA 122 122 122 ALA ALA X . n 
A 1 123 TRP 123 123 123 TRP TRP X . n 
A 1 124 ILE 124 124 124 ILE ILE X . n 
A 1 125 ARG 125 125 125 ARG ARG X . n 
A 1 126 GLY 126 126 126 GLY GLY X . n 
A 1 127 CYS 127 127 127 CYS CYS X . n 
A 1 128 ARG 128 128 128 ARG ARG X . n 
A 1 129 LEU 129 129 129 LEU LEU X . n 
# 
loop_
_pdbx_nonpoly_scheme.asym_id 
_pdbx_nonpoly_scheme.entity_id 
_pdbx_nonpoly_scheme.mon_id 
_pdbx_nonpoly_scheme.ndb_seq_num 
_pdbx_nonpoly_scheme.pdb_seq_num 
_pdbx_nonpoly_scheme.auth_seq_num 
_pdbx_nonpoly_scheme.pdb_mon_id 
_pdbx_nonpoly_scheme.auth_mon_id 
_pdbx_nonpoly_scheme.pdb_strand_id 
_pdbx_nonpoly_scheme.pdb_ins_code 
B 2 CL  1  130 130 CL  CL  X . 
C 3 NA  1  131 131 NA  NA  X . 
D 4 MN  1  133 133 MN  MN  X . 
E 5 CMO 1  132 132 CMO CMO X . 
F 5 CMO 1  134 134 CMO CMO X . 
G 5 CMO 1  135 135 CMO CMO X . 
H 6 TFS 1  136 136 TFS TFS X . 
I 7 HOH 1  137 1   HOH HOH X . 
I 7 HOH 2  138 2   HOH HOH X . 
I 7 HOH 3  139 39  HOH HOH X . 
I 7 HOH 4  140 40  HOH HOH X . 
I 7 HOH 5  141 41  HOH HOH X . 
I 7 HOH 6  142 42  HOH HOH X . 
I 7 HOH 7  143 43  HOH HOH X . 
I 7 HOH 8  144 44  HOH HOH X . 
I 7 HOH 9  145 45  HOH HOH X . 
I 7 HOH 10 146 46  HOH HOH X . 
I 7 HOH 11 147 47  HOH HOH X . 
I 7 HOH 12 148 48  HOH HOH X . 
I 7 HOH 13 149 50  HOH HOH X . 
I 7 HOH 14 150 51  HOH HOH X . 
I 7 HOH 15 151 53  HOH HOH X . 
I 7 HOH 16 152 54  HOH HOH X . 
I 7 HOH 17 153 55  HOH HOH X . 
I 7 HOH 18 154 56  HOH HOH X . 
I 7 HOH 19 155 57  HOH HOH X . 
I 7 HOH 20 156 58  HOH HOH X . 
I 7 HOH 21 157 59  HOH HOH X . 
I 7 HOH 22 158 60  HOH HOH X . 
I 7 HOH 23 159 61  HOH HOH X . 
I 7 HOH 24 160 62  HOH HOH X . 
I 7 HOH 25 161 63  HOH HOH X . 
I 7 HOH 26 162 64  HOH HOH X . 
I 7 HOH 27 163 65  HOH HOH X . 
I 7 HOH 28 164 66  HOH HOH X . 
I 7 HOH 29 165 67  HOH HOH X . 
I 7 HOH 30 166 68  HOH HOH X . 
I 7 HOH 31 167 69  HOH HOH X . 
I 7 HOH 32 168 70  HOH HOH X . 
I 7 HOH 33 169 71  HOH HOH X . 
I 7 HOH 34 170 72  HOH HOH X . 
I 7 HOH 35 171 73  HOH HOH X . 
I 7 HOH 36 172 74  HOH HOH X . 
I 7 HOH 37 173 75  HOH HOH X . 
I 7 HOH 38 174 76  HOH HOH X . 
I 7 HOH 39 175 77  HOH HOH X . 
I 7 HOH 40 176 78  HOH HOH X . 
I 7 HOH 41 177 79  HOH HOH X . 
I 7 HOH 42 178 80  HOH HOH X . 
I 7 HOH 43 179 81  HOH HOH X . 
I 7 HOH 44 180 82  HOH HOH X . 
I 7 HOH 45 181 83  HOH HOH X . 
I 7 HOH 46 182 84  HOH HOH X . 
I 7 HOH 47 183 85  HOH HOH X . 
I 7 HOH 48 184 86  HOH HOH X . 
I 7 HOH 49 185 87  HOH HOH X . 
I 7 HOH 50 186 88  HOH HOH X . 
I 7 HOH 51 187 89  HOH HOH X . 
I 7 HOH 52 188 90  HOH HOH X . 
I 7 HOH 53 189 91  HOH HOH X . 
I 7 HOH 54 190 92  HOH HOH X . 
I 7 HOH 55 191 93  HOH HOH X . 
I 7 HOH 56 192 94  HOH HOH X . 
I 7 HOH 57 193 95  HOH HOH X . 
I 7 HOH 58 194 96  HOH HOH X . 
I 7 HOH 59 195 97  HOH HOH X . 
I 7 HOH 60 196 98  HOH HOH X . 
I 7 HOH 61 197 99  HOH HOH X . 
I 7 HOH 62 198 100 HOH HOH X . 
I 7 HOH 63 199 101 HOH HOH X . 
I 7 HOH 64 200 102 HOH HOH X . 
I 7 HOH 65 201 103 HOH HOH X . 
I 7 HOH 66 202 104 HOH HOH X . 
I 7 HOH 67 203 105 HOH HOH X . 
I 7 HOH 68 204 106 HOH HOH X . 
I 7 HOH 69 205 107 HOH HOH X . 
I 7 HOH 70 206 108 HOH HOH X . 
I 7 HOH 71 207 109 HOH HOH X . 
I 7 HOH 72 208 110 HOH HOH X . 
I 7 HOH 73 209 111 HOH HOH X . 
I 7 HOH 74 210 112 HOH HOH X . 
I 7 HOH 75 211 113 HOH HOH X . 
I 7 HOH 76 212 114 HOH HOH X . 
I 7 HOH 77 213 115 HOH HOH X . 
I 7 HOH 78 214 116 HOH HOH X . 
I 7 HOH 79 215 117 HOH HOH X . 
I 7 HOH 80 216 118 HOH HOH X . 
I 7 HOH 81 217 120 HOH HOH X . 
I 7 HOH 82 218 121 HOH HOH X . 
I 7 HOH 83 219 124 HOH HOH X . 
I 7 HOH 84 220 125 HOH HOH X . 
I 7 HOH 85 221 126 HOH HOH X . 
I 7 HOH 86 222 127 HOH HOH X . 
# 
loop_
_pdbx_unobs_or_zero_occ_atoms.id 
_pdbx_unobs_or_zero_occ_atoms.PDB_model_num 
_pdbx_unobs_or_zero_occ_atoms.polymer_flag 
_pdbx_unobs_or_zero_occ_atoms.occupancy_flag 
_pdbx_unobs_or_zero_occ_atoms.auth_asym_id 
_pdbx_unobs_or_zero_occ_atoms.auth_comp_id 
_pdbx_unobs_or_zero_occ_atoms.auth_seq_id 
_pdbx_unobs_or_zero_occ_atoms.PDB_ins_code 
_pdbx_unobs_or_zero_occ_atoms.auth_atom_id 
_pdbx_unobs_or_zero_occ_atoms.label_alt_id 
_pdbx_unobs_or_zero_occ_atoms.label_asym_id 
_pdbx_unobs_or_zero_occ_atoms.label_comp_id 
_pdbx_unobs_or_zero_occ_atoms.label_seq_id 
_pdbx_unobs_or_zero_occ_atoms.label_atom_id 
1 1 Y 0 X LYS 13 ? NZ ? A LYS 13 NZ 
2 1 Y 0 X ARG 21 ? NE ? A ARG 21 NE 
# 
loop_
_software.name 
_software.classification 
_software.version 
_software.citation_id 
_software.pdbx_ordinal 
REFMAC       refinement        5.2.0005 ? 1 
CrystalClear 'data collection' .        ? 2 
XDS          'data reduction'  .        ? 3 
XDS          'data scaling'    .        ? 4 
XSCALE       'data scaling'    .        ? 5 
# 
_cell.entry_id           2Q0M 
_cell.length_a           79.542 
_cell.length_b           79.542 
_cell.length_c           36.392 
_cell.angle_alpha        90.00 
_cell.angle_beta         90.00 
_cell.angle_gamma        90.00 
_cell.Z_PDB              8 
_cell.pdbx_unique_axis   ? 
_cell.length_a_esd       ? 
_cell.length_b_esd       ? 
_cell.length_c_esd       ? 
_cell.angle_alpha_esd    ? 
_cell.angle_beta_esd     ? 
_cell.angle_gamma_esd    ? 
# 
_symmetry.entry_id                         2Q0M 
_symmetry.space_group_name_H-M             'P 43 21 2' 
_symmetry.pdbx_full_space_group_name_H-M   ? 
_symmetry.cell_setting                     ? 
_symmetry.Int_Tables_number                96 
_symmetry.space_group_name_Hall            ? 
# 
_exptl.entry_id          2Q0M 
_exptl.method            'X-RAY DIFFRACTION' 
_exptl.crystals_number   1 
# 
_exptl_crystal.id                    1 
_exptl_crystal.density_meas          ? 
_exptl_crystal.density_Matthews      2.01 
_exptl_crystal.density_percent_sol   38.75 
_exptl_crystal.description           ? 
_exptl_crystal.F_000                 ? 
_exptl_crystal.preparation           ? 
# 
_exptl_crystal_grow.crystal_id      1 
_exptl_crystal_grow.method          'VAPOR DIFFUSION, HANGING DROP' 
_exptl_crystal_grow.temp            293 
_exptl_crystal_grow.temp_details    ? 
_exptl_crystal_grow.pH              4.4 
_exptl_crystal_grow.pdbx_details    '0.9 M NaCl, 50 mM sodium acetate, pH 4.4, VAPOR DIFFUSION, HANGING DROP, temperature 293K' 
_exptl_crystal_grow.pdbx_pH_range   . 
# 
_diffrn.id                     1 
_diffrn.ambient_temp           ? 
_diffrn.ambient_temp_details   ? 
_diffrn.crystal_id             1 
# 
_diffrn_detector.diffrn_id              1 
_diffrn_detector.detector               CCD 
_diffrn_detector.type                   ? 
_diffrn_detector.pdbx_collection_date   2006-04-15 
_diffrn_detector.details                ? 
# 
_diffrn_radiation.diffrn_id                        1 
_diffrn_radiation.wavelength_id                    1 
_diffrn_radiation.pdbx_monochromatic_or_laue_m_l   M 
_diffrn_radiation.monochromator                    ? 
_diffrn_radiation.pdbx_diffrn_protocol             'SINGLE WAVELENGTH' 
_diffrn_radiation.pdbx_scattering_type             x-ray 
# 
_diffrn_radiation_wavelength.id           1 
_diffrn_radiation_wavelength.wavelength   0.979731 
_diffrn_radiation_wavelength.wt           1.0 
# 
_diffrn_source.diffrn_id                   1 
_diffrn_source.source                      SYNCHROTRON 
_diffrn_source.type                        'ESRF BEAMLINE BM30A' 
_diffrn_source.pdbx_synchrotron_site       ESRF 
_diffrn_source.pdbx_synchrotron_beamline   BM30A 
_diffrn_source.pdbx_wavelength             ? 
_diffrn_source.pdbx_wavelength_list        0.979731 
# 
_reflns.entry_id                     2Q0M 
_reflns.observed_criterion_sigma_I   ? 
_reflns.observed_criterion_sigma_F   ? 
_reflns.d_resolution_low             50 
_reflns.d_resolution_high            1.7 
_reflns.number_obs                   11852 
_reflns.number_all                   11852 
_reflns.percent_possible_obs         89.1 
_reflns.pdbx_Rmerge_I_obs            ? 
_reflns.pdbx_Rsym_value              0.035 
_reflns.pdbx_netI_over_sigmaI        20.61 
_reflns.B_iso_Wilson_estimate        ? 
_reflns.pdbx_redundancy              3.75 
_reflns.R_free_details               ? 
_reflns.limit_h_max                  ? 
_reflns.limit_h_min                  ? 
_reflns.limit_k_max                  ? 
_reflns.limit_k_min                  ? 
_reflns.limit_l_max                  ? 
_reflns.limit_l_min                  ? 
_reflns.observed_criterion_F_max     ? 
_reflns.observed_criterion_F_min     ? 
_reflns.pdbx_chi_squared             ? 
_reflns.pdbx_scaling_rejects         ? 
_reflns.pdbx_diffrn_id               1 
_reflns.pdbx_ordinal                 1 
# 
_refine.entry_id                                 2Q0M 
_refine.ls_number_reflns_obs                     10683 
_refine.ls_number_reflns_all                     ? 
_refine.pdbx_ls_sigma_I                          ? 
_refine.pdbx_ls_sigma_F                          ? 
_refine.pdbx_data_cutoff_high_absF               ? 
_refine.pdbx_data_cutoff_low_absF                ? 
_refine.pdbx_data_cutoff_high_rms_absF           ? 
_refine.ls_d_res_low                             15.00 
_refine.ls_d_res_high                            1.70 
_refine.ls_percent_reflns_obs                    89.43 
_refine.ls_R_factor_obs                          .20987 
_refine.ls_R_factor_all                          ? 
_refine.ls_R_factor_R_work                       .20568 
_refine.ls_R_factor_R_free                       .24945 
_refine.ls_R_factor_R_free_error                 ? 
_refine.ls_R_factor_R_free_error_details         ? 
_refine.ls_percent_reflns_R_free                 9.8 
_refine.ls_number_reflns_R_free                  1160 
_refine.ls_number_parameters                     ? 
_refine.ls_number_restraints                     ? 
_refine.occupancy_min                            ? 
_refine.occupancy_max                            ? 
_refine.correlation_coeff_Fo_to_Fc               .951 
_refine.correlation_coeff_Fo_to_Fc_free          .927 
_refine.B_iso_mean                               23.808 
_refine.aniso_B[1][1]                            -.48 
_refine.aniso_B[2][2]                            -.48 
_refine.aniso_B[3][3]                            .96 
_refine.aniso_B[1][2]                            .00 
_refine.aniso_B[1][3]                            .00 
_refine.aniso_B[2][3]                            .00 
_refine.solvent_model_details                    'BABINET MODEL WITH MASK' 
_refine.solvent_model_param_ksol                 ? 
_refine.solvent_model_param_bsol                 ? 
_refine.pdbx_solvent_vdw_probe_radii             1.20 
_refine.pdbx_solvent_ion_probe_radii             .80 
_refine.pdbx_solvent_shrinkage_radii             .80 
_refine.pdbx_ls_cross_valid_method               THROUGHOUT 
_refine.details                                  ? 
_refine.pdbx_starting_model                      ? 
_refine.pdbx_method_to_determine_struct          'MOLECULAR REPLACEMENT' 
_refine.pdbx_isotropic_thermal_model             ? 
_refine.pdbx_stereochemistry_target_values       'MAXIMUM LIKELIHOOD' 
_refine.pdbx_stereochem_target_val_spec_case     ? 
_refine.pdbx_R_Free_selection_details            RANDOM 
_refine.pdbx_overall_ESU_R                       .158 
_refine.pdbx_overall_ESU_R_Free                  .147 
_refine.overall_SU_ML                            .094 
_refine.overall_SU_B                             2.872 
_refine.ls_redundancy_reflns_obs                 ? 
_refine.B_iso_min                                ? 
_refine.B_iso_max                                ? 
_refine.overall_SU_R_Cruickshank_DPI             ? 
_refine.overall_SU_R_free                        ? 
_refine.ls_wR_factor_R_free                      ? 
_refine.ls_wR_factor_R_work                      ? 
_refine.overall_FOM_free_R_set                   ? 
_refine.overall_FOM_work_R_set                   ? 
_refine.pdbx_overall_phase_error                 ? 
_refine.pdbx_refine_id                           'X-RAY DIFFRACTION' 
_refine.pdbx_diffrn_id                           1 
_refine.pdbx_TLS_residual_ADP_flag               ? 
_refine.pdbx_overall_SU_R_free_Cruickshank_DPI   ? 
_refine.pdbx_overall_SU_R_Blow_DPI               ? 
_refine.pdbx_overall_SU_R_free_Blow_DPI          ? 
# 
_refine_hist.pdbx_refine_id                   'X-RAY DIFFRACTION' 
_refine_hist.cycle_id                         LAST 
_refine_hist.pdbx_number_atoms_protein        1006 
_refine_hist.pdbx_number_atoms_nucleic_acid   0 
_refine_hist.pdbx_number_atoms_ligand         17 
_refine_hist.number_atoms_solvent             86 
_refine_hist.number_atoms_total               1109 
_refine_hist.d_res_high                       1.70 
_refine_hist.d_res_low                        15.00 
# 
loop_
_refine_ls_restr.type 
_refine_ls_restr.dev_ideal 
_refine_ls_restr.dev_ideal_target 
_refine_ls_restr.weight 
_refine_ls_restr.number 
_refine_ls_restr.pdbx_refine_id 
_refine_ls_restr.pdbx_restraint_function 
r_bond_refined_d             .006   .021   ? 1037 'X-RAY DIFFRACTION' ? 
r_bond_other_d               ?      ?      ? ?    'X-RAY DIFFRACTION' ? 
r_angle_refined_deg          1.006  1.913  ? 1402 'X-RAY DIFFRACTION' ? 
r_angle_other_deg            ?      ?      ? ?    'X-RAY DIFFRACTION' ? 
r_dihedral_angle_1_deg       5.276  5.000  ? 128  'X-RAY DIFFRACTION' ? 
r_dihedral_angle_2_deg       35.753 23.265 ? 49   'X-RAY DIFFRACTION' ? 
r_dihedral_angle_3_deg       11.996 15.000 ? 168  'X-RAY DIFFRACTION' ? 
r_dihedral_angle_4_deg       20.738 15.000 ? 10   'X-RAY DIFFRACTION' ? 
r_chiral_restr               .070   .200   ? 147  'X-RAY DIFFRACTION' ? 
r_gen_planes_refined         .003   .020   ? 793  'X-RAY DIFFRACTION' ? 
r_gen_planes_other           ?      ?      ? ?    'X-RAY DIFFRACTION' ? 
r_nbd_refined                .278   .300   ? 551  'X-RAY DIFFRACTION' ? 
r_nbd_other                  ?      ?      ? ?    'X-RAY DIFFRACTION' ? 
r_nbtor_refined              .309   .500   ? 721  'X-RAY DIFFRACTION' ? 
r_nbtor_other                ?      ?      ? ?    'X-RAY DIFFRACTION' ? 
r_xyhbond_nbd_refined        .283   .500   ? 116  'X-RAY DIFFRACTION' ? 
r_xyhbond_nbd_other          ?      ?      ? ?    'X-RAY DIFFRACTION' ? 
r_metal_ion_refined          .079   .500   ? 2    'X-RAY DIFFRACTION' ? 
r_metal_ion_other            ?      ?      ? ?    'X-RAY DIFFRACTION' ? 
r_symmetry_vdw_refined       .317   .300   ? 36   'X-RAY DIFFRACTION' ? 
r_symmetry_vdw_other         ?      ?      ? ?    'X-RAY DIFFRACTION' ? 
r_symmetry_hbond_refined     .254   .500   ? 15   'X-RAY DIFFRACTION' ? 
r_symmetry_hbond_other       ?      ?      ? ?    'X-RAY DIFFRACTION' ? 
r_symmetry_metal_ion_refined ?      ?      ? ?    'X-RAY DIFFRACTION' ? 
r_symmetry_metal_ion_other   ?      ?      ? ?    'X-RAY DIFFRACTION' ? 
r_mcbond_it                  .731   2.000  ? 639  'X-RAY DIFFRACTION' ? 
r_mcbond_other               ?      ?      ? ?    'X-RAY DIFFRACTION' ? 
r_mcangle_it                 1.314  3.000  ? 1011 'X-RAY DIFFRACTION' ? 
r_scbond_it                  1.254  3.000  ? 398  'X-RAY DIFFRACTION' ? 
r_scangle_it                 1.897  4.000  ? 391  'X-RAY DIFFRACTION' ? 
r_rigid_bond_restr           ?      ?      ? ?    'X-RAY DIFFRACTION' ? 
r_sphericity_free            ?      ?      ? ?    'X-RAY DIFFRACTION' ? 
r_sphericity_bonded          ?      ?      ? ?    'X-RAY DIFFRACTION' ? 
# 
_refine_ls_shell.pdbx_total_number_of_bins_used   15 
_refine_ls_shell.d_res_high                       1.70 
_refine_ls_shell.d_res_low                        1.763 
_refine_ls_shell.number_reflns_R_work             938 
_refine_ls_shell.R_factor_R_work                  .264 
_refine_ls_shell.percent_reflns_obs               81.53 
_refine_ls_shell.R_factor_R_free                  .340 
_refine_ls_shell.R_factor_R_free_error            ? 
_refine_ls_shell.percent_reflns_R_free            ? 
_refine_ls_shell.number_reflns_R_free             99 
_refine_ls_shell.number_reflns_all                ? 
_refine_ls_shell.R_factor_all                     ? 
_refine_ls_shell.redundancy_reflns_obs            ? 
_refine_ls_shell.number_reflns_obs                ? 
_refine_ls_shell.pdbx_refine_id                   'X-RAY DIFFRACTION' 
# 
_struct.entry_id                  2Q0M 
_struct.title                     'Tricarbonylmanganese(I)-lysozyme complex : a structurally characterized organometallic protein' 
_struct.pdbx_model_details        ? 
_struct.pdbx_CASP_flag            ? 
_struct.pdbx_model_type_details   ? 
# 
_struct_keywords.entry_id        2Q0M 
_struct_keywords.pdbx_keywords   HYDROLASE 
_struct_keywords.text            'Organometallic protein, tricarbonyl manganese(I), HYDROLASE' 
# 
loop_
_struct_asym.id 
_struct_asym.pdbx_blank_PDB_chainid_flag 
_struct_asym.pdbx_modified 
_struct_asym.entity_id 
_struct_asym.details 
A N N 1 ? 
B N N 2 ? 
C N N 3 ? 
D N N 4 ? 
E N N 5 ? 
F N N 5 ? 
G N N 5 ? 
H N N 6 ? 
I N N 7 ? 
# 
_struct_ref.id                         1 
_struct_ref.db_name                    UNP 
_struct_ref.db_code                    LYSC_CHICK 
_struct_ref.pdbx_db_accession          P00698 
_struct_ref.entity_id                  1 
_struct_ref.pdbx_seq_one_letter_code   
;KVFGRCELAAAMKRHGLDNYRGYSLGNWVCAAKFESNFNTQATNRNTDGSTDYGILQINSRWWCNDGRTPGSRNLCNIPC
SALLSSDITASVNCAKKIVSDGNGMNAWVAWRNRCKGTDVQAWIRGCRL
;
_struct_ref.pdbx_align_begin           19 
_struct_ref.pdbx_db_isoform            ? 
# 
_struct_ref_seq.align_id                      1 
_struct_ref_seq.ref_id                        1 
_struct_ref_seq.pdbx_PDB_id_code              2Q0M 
_struct_ref_seq.pdbx_strand_id                X 
_struct_ref_seq.seq_align_beg                 1 
_struct_ref_seq.pdbx_seq_align_beg_ins_code   ? 
_struct_ref_seq.seq_align_end                 129 
_struct_ref_seq.pdbx_seq_align_end_ins_code   ? 
_struct_ref_seq.pdbx_db_accession             P00698 
_struct_ref_seq.db_align_beg                  19 
_struct_ref_seq.pdbx_db_align_beg_ins_code    ? 
_struct_ref_seq.db_align_end                  147 
_struct_ref_seq.pdbx_db_align_end_ins_code    ? 
_struct_ref_seq.pdbx_auth_seq_align_beg       1 
_struct_ref_seq.pdbx_auth_seq_align_end       129 
# 
_pdbx_struct_assembly.id                   1 
_pdbx_struct_assembly.details              author_defined_assembly 
_pdbx_struct_assembly.method_details       ? 
_pdbx_struct_assembly.oligomeric_details   monomeric 
_pdbx_struct_assembly.oligomeric_count     1 
# 
_pdbx_struct_assembly_gen.assembly_id       1 
_pdbx_struct_assembly_gen.oper_expression   1 
_pdbx_struct_assembly_gen.asym_id_list      A,B,C,D,E,F,G,H,I 
# 
_pdbx_struct_oper_list.id                   1 
_pdbx_struct_oper_list.type                 'identity operation' 
_pdbx_struct_oper_list.name                 1_555 
_pdbx_struct_oper_list.symmetry_operation   x,y,z 
_pdbx_struct_oper_list.matrix[1][1]         1.0000000000 
_pdbx_struct_oper_list.matrix[1][2]         0.0000000000 
_pdbx_struct_oper_list.matrix[1][3]         0.0000000000 
_pdbx_struct_oper_list.vector[1]            0.0000000000 
_pdbx_struct_oper_list.matrix[2][1]         0.0000000000 
_pdbx_struct_oper_list.matrix[2][2]         1.0000000000 
_pdbx_struct_oper_list.matrix[2][3]         0.0000000000 
_pdbx_struct_oper_list.vector[2]            0.0000000000 
_pdbx_struct_oper_list.matrix[3][1]         0.0000000000 
_pdbx_struct_oper_list.matrix[3][2]         0.0000000000 
_pdbx_struct_oper_list.matrix[3][3]         1.0000000000 
_pdbx_struct_oper_list.vector[3]            0.0000000000 
# 
_struct_biol.id        1 
_struct_biol.details   ? 
# 
loop_
_struct_conf.conf_type_id 
_struct_conf.id 
_struct_conf.pdbx_PDB_helix_id 
_struct_conf.beg_label_comp_id 
_struct_conf.beg_label_asym_id 
_struct_conf.beg_label_seq_id 
_struct_conf.pdbx_beg_PDB_ins_code 
_struct_conf.end_label_comp_id 
_struct_conf.end_label_asym_id 
_struct_conf.end_label_seq_id 
_struct_conf.pdbx_end_PDB_ins_code 
_struct_conf.beg_auth_comp_id 
_struct_conf.beg_auth_asym_id 
_struct_conf.beg_auth_seq_id 
_struct_conf.end_auth_comp_id 
_struct_conf.end_auth_asym_id 
_struct_conf.end_auth_seq_id 
_struct_conf.pdbx_PDB_helix_class 
_struct_conf.details 
_struct_conf.pdbx_PDB_helix_length 
HELX_P HELX_P1 1 GLY A 4   ? HIS A 15  ? GLY X 4   HIS X 15  1 ? 12 
HELX_P HELX_P2 2 ASN A 19  ? TYR A 23  ? ASN X 19  TYR X 23  5 ? 5  
HELX_P HELX_P3 3 SER A 24  ? ASN A 37  ? SER X 24  ASN X 37  1 ? 14 
HELX_P HELX_P4 4 PRO A 79  ? SER A 85  ? PRO X 79  SER X 85  5 ? 7  
HELX_P HELX_P5 5 ILE A 88  ? SER A 100 ? ILE X 88  SER X 100 1 ? 13 
HELX_P HELX_P6 6 ASN A 103 ? ALA A 107 ? ASN X 103 ALA X 107 5 ? 5  
HELX_P HELX_P7 7 TRP A 108 ? CYS A 115 ? TRP X 108 CYS X 115 1 ? 8  
HELX_P HELX_P8 8 ASP A 119 ? ILE A 124 ? ASP X 119 ILE X 124 5 ? 6  
# 
_struct_conf_type.id          HELX_P 
_struct_conf_type.criteria    ? 
_struct_conf_type.reference   ? 
# 
loop_
_struct_conn.id 
_struct_conn.conn_type_id 
_struct_conn.pdbx_leaving_atom_flag 
_struct_conn.pdbx_PDB_id 
_struct_conn.ptnr1_label_asym_id 
_struct_conn.ptnr1_label_comp_id 
_struct_conn.ptnr1_label_seq_id 
_struct_conn.ptnr1_label_atom_id 
_struct_conn.pdbx_ptnr1_label_alt_id 
_struct_conn.pdbx_ptnr1_PDB_ins_code 
_struct_conn.pdbx_ptnr1_standard_comp_id 
_struct_conn.ptnr1_symmetry 
_struct_conn.ptnr2_label_asym_id 
_struct_conn.ptnr2_label_comp_id 
_struct_conn.ptnr2_label_seq_id 
_struct_conn.ptnr2_label_atom_id 
_struct_conn.pdbx_ptnr2_label_alt_id 
_struct_conn.pdbx_ptnr2_PDB_ins_code 
_struct_conn.ptnr1_auth_asym_id 
_struct_conn.ptnr1_auth_comp_id 
_struct_conn.ptnr1_auth_seq_id 
_struct_conn.ptnr2_auth_asym_id 
_struct_conn.ptnr2_auth_comp_id 
_struct_conn.ptnr2_auth_seq_id 
_struct_conn.ptnr2_symmetry 
_struct_conn.pdbx_ptnr3_label_atom_id 
_struct_conn.pdbx_ptnr3_label_seq_id 
_struct_conn.pdbx_ptnr3_label_comp_id 
_struct_conn.pdbx_ptnr3_label_asym_id 
_struct_conn.pdbx_ptnr3_label_alt_id 
_struct_conn.pdbx_ptnr3_PDB_ins_code 
_struct_conn.details 
_struct_conn.pdbx_dist_value 
_struct_conn.pdbx_value_order 
_struct_conn.pdbx_role 
disulf1  disulf ? ? A CYS 6  SG ? ? ? 1_555 A CYS 127 SG ? ? X CYS 6   X CYS 127 1_555 ? ? ? ? ? ? ? 2.018 ? ? 
disulf2  disulf ? ? A CYS 30 SG ? ? ? 1_555 A CYS 115 SG ? ? X CYS 30  X CYS 115 1_555 ? ? ? ? ? ? ? 2.035 ? ? 
disulf3  disulf ? ? A CYS 64 SG ? ? ? 1_555 A CYS 80  SG ? ? X CYS 64  X CYS 80  1_555 ? ? ? ? ? ? ? 2.039 ? ? 
disulf4  disulf ? ? A CYS 76 SG ? ? ? 1_555 A CYS 94  SG ? ? X CYS 76  X CYS 94  1_555 ? ? ? ? ? ? ? 2.047 ? ? 
metalc1  metalc ? ? A SER 60 O  ? ? ? 1_555 C NA  .   NA ? ? X SER 60  X NA  131 1_555 ? ? ? ? ? ? ? 2.390 ? ? 
metalc2  metalc ? ? A CYS 64 O  ? ? ? 1_555 C NA  .   NA ? ? X CYS 64  X NA  131 1_555 ? ? ? ? ? ? ? 2.579 ? ? 
metalc3  metalc ? ? A SER 72 OG ? ? ? 1_555 C NA  .   NA ? ? X SER 72  X NA  131 1_555 ? ? ? ? ? ? ? 2.501 ? ? 
metalc4  metalc ? ? A ARG 73 O  ? ? ? 1_555 C NA  .   NA ? ? X ARG 73  X NA  131 1_555 ? ? ? ? ? ? ? 2.422 ? ? 
metalc5  metalc ? ? C NA  .  NA ? ? ? 1_555 I HOH .   O  ? ? X NA  131 X HOH 148 1_555 ? ? ? ? ? ? ? 2.580 ? ? 
metalc6  metalc ? ? C NA  .  NA ? ? ? 1_555 I HOH .   O  ? ? X NA  131 X HOH 211 1_555 ? ? ? ? ? ? ? 2.300 ? ? 
metalc7  metalc ? ? E CMO .  C  ? ? ? 1_555 D MN  .   MN ? ? X CMO 132 X MN  133 1_555 ? ? ? ? ? ? ? 1.892 ? ? 
metalc8  metalc ? ? D MN  .  MN ? ? ? 1_555 F CMO .   C  ? ? X MN  133 X CMO 134 1_555 ? ? ? ? ? ? ? 1.890 ? ? 
metalc9  metalc ? ? D MN  .  MN ? ? ? 1_555 G CMO .   C  ? ? X MN  133 X CMO 135 1_555 ? ? ? ? ? ? ? 1.894 ? ? 
metalc10 metalc ? ? D MN  .  MN ? ? ? 1_555 I HOH .   O  ? ? X MN  133 X HOH 137 1_555 ? ? ? ? ? ? ? 2.265 ? ? 
# 
loop_
_struct_conn_type.id 
_struct_conn_type.criteria 
_struct_conn_type.reference 
disulf ? ? 
metalc ? ? 
# 
loop_
_pdbx_struct_conn_angle.id 
_pdbx_struct_conn_angle.ptnr1_label_atom_id 
_pdbx_struct_conn_angle.ptnr1_label_alt_id 
_pdbx_struct_conn_angle.ptnr1_label_asym_id 
_pdbx_struct_conn_angle.ptnr1_label_comp_id 
_pdbx_struct_conn_angle.ptnr1_label_seq_id 
_pdbx_struct_conn_angle.ptnr1_auth_atom_id 
_pdbx_struct_conn_angle.ptnr1_auth_asym_id 
_pdbx_struct_conn_angle.ptnr1_auth_comp_id 
_pdbx_struct_conn_angle.ptnr1_auth_seq_id 
_pdbx_struct_conn_angle.ptnr1_PDB_ins_code 
_pdbx_struct_conn_angle.ptnr1_symmetry 
_pdbx_struct_conn_angle.ptnr2_label_atom_id 
_pdbx_struct_conn_angle.ptnr2_label_alt_id 
_pdbx_struct_conn_angle.ptnr2_label_asym_id 
_pdbx_struct_conn_angle.ptnr2_label_comp_id 
_pdbx_struct_conn_angle.ptnr2_label_seq_id 
_pdbx_struct_conn_angle.ptnr2_auth_atom_id 
_pdbx_struct_conn_angle.ptnr2_auth_asym_id 
_pdbx_struct_conn_angle.ptnr2_auth_comp_id 
_pdbx_struct_conn_angle.ptnr2_auth_seq_id 
_pdbx_struct_conn_angle.ptnr2_PDB_ins_code 
_pdbx_struct_conn_angle.ptnr2_symmetry 
_pdbx_struct_conn_angle.ptnr3_label_atom_id 
_pdbx_struct_conn_angle.ptnr3_label_alt_id 
_pdbx_struct_conn_angle.ptnr3_label_asym_id 
_pdbx_struct_conn_angle.ptnr3_label_comp_id 
_pdbx_struct_conn_angle.ptnr3_label_seq_id 
_pdbx_struct_conn_angle.ptnr3_auth_atom_id 
_pdbx_struct_conn_angle.ptnr3_auth_asym_id 
_pdbx_struct_conn_angle.ptnr3_auth_comp_id 
_pdbx_struct_conn_angle.ptnr3_auth_seq_id 
_pdbx_struct_conn_angle.ptnr3_PDB_ins_code 
_pdbx_struct_conn_angle.ptnr3_symmetry 
_pdbx_struct_conn_angle.value 
_pdbx_struct_conn_angle.value_esd 
1  O  ? A SER 60 ? X SER 60  ? 1_555 NA ? C NA . ? X NA 131 ? 1_555 O  ? A CYS 64 ? X CYS 64  ? 1_555 84.8  ? 
2  O  ? A SER 60 ? X SER 60  ? 1_555 NA ? C NA . ? X NA 131 ? 1_555 OG ? A SER 72 ? X SER 72  ? 1_555 88.9  ? 
3  O  ? A CYS 64 ? X CYS 64  ? 1_555 NA ? C NA . ? X NA 131 ? 1_555 OG ? A SER 72 ? X SER 72  ? 1_555 161.5 ? 
4  O  ? A SER 60 ? X SER 60  ? 1_555 NA ? C NA . ? X NA 131 ? 1_555 O  ? A ARG 73 ? X ARG 73  ? 1_555 95.3  ? 
5  O  ? A CYS 64 ? X CYS 64  ? 1_555 NA ? C NA . ? X NA 131 ? 1_555 O  ? A ARG 73 ? X ARG 73  ? 1_555 92.0  ? 
6  OG ? A SER 72 ? X SER 72  ? 1_555 NA ? C NA . ? X NA 131 ? 1_555 O  ? A ARG 73 ? X ARG 73  ? 1_555 106.0 ? 
7  O  ? A SER 60 ? X SER 60  ? 1_555 NA ? C NA . ? X NA 131 ? 1_555 O  ? I HOH .  ? X HOH 148 ? 1_555 98.3  ? 
8  O  ? A CYS 64 ? X CYS 64  ? 1_555 NA ? C NA . ? X NA 131 ? 1_555 O  ? I HOH .  ? X HOH 148 ? 1_555 83.6  ? 
9  OG ? A SER 72 ? X SER 72  ? 1_555 NA ? C NA . ? X NA 131 ? 1_555 O  ? I HOH .  ? X HOH 148 ? 1_555 80.0  ? 
10 O  ? A ARG 73 ? X ARG 73  ? 1_555 NA ? C NA . ? X NA 131 ? 1_555 O  ? I HOH .  ? X HOH 148 ? 1_555 165.3 ? 
11 O  ? A SER 60 ? X SER 60  ? 1_555 NA ? C NA . ? X NA 131 ? 1_555 O  ? I HOH .  ? X HOH 211 ? 1_555 170.7 ? 
12 O  ? A CYS 64 ? X CYS 64  ? 1_555 NA ? C NA . ? X NA 131 ? 1_555 O  ? I HOH .  ? X HOH 211 ? 1_555 103.8 ? 
13 OG ? A SER 72 ? X SER 72  ? 1_555 NA ? C NA . ? X NA 131 ? 1_555 O  ? I HOH .  ? X HOH 211 ? 1_555 81.9  ? 
14 O  ? A ARG 73 ? X ARG 73  ? 1_555 NA ? C NA . ? X NA 131 ? 1_555 O  ? I HOH .  ? X HOH 211 ? 1_555 87.7  ? 
15 O  ? I HOH .  ? X HOH 148 ? 1_555 NA ? C NA . ? X NA 131 ? 1_555 O  ? I HOH .  ? X HOH 211 ? 1_555 79.8  ? 
16 C  ? E CMO .  ? X CMO 132 ? 1_555 MN ? D MN . ? X MN 133 ? 1_555 C  ? F CMO .  ? X CMO 134 ? 1_555 88.2  ? 
17 C  ? E CMO .  ? X CMO 132 ? 1_555 MN ? D MN . ? X MN 133 ? 1_555 C  ? G CMO .  ? X CMO 135 ? 1_555 90.7  ? 
18 C  ? F CMO .  ? X CMO 134 ? 1_555 MN ? D MN . ? X MN 133 ? 1_555 C  ? G CMO .  ? X CMO 135 ? 1_555 89.6  ? 
19 C  ? E CMO .  ? X CMO 132 ? 1_555 MN ? D MN . ? X MN 133 ? 1_555 O  ? I HOH .  ? X HOH 137 ? 1_555 98.7  ? 
20 C  ? F CMO .  ? X CMO 134 ? 1_555 MN ? D MN . ? X MN 133 ? 1_555 O  ? I HOH .  ? X HOH 137 ? 1_555 95.9  ? 
21 C  ? G CMO .  ? X CMO 135 ? 1_555 MN ? D MN . ? X MN 133 ? 1_555 O  ? I HOH .  ? X HOH 137 ? 1_555 169.2 ? 
# 
loop_
_pdbx_modification_feature.ordinal 
_pdbx_modification_feature.label_comp_id 
_pdbx_modification_feature.label_asym_id 
_pdbx_modification_feature.label_seq_id 
_pdbx_modification_feature.label_alt_id 
_pdbx_modification_feature.modified_residue_label_comp_id 
_pdbx_modification_feature.modified_residue_label_asym_id 
_pdbx_modification_feature.modified_residue_label_seq_id 
_pdbx_modification_feature.modified_residue_label_alt_id 
_pdbx_modification_feature.auth_comp_id 
_pdbx_modification_feature.auth_asym_id 
_pdbx_modification_feature.auth_seq_id 
_pdbx_modification_feature.PDB_ins_code 
_pdbx_modification_feature.symmetry 
_pdbx_modification_feature.modified_residue_auth_comp_id 
_pdbx_modification_feature.modified_residue_auth_asym_id 
_pdbx_modification_feature.modified_residue_auth_seq_id 
_pdbx_modification_feature.modified_residue_PDB_ins_code 
_pdbx_modification_feature.modified_residue_symmetry 
_pdbx_modification_feature.comp_id_linking_atom 
_pdbx_modification_feature.modified_residue_id_linking_atom 
_pdbx_modification_feature.modified_residue_id 
_pdbx_modification_feature.ref_pcm_id 
_pdbx_modification_feature.ref_comp_id 
_pdbx_modification_feature.type 
_pdbx_modification_feature.category 
1 CYS A 6  ? CYS A 127 ? CYS X 6  ? 1_555 CYS X 127 ? 1_555 SG SG . . . None 'Disulfide bridge' 
2 CYS A 30 ? CYS A 115 ? CYS X 30 ? 1_555 CYS X 115 ? 1_555 SG SG . . . None 'Disulfide bridge' 
3 CYS A 64 ? CYS A 80  ? CYS X 64 ? 1_555 CYS X 80  ? 1_555 SG SG . . . None 'Disulfide bridge' 
4 CYS A 76 ? CYS A 94  ? CYS X 76 ? 1_555 CYS X 94  ? 1_555 SG SG . . . None 'Disulfide bridge' 
# 
_struct_sheet.id               A 
_struct_sheet.type             ? 
_struct_sheet.number_strands   3 
_struct_sheet.details          ? 
# 
loop_
_struct_sheet_order.sheet_id 
_struct_sheet_order.range_id_1 
_struct_sheet_order.range_id_2 
_struct_sheet_order.offset 
_struct_sheet_order.sense 
A 1 2 ? anti-parallel 
A 2 3 ? anti-parallel 
# 
loop_
_struct_sheet_range.sheet_id 
_struct_sheet_range.id 
_struct_sheet_range.beg_label_comp_id 
_struct_sheet_range.beg_label_asym_id 
_struct_sheet_range.beg_label_seq_id 
_struct_sheet_range.pdbx_beg_PDB_ins_code 
_struct_sheet_range.end_label_comp_id 
_struct_sheet_range.end_label_asym_id 
_struct_sheet_range.end_label_seq_id 
_struct_sheet_range.pdbx_end_PDB_ins_code 
_struct_sheet_range.beg_auth_comp_id 
_struct_sheet_range.beg_auth_asym_id 
_struct_sheet_range.beg_auth_seq_id 
_struct_sheet_range.end_auth_comp_id 
_struct_sheet_range.end_auth_asym_id 
_struct_sheet_range.end_auth_seq_id 
A 1 THR A 43 ? ARG A 45 ? THR X 43 ARG X 45 
A 2 THR A 51 ? TYR A 53 ? THR X 51 TYR X 53 
A 3 ILE A 58 ? ASN A 59 ? ILE X 58 ASN X 59 
# 
loop_
_pdbx_struct_sheet_hbond.sheet_id 
_pdbx_struct_sheet_hbond.range_id_1 
_pdbx_struct_sheet_hbond.range_id_2 
_pdbx_struct_sheet_hbond.range_1_label_atom_id 
_pdbx_struct_sheet_hbond.range_1_label_comp_id 
_pdbx_struct_sheet_hbond.range_1_label_asym_id 
_pdbx_struct_sheet_hbond.range_1_label_seq_id 
_pdbx_struct_sheet_hbond.range_1_PDB_ins_code 
_pdbx_struct_sheet_hbond.range_1_auth_atom_id 
_pdbx_struct_sheet_hbond.range_1_auth_comp_id 
_pdbx_struct_sheet_hbond.range_1_auth_asym_id 
_pdbx_struct_sheet_hbond.range_1_auth_seq_id 
_pdbx_struct_sheet_hbond.range_2_label_atom_id 
_pdbx_struct_sheet_hbond.range_2_label_comp_id 
_pdbx_struct_sheet_hbond.range_2_label_asym_id 
_pdbx_struct_sheet_hbond.range_2_label_seq_id 
_pdbx_struct_sheet_hbond.range_2_PDB_ins_code 
_pdbx_struct_sheet_hbond.range_2_auth_atom_id 
_pdbx_struct_sheet_hbond.range_2_auth_comp_id 
_pdbx_struct_sheet_hbond.range_2_auth_asym_id 
_pdbx_struct_sheet_hbond.range_2_auth_seq_id 
A 1 2 N ASN A 44 ? N ASN X 44 O ASP A 52 ? O ASP X 52 
A 2 3 N TYR A 53 ? N TYR X 53 O ILE A 58 ? O ILE X 58 
# 
loop_
_struct_site.id 
_struct_site.pdbx_evidence_code 
_struct_site.pdbx_auth_asym_id 
_struct_site.pdbx_auth_comp_id 
_struct_site.pdbx_auth_seq_id 
_struct_site.pdbx_auth_ins_code 
_struct_site.pdbx_num_residues 
_struct_site.details 
AC1 Software X CL  130 ? 2 'BINDING SITE FOR RESIDUE CL X 130'  
AC2 Software X NA  131 ? 6 'BINDING SITE FOR RESIDUE NA X 131'  
AC3 Software X MN  133 ? 3 'BINDING SITE FOR RESIDUE MN X 133'  
AC4 Software X CMO 132 ? 3 'BINDING SITE FOR RESIDUE CMO X 132' 
AC5 Software X CMO 134 ? 1 'BINDING SITE FOR RESIDUE CMO X 134' 
AC6 Software X CMO 135 ? 2 'BINDING SITE FOR RESIDUE CMO X 135' 
AC7 Software X TFS 136 ? 8 'BINDING SITE FOR RESIDUE TFS X 136' 
# 
loop_
_struct_site_gen.id 
_struct_site_gen.site_id 
_struct_site_gen.pdbx_num_res 
_struct_site_gen.label_comp_id 
_struct_site_gen.label_asym_id 
_struct_site_gen.label_seq_id 
_struct_site_gen.pdbx_auth_ins_code 
_struct_site_gen.auth_comp_id 
_struct_site_gen.auth_asym_id 
_struct_site_gen.auth_seq_id 
_struct_site_gen.label_atom_id 
_struct_site_gen.label_alt_id 
_struct_site_gen.symmetry 
_struct_site_gen.details 
1  AC1 2 TYR A 23  ? TYR X 23  . ? 1_555 ? 
2  AC1 2 ASN A 113 ? ASN X 113 . ? 4_455 ? 
3  AC2 6 SER A 60  ? SER X 60  . ? 1_555 ? 
4  AC2 6 CYS A 64  ? CYS X 64  . ? 1_555 ? 
5  AC2 6 SER A 72  ? SER X 72  . ? 1_555 ? 
6  AC2 6 ARG A 73  ? ARG X 73  . ? 1_555 ? 
7  AC2 6 HOH I .   ? HOH X 148 . ? 1_555 ? 
8  AC2 6 HOH I .   ? HOH X 211 . ? 1_555 ? 
9  AC3 3 HIS A 15  ? HIS X 15  . ? 1_555 ? 
10 AC3 3 HOH I .   ? HOH X 137 . ? 1_555 ? 
11 AC3 3 HOH I .   ? HOH X 138 . ? 1_555 ? 
12 AC4 3 HIS A 15  ? HIS X 15  . ? 1_555 ? 
13 AC4 3 ASP A 87  ? ASP X 87  . ? 1_555 ? 
14 AC4 3 ILE A 88  ? ILE X 88  . ? 1_555 ? 
15 AC5 1 HOH I .   ? HOH X 137 . ? 1_555 ? 
16 AC6 2 ALA A 11  ? ALA X 11  . ? 1_555 ? 
17 AC6 2 HIS A 15  ? HIS X 15  . ? 1_555 ? 
18 AC7 8 GLN A 57  ? GLN X 57  . ? 1_555 ? 
19 AC7 8 ASN A 59  ? ASN X 59  . ? 1_555 ? 
20 AC7 8 TRP A 63  ? TRP X 63  . ? 1_555 ? 
21 AC7 8 ILE A 98  ? ILE X 98  . ? 1_555 ? 
22 AC7 8 ALA A 107 ? ALA X 107 . ? 1_555 ? 
23 AC7 8 TRP A 108 ? TRP X 108 . ? 1_555 ? 
24 AC7 8 HOH I .   ? HOH X 166 . ? 1_555 ? 
25 AC7 8 HOH I .   ? HOH X 176 . ? 1_555 ? 
# 
_pdbx_entry_details.entry_id                   2Q0M 
_pdbx_entry_details.compound_details           ? 
_pdbx_entry_details.source_details             ? 
_pdbx_entry_details.nonpolymer_details         ? 
_pdbx_entry_details.sequence_details           ? 
_pdbx_entry_details.has_ligand_of_interest     ? 
_pdbx_entry_details.has_protein_modification   Y 
# 
loop_
_pdbx_validate_close_contact.id 
_pdbx_validate_close_contact.PDB_model_num 
_pdbx_validate_close_contact.auth_atom_id_1 
_pdbx_validate_close_contact.auth_asym_id_1 
_pdbx_validate_close_contact.auth_comp_id_1 
_pdbx_validate_close_contact.auth_seq_id_1 
_pdbx_validate_close_contact.PDB_ins_code_1 
_pdbx_validate_close_contact.label_alt_id_1 
_pdbx_validate_close_contact.auth_atom_id_2 
_pdbx_validate_close_contact.auth_asym_id_2 
_pdbx_validate_close_contact.auth_comp_id_2 
_pdbx_validate_close_contact.auth_seq_id_2 
_pdbx_validate_close_contact.PDB_ins_code_2 
_pdbx_validate_close_contact.label_alt_id_2 
_pdbx_validate_close_contact.dist 
1 1 OD1 X ASN 39 ? ? O X HOH 221 ? ? 1.38 
2 1 N   X GLN 41 ? ? O X HOH 221 ? ? 1.83 
3 1 NH1 X ARG 45 ? ? O X HOH 219 ? ? 2.00 
4 1 OD2 X ASP 18 ? ? O X HOH 220 ? ? 2.11 
5 1 CG  X ASN 39 ? ? O X HOH 221 ? ? 2.17 
# 
_pdbx_validate_rmsd_bond.id                        1 
_pdbx_validate_rmsd_bond.PDB_model_num             1 
_pdbx_validate_rmsd_bond.auth_atom_id_1            NE 
_pdbx_validate_rmsd_bond.auth_asym_id_1            X 
_pdbx_validate_rmsd_bond.auth_comp_id_1            ARG 
_pdbx_validate_rmsd_bond.auth_seq_id_1             21 
_pdbx_validate_rmsd_bond.PDB_ins_code_1            ? 
_pdbx_validate_rmsd_bond.label_alt_id_1            ? 
_pdbx_validate_rmsd_bond.auth_atom_id_2            CZ 
_pdbx_validate_rmsd_bond.auth_asym_id_2            X 
_pdbx_validate_rmsd_bond.auth_comp_id_2            ARG 
_pdbx_validate_rmsd_bond.auth_seq_id_2             21 
_pdbx_validate_rmsd_bond.PDB_ins_code_2            ? 
_pdbx_validate_rmsd_bond.label_alt_id_2            ? 
_pdbx_validate_rmsd_bond.bond_value                1.726 
_pdbx_validate_rmsd_bond.bond_target_value         1.326 
_pdbx_validate_rmsd_bond.bond_deviation            0.400 
_pdbx_validate_rmsd_bond.bond_standard_deviation   0.013 
_pdbx_validate_rmsd_bond.linker_flag               N 
# 
loop_
_pdbx_validate_rmsd_angle.id 
_pdbx_validate_rmsd_angle.PDB_model_num 
_pdbx_validate_rmsd_angle.auth_atom_id_1 
_pdbx_validate_rmsd_angle.auth_asym_id_1 
_pdbx_validate_rmsd_angle.auth_comp_id_1 
_pdbx_validate_rmsd_angle.auth_seq_id_1 
_pdbx_validate_rmsd_angle.PDB_ins_code_1 
_pdbx_validate_rmsd_angle.label_alt_id_1 
_pdbx_validate_rmsd_angle.auth_atom_id_2 
_pdbx_validate_rmsd_angle.auth_asym_id_2 
_pdbx_validate_rmsd_angle.auth_comp_id_2 
_pdbx_validate_rmsd_angle.auth_seq_id_2 
_pdbx_validate_rmsd_angle.PDB_ins_code_2 
_pdbx_validate_rmsd_angle.label_alt_id_2 
_pdbx_validate_rmsd_angle.auth_atom_id_3 
_pdbx_validate_rmsd_angle.auth_asym_id_3 
_pdbx_validate_rmsd_angle.auth_comp_id_3 
_pdbx_validate_rmsd_angle.auth_seq_id_3 
_pdbx_validate_rmsd_angle.PDB_ins_code_3 
_pdbx_validate_rmsd_angle.label_alt_id_3 
_pdbx_validate_rmsd_angle.angle_value 
_pdbx_validate_rmsd_angle.angle_target_value 
_pdbx_validate_rmsd_angle.angle_deviation 
_pdbx_validate_rmsd_angle.angle_standard_deviation 
_pdbx_validate_rmsd_angle.linker_flag 
1 1 CD X LYS 13 ? ? CE X LYS 13 ? ? NZ  X LYS 13 ? ? 95.24  111.70 -16.46 2.30 N 
2 1 CD X ARG 21 ? ? NE X ARG 21 ? ? CZ  X ARG 21 ? ? 142.67 123.60 19.07  1.40 N 
3 1 NE X ARG 21 ? ? CZ X ARG 21 ? ? NH1 X ARG 21 ? ? 97.18  120.30 -23.12 0.50 N 
4 1 NE X ARG 21 ? ? CZ X ARG 21 ? ? NH2 X ARG 21 ? ? 142.02 120.30 21.72  0.50 N 
# 
_pdbx_validate_torsion.id              1 
_pdbx_validate_torsion.PDB_model_num   1 
_pdbx_validate_torsion.auth_comp_id    ARG 
_pdbx_validate_torsion.auth_asym_id    X 
_pdbx_validate_torsion.auth_seq_id     68 
_pdbx_validate_torsion.PDB_ins_code    ? 
_pdbx_validate_torsion.label_alt_id    ? 
_pdbx_validate_torsion.phi             -141.75 
_pdbx_validate_torsion.psi             31.73 
# 
_pdbx_validate_planes.id              1 
_pdbx_validate_planes.PDB_model_num   1 
_pdbx_validate_planes.auth_comp_id    ARG 
_pdbx_validate_planes.auth_asym_id    X 
_pdbx_validate_planes.auth_seq_id     21 
_pdbx_validate_planes.PDB_ins_code    ? 
_pdbx_validate_planes.label_alt_id    ? 
_pdbx_validate_planes.rmsd            0.082 
_pdbx_validate_planes.type            'SIDE CHAIN' 
# 
loop_
_chem_comp_atom.comp_id 
_chem_comp_atom.atom_id 
_chem_comp_atom.type_symbol 
_chem_comp_atom.pdbx_aromatic_flag 
_chem_comp_atom.pdbx_stereo_config 
_chem_comp_atom.pdbx_ordinal 
ALA N    N  N N 1   
ALA CA   C  N S 2   
ALA C    C  N N 3   
ALA O    O  N N 4   
ALA CB   C  N N 5   
ALA OXT  O  N N 6   
ALA H    H  N N 7   
ALA H2   H  N N 8   
ALA HA   H  N N 9   
ALA HB1  H  N N 10  
ALA HB2  H  N N 11  
ALA HB3  H  N N 12  
ALA HXT  H  N N 13  
ARG N    N  N N 14  
ARG CA   C  N S 15  
ARG C    C  N N 16  
ARG O    O  N N 17  
ARG CB   C  N N 18  
ARG CG   C  N N 19  
ARG CD   C  N N 20  
ARG NE   N  N N 21  
ARG CZ   C  N N 22  
ARG NH1  N  N N 23  
ARG NH2  N  N N 24  
ARG OXT  O  N N 25  
ARG H    H  N N 26  
ARG H2   H  N N 27  
ARG HA   H  N N 28  
ARG HB2  H  N N 29  
ARG HB3  H  N N 30  
ARG HG2  H  N N 31  
ARG HG3  H  N N 32  
ARG HD2  H  N N 33  
ARG HD3  H  N N 34  
ARG HE   H  N N 35  
ARG HH11 H  N N 36  
ARG HH12 H  N N 37  
ARG HH21 H  N N 38  
ARG HH22 H  N N 39  
ARG HXT  H  N N 40  
ASN N    N  N N 41  
ASN CA   C  N S 42  
ASN C    C  N N 43  
ASN O    O  N N 44  
ASN CB   C  N N 45  
ASN CG   C  N N 46  
ASN OD1  O  N N 47  
ASN ND2  N  N N 48  
ASN OXT  O  N N 49  
ASN H    H  N N 50  
ASN H2   H  N N 51  
ASN HA   H  N N 52  
ASN HB2  H  N N 53  
ASN HB3  H  N N 54  
ASN HD21 H  N N 55  
ASN HD22 H  N N 56  
ASN HXT  H  N N 57  
ASP N    N  N N 58  
ASP CA   C  N S 59  
ASP C    C  N N 60  
ASP O    O  N N 61  
ASP CB   C  N N 62  
ASP CG   C  N N 63  
ASP OD1  O  N N 64  
ASP OD2  O  N N 65  
ASP OXT  O  N N 66  
ASP H    H  N N 67  
ASP H2   H  N N 68  
ASP HA   H  N N 69  
ASP HB2  H  N N 70  
ASP HB3  H  N N 71  
ASP HD2  H  N N 72  
ASP HXT  H  N N 73  
CL  CL   CL N N 74  
CMO C    C  N N 75  
CMO O    O  N N 76  
CYS N    N  N N 77  
CYS CA   C  N R 78  
CYS C    C  N N 79  
CYS O    O  N N 80  
CYS CB   C  N N 81  
CYS SG   S  N N 82  
CYS OXT  O  N N 83  
CYS H    H  N N 84  
CYS H2   H  N N 85  
CYS HA   H  N N 86  
CYS HB2  H  N N 87  
CYS HB3  H  N N 88  
CYS HG   H  N N 89  
CYS HXT  H  N N 90  
GLN N    N  N N 91  
GLN CA   C  N S 92  
GLN C    C  N N 93  
GLN O    O  N N 94  
GLN CB   C  N N 95  
GLN CG   C  N N 96  
GLN CD   C  N N 97  
GLN OE1  O  N N 98  
GLN NE2  N  N N 99  
GLN OXT  O  N N 100 
GLN H    H  N N 101 
GLN H2   H  N N 102 
GLN HA   H  N N 103 
GLN HB2  H  N N 104 
GLN HB3  H  N N 105 
GLN HG2  H  N N 106 
GLN HG3  H  N N 107 
GLN HE21 H  N N 108 
GLN HE22 H  N N 109 
GLN HXT  H  N N 110 
GLU N    N  N N 111 
GLU CA   C  N S 112 
GLU C    C  N N 113 
GLU O    O  N N 114 
GLU CB   C  N N 115 
GLU CG   C  N N 116 
GLU CD   C  N N 117 
GLU OE1  O  N N 118 
GLU OE2  O  N N 119 
GLU OXT  O  N N 120 
GLU H    H  N N 121 
GLU H2   H  N N 122 
GLU HA   H  N N 123 
GLU HB2  H  N N 124 
GLU HB3  H  N N 125 
GLU HG2  H  N N 126 
GLU HG3  H  N N 127 
GLU HE2  H  N N 128 
GLU HXT  H  N N 129 
GLY N    N  N N 130 
GLY CA   C  N N 131 
GLY C    C  N N 132 
GLY O    O  N N 133 
GLY OXT  O  N N 134 
GLY H    H  N N 135 
GLY H2   H  N N 136 
GLY HA2  H  N N 137 
GLY HA3  H  N N 138 
GLY HXT  H  N N 139 
HIS N    N  N N 140 
HIS CA   C  N S 141 
HIS C    C  N N 142 
HIS O    O  N N 143 
HIS CB   C  N N 144 
HIS CG   C  Y N 145 
HIS ND1  N  Y N 146 
HIS CD2  C  Y N 147 
HIS CE1  C  Y N 148 
HIS NE2  N  Y N 149 
HIS OXT  O  N N 150 
HIS H    H  N N 151 
HIS H2   H  N N 152 
HIS HA   H  N N 153 
HIS HB2  H  N N 154 
HIS HB3  H  N N 155 
HIS HD1  H  N N 156 
HIS HD2  H  N N 157 
HIS HE1  H  N N 158 
HIS HE2  H  N N 159 
HIS HXT  H  N N 160 
HOH O    O  N N 161 
HOH H1   H  N N 162 
HOH H2   H  N N 163 
ILE N    N  N N 164 
ILE CA   C  N S 165 
ILE C    C  N N 166 
ILE O    O  N N 167 
ILE CB   C  N S 168 
ILE CG1  C  N N 169 
ILE CG2  C  N N 170 
ILE CD1  C  N N 171 
ILE OXT  O  N N 172 
ILE H    H  N N 173 
ILE H2   H  N N 174 
ILE HA   H  N N 175 
ILE HB   H  N N 176 
ILE HG12 H  N N 177 
ILE HG13 H  N N 178 
ILE HG21 H  N N 179 
ILE HG22 H  N N 180 
ILE HG23 H  N N 181 
ILE HD11 H  N N 182 
ILE HD12 H  N N 183 
ILE HD13 H  N N 184 
ILE HXT  H  N N 185 
LEU N    N  N N 186 
LEU CA   C  N S 187 
LEU C    C  N N 188 
LEU O    O  N N 189 
LEU CB   C  N N 190 
LEU CG   C  N N 191 
LEU CD1  C  N N 192 
LEU CD2  C  N N 193 
LEU OXT  O  N N 194 
LEU H    H  N N 195 
LEU H2   H  N N 196 
LEU HA   H  N N 197 
LEU HB2  H  N N 198 
LEU HB3  H  N N 199 
LEU HG   H  N N 200 
LEU HD11 H  N N 201 
LEU HD12 H  N N 202 
LEU HD13 H  N N 203 
LEU HD21 H  N N 204 
LEU HD22 H  N N 205 
LEU HD23 H  N N 206 
LEU HXT  H  N N 207 
LYS N    N  N N 208 
LYS CA   C  N S 209 
LYS C    C  N N 210 
LYS O    O  N N 211 
LYS CB   C  N N 212 
LYS CG   C  N N 213 
LYS CD   C  N N 214 
LYS CE   C  N N 215 
LYS NZ   N  N N 216 
LYS OXT  O  N N 217 
LYS H    H  N N 218 
LYS H2   H  N N 219 
LYS HA   H  N N 220 
LYS HB2  H  N N 221 
LYS HB3  H  N N 222 
LYS HG2  H  N N 223 
LYS HG3  H  N N 224 
LYS HD2  H  N N 225 
LYS HD3  H  N N 226 
LYS HE2  H  N N 227 
LYS HE3  H  N N 228 
LYS HZ1  H  N N 229 
LYS HZ2  H  N N 230 
LYS HZ3  H  N N 231 
LYS HXT  H  N N 232 
MET N    N  N N 233 
MET CA   C  N S 234 
MET C    C  N N 235 
MET O    O  N N 236 
MET CB   C  N N 237 
MET CG   C  N N 238 
MET SD   S  N N 239 
MET CE   C  N N 240 
MET OXT  O  N N 241 
MET H    H  N N 242 
MET H2   H  N N 243 
MET HA   H  N N 244 
MET HB2  H  N N 245 
MET HB3  H  N N 246 
MET HG2  H  N N 247 
MET HG3  H  N N 248 
MET HE1  H  N N 249 
MET HE2  H  N N 250 
MET HE3  H  N N 251 
MET HXT  H  N N 252 
MN  MN   MN N N 253 
NA  NA   NA N N 254 
PHE N    N  N N 255 
PHE CA   C  N S 256 
PHE C    C  N N 257 
PHE O    O  N N 258 
PHE CB   C  N N 259 
PHE CG   C  Y N 260 
PHE CD1  C  Y N 261 
PHE CD2  C  Y N 262 
PHE CE1  C  Y N 263 
PHE CE2  C  Y N 264 
PHE CZ   C  Y N 265 
PHE OXT  O  N N 266 
PHE H    H  N N 267 
PHE H2   H  N N 268 
PHE HA   H  N N 269 
PHE HB2  H  N N 270 
PHE HB3  H  N N 271 
PHE HD1  H  N N 272 
PHE HD2  H  N N 273 
PHE HE1  H  N N 274 
PHE HE2  H  N N 275 
PHE HZ   H  N N 276 
PHE HXT  H  N N 277 
PRO N    N  N N 278 
PRO CA   C  N S 279 
PRO C    C  N N 280 
PRO O    O  N N 281 
PRO CB   C  N N 282 
PRO CG   C  N N 283 
PRO CD   C  N N 284 
PRO OXT  O  N N 285 
PRO H    H  N N 286 
PRO HA   H  N N 287 
PRO HB2  H  N N 288 
PRO HB3  H  N N 289 
PRO HG2  H  N N 290 
PRO HG3  H  N N 291 
PRO HD2  H  N N 292 
PRO HD3  H  N N 293 
PRO HXT  H  N N 294 
SER N    N  N N 295 
SER CA   C  N S 296 
SER C    C  N N 297 
SER O    O  N N 298 
SER CB   C  N N 299 
SER OG   O  N N 300 
SER OXT  O  N N 301 
SER H    H  N N 302 
SER H2   H  N N 303 
SER HA   H  N N 304 
SER HB2  H  N N 305 
SER HB3  H  N N 306 
SER HG   H  N N 307 
SER HXT  H  N N 308 
TFS FAC  F  N N 309 
TFS CAD  C  N N 310 
TFS FAG  F  N N 311 
TFS FAA  F  N N 312 
TFS SAE  S  N N 313 
TFS OAH  O  N N 314 
TFS OAF  O  N N 315 
TFS OAB  O  N N 316 
TFS HOAH H  N N 317 
THR N    N  N N 318 
THR CA   C  N S 319 
THR C    C  N N 320 
THR O    O  N N 321 
THR CB   C  N R 322 
THR OG1  O  N N 323 
THR CG2  C  N N 324 
THR OXT  O  N N 325 
THR H    H  N N 326 
THR H2   H  N N 327 
THR HA   H  N N 328 
THR HB   H  N N 329 
THR HG1  H  N N 330 
THR HG21 H  N N 331 
THR HG22 H  N N 332 
THR HG23 H  N N 333 
THR HXT  H  N N 334 
TRP N    N  N N 335 
TRP CA   C  N S 336 
TRP C    C  N N 337 
TRP O    O  N N 338 
TRP CB   C  N N 339 
TRP CG   C  Y N 340 
TRP CD1  C  Y N 341 
TRP CD2  C  Y N 342 
TRP NE1  N  Y N 343 
TRP CE2  C  Y N 344 
TRP CE3  C  Y N 345 
TRP CZ2  C  Y N 346 
TRP CZ3  C  Y N 347 
TRP CH2  C  Y N 348 
TRP OXT  O  N N 349 
TRP H    H  N N 350 
TRP H2   H  N N 351 
TRP HA   H  N N 352 
TRP HB2  H  N N 353 
TRP HB3  H  N N 354 
TRP HD1  H  N N 355 
TRP HE1  H  N N 356 
TRP HE3  H  N N 357 
TRP HZ2  H  N N 358 
TRP HZ3  H  N N 359 
TRP HH2  H  N N 360 
TRP HXT  H  N N 361 
TYR N    N  N N 362 
TYR CA   C  N S 363 
TYR C    C  N N 364 
TYR O    O  N N 365 
TYR CB   C  N N 366 
TYR CG   C  Y N 367 
TYR CD1  C  Y N 368 
TYR CD2  C  Y N 369 
TYR CE1  C  Y N 370 
TYR CE2  C  Y N 371 
TYR CZ   C  Y N 372 
TYR OH   O  N N 373 
TYR OXT  O  N N 374 
TYR H    H  N N 375 
TYR H2   H  N N 376 
TYR HA   H  N N 377 
TYR HB2  H  N N 378 
TYR HB3  H  N N 379 
TYR HD1  H  N N 380 
TYR HD2  H  N N 381 
TYR HE1  H  N N 382 
TYR HE2  H  N N 383 
TYR HH   H  N N 384 
TYR HXT  H  N N 385 
VAL N    N  N N 386 
VAL CA   C  N S 387 
VAL C    C  N N 388 
VAL O    O  N N 389 
VAL CB   C  N N 390 
VAL CG1  C  N N 391 
VAL CG2  C  N N 392 
VAL OXT  O  N N 393 
VAL H    H  N N 394 
VAL H2   H  N N 395 
VAL HA   H  N N 396 
VAL HB   H  N N 397 
VAL HG11 H  N N 398 
VAL HG12 H  N N 399 
VAL HG13 H  N N 400 
VAL HG21 H  N N 401 
VAL HG22 H  N N 402 
VAL HG23 H  N N 403 
VAL HXT  H  N N 404 
# 
loop_
_chem_comp_bond.comp_id 
_chem_comp_bond.atom_id_1 
_chem_comp_bond.atom_id_2 
_chem_comp_bond.value_order 
_chem_comp_bond.pdbx_aromatic_flag 
_chem_comp_bond.pdbx_stereo_config 
_chem_comp_bond.pdbx_ordinal 
ALA N   CA   sing N N 1   
ALA N   H    sing N N 2   
ALA N   H2   sing N N 3   
ALA CA  C    sing N N 4   
ALA CA  CB   sing N N 5   
ALA CA  HA   sing N N 6   
ALA C   O    doub N N 7   
ALA C   OXT  sing N N 8   
ALA CB  HB1  sing N N 9   
ALA CB  HB2  sing N N 10  
ALA CB  HB3  sing N N 11  
ALA OXT HXT  sing N N 12  
ARG N   CA   sing N N 13  
ARG N   H    sing N N 14  
ARG N   H2   sing N N 15  
ARG CA  C    sing N N 16  
ARG CA  CB   sing N N 17  
ARG CA  HA   sing N N 18  
ARG C   O    doub N N 19  
ARG C   OXT  sing N N 20  
ARG CB  CG   sing N N 21  
ARG CB  HB2  sing N N 22  
ARG CB  HB3  sing N N 23  
ARG CG  CD   sing N N 24  
ARG CG  HG2  sing N N 25  
ARG CG  HG3  sing N N 26  
ARG CD  NE   sing N N 27  
ARG CD  HD2  sing N N 28  
ARG CD  HD3  sing N N 29  
ARG NE  CZ   sing N N 30  
ARG NE  HE   sing N N 31  
ARG CZ  NH1  sing N N 32  
ARG CZ  NH2  doub N N 33  
ARG NH1 HH11 sing N N 34  
ARG NH1 HH12 sing N N 35  
ARG NH2 HH21 sing N N 36  
ARG NH2 HH22 sing N N 37  
ARG OXT HXT  sing N N 38  
ASN N   CA   sing N N 39  
ASN N   H    sing N N 40  
ASN N   H2   sing N N 41  
ASN CA  C    sing N N 42  
ASN CA  CB   sing N N 43  
ASN CA  HA   sing N N 44  
ASN C   O    doub N N 45  
ASN C   OXT  sing N N 46  
ASN CB  CG   sing N N 47  
ASN CB  HB2  sing N N 48  
ASN CB  HB3  sing N N 49  
ASN CG  OD1  doub N N 50  
ASN CG  ND2  sing N N 51  
ASN ND2 HD21 sing N N 52  
ASN ND2 HD22 sing N N 53  
ASN OXT HXT  sing N N 54  
ASP N   CA   sing N N 55  
ASP N   H    sing N N 56  
ASP N   H2   sing N N 57  
ASP CA  C    sing N N 58  
ASP CA  CB   sing N N 59  
ASP CA  HA   sing N N 60  
ASP C   O    doub N N 61  
ASP C   OXT  sing N N 62  
ASP CB  CG   sing N N 63  
ASP CB  HB2  sing N N 64  
ASP CB  HB3  sing N N 65  
ASP CG  OD1  doub N N 66  
ASP CG  OD2  sing N N 67  
ASP OD2 HD2  sing N N 68  
ASP OXT HXT  sing N N 69  
CMO C   O    trip N N 70  
CYS N   CA   sing N N 71  
CYS N   H    sing N N 72  
CYS N   H2   sing N N 73  
CYS CA  C    sing N N 74  
CYS CA  CB   sing N N 75  
CYS CA  HA   sing N N 76  
CYS C   O    doub N N 77  
CYS C   OXT  sing N N 78  
CYS CB  SG   sing N N 79  
CYS CB  HB2  sing N N 80  
CYS CB  HB3  sing N N 81  
CYS SG  HG   sing N N 82  
CYS OXT HXT  sing N N 83  
GLN N   CA   sing N N 84  
GLN N   H    sing N N 85  
GLN N   H2   sing N N 86  
GLN CA  C    sing N N 87  
GLN CA  CB   sing N N 88  
GLN CA  HA   sing N N 89  
GLN C   O    doub N N 90  
GLN C   OXT  sing N N 91  
GLN CB  CG   sing N N 92  
GLN CB  HB2  sing N N 93  
GLN CB  HB3  sing N N 94  
GLN CG  CD   sing N N 95  
GLN CG  HG2  sing N N 96  
GLN CG  HG3  sing N N 97  
GLN CD  OE1  doub N N 98  
GLN CD  NE2  sing N N 99  
GLN NE2 HE21 sing N N 100 
GLN NE2 HE22 sing N N 101 
GLN OXT HXT  sing N N 102 
GLU N   CA   sing N N 103 
GLU N   H    sing N N 104 
GLU N   H2   sing N N 105 
GLU CA  C    sing N N 106 
GLU CA  CB   sing N N 107 
GLU CA  HA   sing N N 108 
GLU C   O    doub N N 109 
GLU C   OXT  sing N N 110 
GLU CB  CG   sing N N 111 
GLU CB  HB2  sing N N 112 
GLU CB  HB3  sing N N 113 
GLU CG  CD   sing N N 114 
GLU CG  HG2  sing N N 115 
GLU CG  HG3  sing N N 116 
GLU CD  OE1  doub N N 117 
GLU CD  OE2  sing N N 118 
GLU OE2 HE2  sing N N 119 
GLU OXT HXT  sing N N 120 
GLY N   CA   sing N N 121 
GLY N   H    sing N N 122 
GLY N   H2   sing N N 123 
GLY CA  C    sing N N 124 
GLY CA  HA2  sing N N 125 
GLY CA  HA3  sing N N 126 
GLY C   O    doub N N 127 
GLY C   OXT  sing N N 128 
GLY OXT HXT  sing N N 129 
HIS N   CA   sing N N 130 
HIS N   H    sing N N 131 
HIS N   H2   sing N N 132 
HIS CA  C    sing N N 133 
HIS CA  CB   sing N N 134 
HIS CA  HA   sing N N 135 
HIS C   O    doub N N 136 
HIS C   OXT  sing N N 137 
HIS CB  CG   sing N N 138 
HIS CB  HB2  sing N N 139 
HIS CB  HB3  sing N N 140 
HIS CG  ND1  sing Y N 141 
HIS CG  CD2  doub Y N 142 
HIS ND1 CE1  doub Y N 143 
HIS ND1 HD1  sing N N 144 
HIS CD2 NE2  sing Y N 145 
HIS CD2 HD2  sing N N 146 
HIS CE1 NE2  sing Y N 147 
HIS CE1 HE1  sing N N 148 
HIS NE2 HE2  sing N N 149 
HIS OXT HXT  sing N N 150 
HOH O   H1   sing N N 151 
HOH O   H2   sing N N 152 
ILE N   CA   sing N N 153 
ILE N   H    sing N N 154 
ILE N   H2   sing N N 155 
ILE CA  C    sing N N 156 
ILE CA  CB   sing N N 157 
ILE CA  HA   sing N N 158 
ILE C   O    doub N N 159 
ILE C   OXT  sing N N 160 
ILE CB  CG1  sing N N 161 
ILE CB  CG2  sing N N 162 
ILE CB  HB   sing N N 163 
ILE CG1 CD1  sing N N 164 
ILE CG1 HG12 sing N N 165 
ILE CG1 HG13 sing N N 166 
ILE CG2 HG21 sing N N 167 
ILE CG2 HG22 sing N N 168 
ILE CG2 HG23 sing N N 169 
ILE CD1 HD11 sing N N 170 
ILE CD1 HD12 sing N N 171 
ILE CD1 HD13 sing N N 172 
ILE OXT HXT  sing N N 173 
LEU N   CA   sing N N 174 
LEU N   H    sing N N 175 
LEU N   H2   sing N N 176 
LEU CA  C    sing N N 177 
LEU CA  CB   sing N N 178 
LEU CA  HA   sing N N 179 
LEU C   O    doub N N 180 
LEU C   OXT  sing N N 181 
LEU CB  CG   sing N N 182 
LEU CB  HB2  sing N N 183 
LEU CB  HB3  sing N N 184 
LEU CG  CD1  sing N N 185 
LEU CG  CD2  sing N N 186 
LEU CG  HG   sing N N 187 
LEU CD1 HD11 sing N N 188 
LEU CD1 HD12 sing N N 189 
LEU CD1 HD13 sing N N 190 
LEU CD2 HD21 sing N N 191 
LEU CD2 HD22 sing N N 192 
LEU CD2 HD23 sing N N 193 
LEU OXT HXT  sing N N 194 
LYS N   CA   sing N N 195 
LYS N   H    sing N N 196 
LYS N   H2   sing N N 197 
LYS CA  C    sing N N 198 
LYS CA  CB   sing N N 199 
LYS CA  HA   sing N N 200 
LYS C   O    doub N N 201 
LYS C   OXT  sing N N 202 
LYS CB  CG   sing N N 203 
LYS CB  HB2  sing N N 204 
LYS CB  HB3  sing N N 205 
LYS CG  CD   sing N N 206 
LYS CG  HG2  sing N N 207 
LYS CG  HG3  sing N N 208 
LYS CD  CE   sing N N 209 
LYS CD  HD2  sing N N 210 
LYS CD  HD3  sing N N 211 
LYS CE  NZ   sing N N 212 
LYS CE  HE2  sing N N 213 
LYS CE  HE3  sing N N 214 
LYS NZ  HZ1  sing N N 215 
LYS NZ  HZ2  sing N N 216 
LYS NZ  HZ3  sing N N 217 
LYS OXT HXT  sing N N 218 
MET N   CA   sing N N 219 
MET N   H    sing N N 220 
MET N   H2   sing N N 221 
MET CA  C    sing N N 222 
MET CA  CB   sing N N 223 
MET CA  HA   sing N N 224 
MET C   O    doub N N 225 
MET C   OXT  sing N N 226 
MET CB  CG   sing N N 227 
MET CB  HB2  sing N N 228 
MET CB  HB3  sing N N 229 
MET CG  SD   sing N N 230 
MET CG  HG2  sing N N 231 
MET CG  HG3  sing N N 232 
MET SD  CE   sing N N 233 
MET CE  HE1  sing N N 234 
MET CE  HE2  sing N N 235 
MET CE  HE3  sing N N 236 
MET OXT HXT  sing N N 237 
PHE N   CA   sing N N 238 
PHE N   H    sing N N 239 
PHE N   H2   sing N N 240 
PHE CA  C    sing N N 241 
PHE CA  CB   sing N N 242 
PHE CA  HA   sing N N 243 
PHE C   O    doub N N 244 
PHE C   OXT  sing N N 245 
PHE CB  CG   sing N N 246 
PHE CB  HB2  sing N N 247 
PHE CB  HB3  sing N N 248 
PHE CG  CD1  doub Y N 249 
PHE CG  CD2  sing Y N 250 
PHE CD1 CE1  sing Y N 251 
PHE CD1 HD1  sing N N 252 
PHE CD2 CE2  doub Y N 253 
PHE CD2 HD2  sing N N 254 
PHE CE1 CZ   doub Y N 255 
PHE CE1 HE1  sing N N 256 
PHE CE2 CZ   sing Y N 257 
PHE CE2 HE2  sing N N 258 
PHE CZ  HZ   sing N N 259 
PHE OXT HXT  sing N N 260 
PRO N   CA   sing N N 261 
PRO N   CD   sing N N 262 
PRO N   H    sing N N 263 
PRO CA  C    sing N N 264 
PRO CA  CB   sing N N 265 
PRO CA  HA   sing N N 266 
PRO C   O    doub N N 267 
PRO C   OXT  sing N N 268 
PRO CB  CG   sing N N 269 
PRO CB  HB2  sing N N 270 
PRO CB  HB3  sing N N 271 
PRO CG  CD   sing N N 272 
PRO CG  HG2  sing N N 273 
PRO CG  HG3  sing N N 274 
PRO CD  HD2  sing N N 275 
PRO CD  HD3  sing N N 276 
PRO OXT HXT  sing N N 277 
SER N   CA   sing N N 278 
SER N   H    sing N N 279 
SER N   H2   sing N N 280 
SER CA  C    sing N N 281 
SER CA  CB   sing N N 282 
SER CA  HA   sing N N 283 
SER C   O    doub N N 284 
SER C   OXT  sing N N 285 
SER CB  OG   sing N N 286 
SER CB  HB2  sing N N 287 
SER CB  HB3  sing N N 288 
SER OG  HG   sing N N 289 
SER OXT HXT  sing N N 290 
TFS CAD FAC  sing N N 291 
TFS FAG CAD  sing N N 292 
TFS FAA CAD  sing N N 293 
TFS CAD SAE  sing N N 294 
TFS OAF SAE  doub N N 295 
TFS SAE OAB  doub N N 296 
TFS SAE OAH  sing N N 297 
TFS OAH HOAH sing N N 298 
THR N   CA   sing N N 299 
THR N   H    sing N N 300 
THR N   H2   sing N N 301 
THR CA  C    sing N N 302 
THR CA  CB   sing N N 303 
THR CA  HA   sing N N 304 
THR C   O    doub N N 305 
THR C   OXT  sing N N 306 
THR CB  OG1  sing N N 307 
THR CB  CG2  sing N N 308 
THR CB  HB   sing N N 309 
THR OG1 HG1  sing N N 310 
THR CG2 HG21 sing N N 311 
THR CG2 HG22 sing N N 312 
THR CG2 HG23 sing N N 313 
THR OXT HXT  sing N N 314 
TRP N   CA   sing N N 315 
TRP N   H    sing N N 316 
TRP N   H2   sing N N 317 
TRP CA  C    sing N N 318 
TRP CA  CB   sing N N 319 
TRP CA  HA   sing N N 320 
TRP C   O    doub N N 321 
TRP C   OXT  sing N N 322 
TRP CB  CG   sing N N 323 
TRP CB  HB2  sing N N 324 
TRP CB  HB3  sing N N 325 
TRP CG  CD1  doub Y N 326 
TRP CG  CD2  sing Y N 327 
TRP CD1 NE1  sing Y N 328 
TRP CD1 HD1  sing N N 329 
TRP CD2 CE2  doub Y N 330 
TRP CD2 CE3  sing Y N 331 
TRP NE1 CE2  sing Y N 332 
TRP NE1 HE1  sing N N 333 
TRP CE2 CZ2  sing Y N 334 
TRP CE3 CZ3  doub Y N 335 
TRP CE3 HE3  sing N N 336 
TRP CZ2 CH2  doub Y N 337 
TRP CZ2 HZ2  sing N N 338 
TRP CZ3 CH2  sing Y N 339 
TRP CZ3 HZ3  sing N N 340 
TRP CH2 HH2  sing N N 341 
TRP OXT HXT  sing N N 342 
TYR N   CA   sing N N 343 
TYR N   H    sing N N 344 
TYR N   H2   sing N N 345 
TYR CA  C    sing N N 346 
TYR CA  CB   sing N N 347 
TYR CA  HA   sing N N 348 
TYR C   O    doub N N 349 
TYR C   OXT  sing N N 350 
TYR CB  CG   sing N N 351 
TYR CB  HB2  sing N N 352 
TYR CB  HB3  sing N N 353 
TYR CG  CD1  doub Y N 354 
TYR CG  CD2  sing Y N 355 
TYR CD1 CE1  sing Y N 356 
TYR CD1 HD1  sing N N 357 
TYR CD2 CE2  doub Y N 358 
TYR CD2 HD2  sing N N 359 
TYR CE1 CZ   doub Y N 360 
TYR CE1 HE1  sing N N 361 
TYR CE2 CZ   sing Y N 362 
TYR CE2 HE2  sing N N 363 
TYR CZ  OH   sing N N 364 
TYR OH  HH   sing N N 365 
TYR OXT HXT  sing N N 366 
VAL N   CA   sing N N 367 
VAL N   H    sing N N 368 
VAL N   H2   sing N N 369 
VAL CA  C    sing N N 370 
VAL CA  CB   sing N N 371 
VAL CA  HA   sing N N 372 
VAL C   O    doub N N 373 
VAL C   OXT  sing N N 374 
VAL CB  CG1  sing N N 375 
VAL CB  CG2  sing N N 376 
VAL CB  HB   sing N N 377 
VAL CG1 HG11 sing N N 378 
VAL CG1 HG12 sing N N 379 
VAL CG1 HG13 sing N N 380 
VAL CG2 HG21 sing N N 381 
VAL CG2 HG22 sing N N 382 
VAL CG2 HG23 sing N N 383 
VAL OXT HXT  sing N N 384 
# 
_atom_sites.entry_id                    2Q0M 
_atom_sites.fract_transf_matrix[1][1]   0.00476370 
_atom_sites.fract_transf_matrix[1][2]   -0.00979405 
_atom_sites.fract_transf_matrix[1][3]   -0.00628005 
_atom_sites.fract_transf_matrix[2][1]   0.00461845 
_atom_sites.fract_transf_matrix[2][2]   0.00782036 
_atom_sites.fract_transf_matrix[2][3]   -0.00869293 
_atom_sites.fract_transf_matrix[3][1]   0.02334052 
_atom_sites.fract_transf_matrix[3][2]   0.00215694 
_atom_sites.fract_transf_matrix[3][3]   0.01434096 
_atom_sites.fract_transf_vector[1]      -0.002795 
_atom_sites.fract_transf_vector[2]      0.258547 
_atom_sites.fract_transf_vector[3]      0.503852 
# 
loop_
_atom_type.symbol 
C  
CL 
F  
MN 
N  
NA 
O  
S  
# 
loop_
_atom_site.group_PDB 
_atom_site.id 
_atom_site.type_symbol 
_atom_site.label_atom_id 
_atom_site.label_alt_id 
_atom_site.label_comp_id 
_atom_site.label_asym_id 
_atom_site.label_entity_id 
_atom_site.label_seq_id 
_atom_site.pdbx_PDB_ins_code 
_atom_site.Cartn_x 
_atom_site.Cartn_y 
_atom_site.Cartn_z 
_atom_site.occupancy 
_atom_site.B_iso_or_equiv 
_atom_site.pdbx_formal_charge 
_atom_site.auth_seq_id 
_atom_site.auth_comp_id 
_atom_site.auth_asym_id 
_atom_site.auth_atom_id 
_atom_site.pdbx_PDB_model_num 
ATOM   1    N  N   . LYS A 1 1   ? -9.795  -10.076 0.458   1.00 25.23 ? 1   LYS X N   1 
ATOM   2    C  CA  . LYS A 1 1   ? -10.942 -9.176  0.143   1.00 25.57 ? 1   LYS X CA  1 
ATOM   3    C  C   . LYS A 1 1   ? -10.612 -8.301  -1.055  1.00 25.71 ? 1   LYS X C   1 
ATOM   4    O  O   . LYS A 1 1   ? -9.541  -7.696  -1.116  1.00 25.14 ? 1   LYS X O   1 
ATOM   5    C  CB  . LYS A 1 1   ? -11.288 -8.304  1.352   1.00 25.31 ? 1   LYS X CB  1 
ATOM   6    C  CG  . LYS A 1 1   ? -12.412 -7.315  1.106   1.00 25.83 ? 1   LYS X CG  1 
ATOM   7    C  CD  A LYS A 1 1   ? -12.668 -6.464  2.329   0.45 25.27 ? 1   LYS X CD  1 
ATOM   8    C  CD  B LYS A 1 1   ? -12.795 -6.582  2.376   0.55 25.41 ? 1   LYS X CD  1 
ATOM   9    C  CE  A LYS A 1 1   ? -13.825 -5.508  2.092   0.45 25.99 ? 1   LYS X CE  1 
ATOM   10   C  CE  B LYS A 1 1   ? -13.769 -5.440  2.091   0.55 26.21 ? 1   LYS X CE  1 
ATOM   11   N  NZ  A LYS A 1 1   ? -13.997 -4.562  3.221   0.45 25.24 ? 1   LYS X NZ  1 
ATOM   12   N  NZ  B LYS A 1 1   ? -14.944 -5.865  1.274   0.55 25.46 ? 1   LYS X NZ  1 
ATOM   13   N  N   . VAL A 1 2   ? -11.528 -8.244  -2.016  1.00 25.44 ? 2   VAL X N   1 
ATOM   14   C  CA  . VAL A 1 2   ? -11.376 -7.314  -3.118  1.00 25.02 ? 2   VAL X CA  1 
ATOM   15   C  C   . VAL A 1 2   ? -12.280 -6.105  -2.902  1.00 25.30 ? 2   VAL X C   1 
ATOM   16   O  O   . VAL A 1 2   ? -13.507 -6.201  -3.005  1.00 26.22 ? 2   VAL X O   1 
ATOM   17   C  CB  . VAL A 1 2   ? -11.634 -7.964  -4.477  1.00 24.76 ? 2   VAL X CB  1 
ATOM   18   C  CG1 . VAL A 1 2   ? -11.396 -6.958  -5.587  1.00 23.66 ? 2   VAL X CG1 1 
ATOM   19   C  CG2 . VAL A 1 2   ? -10.724 -9.169  -4.658  1.00 24.79 ? 2   VAL X CG2 1 
ATOM   20   N  N   . PHE A 1 3   ? -11.658 -4.980  -2.571  1.00 24.95 ? 3   PHE X N   1 
ATOM   21   C  CA  . PHE A 1 3   ? -12.379 -3.738  -2.303  1.00 24.55 ? 3   PHE X CA  1 
ATOM   22   C  C   . PHE A 1 3   ? -12.949 -3.132  -3.581  1.00 24.74 ? 3   PHE X C   1 
ATOM   23   O  O   . PHE A 1 3   ? -12.363 -3.251  -4.653  1.00 24.05 ? 3   PHE X O   1 
ATOM   24   C  CB  . PHE A 1 3   ? -11.445 -2.711  -1.656  1.00 24.49 ? 3   PHE X CB  1 
ATOM   25   C  CG  . PHE A 1 3   ? -11.297 -2.864  -0.174  1.00 24.09 ? 3   PHE X CG  1 
ATOM   26   C  CD1 . PHE A 1 3   ? -10.393 -3.771  0.361   1.00 24.39 ? 3   PHE X CD1 1 
ATOM   27   C  CD2 . PHE A 1 3   ? -12.047 -2.091  0.690   1.00 24.05 ? 3   PHE X CD2 1 
ATOM   28   C  CE1 . PHE A 1 3   ? -10.256 -3.906  1.730   1.00 24.03 ? 3   PHE X CE1 1 
ATOM   29   C  CE2 . PHE A 1 3   ? -11.912 -2.216  2.055   1.00 22.91 ? 3   PHE X CE2 1 
ATOM   30   C  CZ  . PHE A 1 3   ? -11.018 -3.129  2.579   1.00 24.42 ? 3   PHE X CZ  1 
ATOM   31   N  N   . GLY A 1 4   ? -14.098 -2.473  -3.465  1.00 25.05 ? 4   GLY X N   1 
ATOM   32   C  CA  . GLY A 1 4   ? -14.566 -1.624  -4.548  1.00 25.58 ? 4   GLY X CA  1 
ATOM   33   C  C   . GLY A 1 4   ? -13.796 -0.327  -4.417  1.00 25.24 ? 4   GLY X C   1 
ATOM   34   O  O   . GLY A 1 4   ? -13.231 -0.041  -3.356  1.00 25.40 ? 4   GLY X O   1 
ATOM   35   N  N   . ARG A 1 5   ? -13.778 0.471   -5.479  1.00 25.34 ? 5   ARG X N   1 
ATOM   36   C  CA  . ARG A 1 5   ? -13.029 1.726   -5.463  1.00 24.97 ? 5   ARG X CA  1 
ATOM   37   C  C   . ARG A 1 5   ? -13.403 2.658   -4.297  1.00 24.77 ? 5   ARG X C   1 
ATOM   38   O  O   . ARG A 1 5   ? -12.532 3.095   -3.535  1.00 23.55 ? 5   ARG X O   1 
ATOM   39   C  CB  . ARG A 1 5   ? -13.153 2.448   -6.811  1.00 25.20 ? 5   ARG X CB  1 
ATOM   40   C  CG  . ARG A 1 5   ? -12.339 3.728   -6.914  1.00 26.15 ? 5   ARG X CG  1 
ATOM   41   C  CD  . ARG A 1 5   ? -12.474 4.389   -8.296  1.00 27.88 ? 5   ARG X CD  1 
ATOM   42   N  NE  . ARG A 1 5   ? -13.865 4.647   -8.678  1.00 29.66 ? 5   ARG X NE  1 
ATOM   43   C  CZ  . ARG A 1 5   ? -14.551 5.745   -8.366  1.00 29.22 ? 5   ARG X CZ  1 
ATOM   44   N  NH1 . ARG A 1 5   ? -13.995 6.709   -7.650  1.00 29.90 ? 5   ARG X NH1 1 
ATOM   45   N  NH2 . ARG A 1 5   ? -15.806 5.876   -8.767  1.00 30.21 ? 5   ARG X NH2 1 
ATOM   46   N  N   . CYS A 1 6   ? -14.695 2.958   -4.148  1.00 24.07 ? 6   CYS X N   1 
ATOM   47   C  CA  . CYS A 1 6   ? -15.120 3.896   -3.115  1.00 23.77 ? 6   CYS X CA  1 
ATOM   48   C  C   . CYS A 1 6   ? -15.032 3.310   -1.709  1.00 22.76 ? 6   CYS X C   1 
ATOM   49   O  O   . CYS A 1 6   ? -14.739 4.019   -0.753  1.00 22.36 ? 6   CYS X O   1 
ATOM   50   C  CB  . CYS A 1 6   ? -16.532 4.423   -3.392  1.00 23.91 ? 6   CYS X CB  1 
ATOM   51   S  SG  . CYS A 1 6   ? -16.642 5.449   -4.865  1.00 25.84 ? 6   CYS X SG  1 
ATOM   52   N  N   . GLU A 1 7   ? -15.271 2.012   -1.591  1.00 23.04 ? 7   GLU X N   1 
ATOM   53   C  CA  . GLU A 1 7   ? -15.134 1.325   -0.315  1.00 23.63 ? 7   GLU X CA  1 
ATOM   54   C  C   . GLU A 1 7   ? -13.702 1.483   0.233   1.00 22.95 ? 7   GLU X C   1 
ATOM   55   O  O   . GLU A 1 7   ? -13.500 1.799   1.409   1.00 22.58 ? 7   GLU X O   1 
ATOM   56   C  CB  . GLU A 1 7   ? -15.508 -0.150  -0.482  1.00 24.31 ? 7   GLU X CB  1 
ATOM   57   C  CG  . GLU A 1 7   ? -15.628 -0.917  0.821   1.00 26.94 ? 7   GLU X CG  1 
ATOM   58   C  CD  . GLU A 1 7   ? -15.741 -2.413  0.614   1.00 28.71 ? 7   GLU X CD  1 
ATOM   59   O  OE1 . GLU A 1 7   ? -15.531 -2.892  -0.527  1.00 29.27 ? 7   GLU X OE1 1 
ATOM   60   O  OE2 . GLU A 1 7   ? -16.033 -3.113  1.604   1.00 29.32 ? 7   GLU X OE2 1 
ATOM   61   N  N   . LEU A 1 8   ? -12.709 1.287   -0.630  1.00 22.68 ? 8   LEU X N   1 
ATOM   62   C  CA  . LEU A 1 8   ? -11.321 1.423   -0.205  1.00 21.90 ? 8   LEU X CA  1 
ATOM   63   C  C   . LEU A 1 8   ? -10.950 2.867   0.126   1.00 21.49 ? 8   LEU X C   1 
ATOM   64   O  O   . LEU A 1 8   ? -10.281 3.130   1.132   1.00 20.64 ? 8   LEU X O   1 
ATOM   65   C  CB  . LEU A 1 8   ? -10.354 0.823   -1.235  1.00 22.27 ? 8   LEU X CB  1 
ATOM   66   C  CG  . LEU A 1 8   ? -8.883  0.946   -0.819  1.00 22.52 ? 8   LEU X CG  1 
ATOM   67   C  CD1 . LEU A 1 8   ? -8.614  0.104   0.419   1.00 21.85 ? 8   LEU X CD1 1 
ATOM   68   C  CD2 . LEU A 1 8   ? -7.968  0.544   -1.969  1.00 22.68 ? 8   LEU X CD2 1 
ATOM   69   N  N   . ALA A 1 9   ? -11.382 3.812   -0.706  1.00 21.40 ? 9   ALA X N   1 
ATOM   70   C  CA  . ALA A 1 9   ? -11.152 5.225   -0.387  1.00 21.44 ? 9   ALA X CA  1 
ATOM   71   C  C   . ALA A 1 9   ? -11.667 5.584   1.012   1.00 20.87 ? 9   ALA X C   1 
ATOM   72   O  O   . ALA A 1 9   ? -10.966 6.236   1.793   1.00 19.64 ? 9   ALA X O   1 
ATOM   73   C  CB  . ALA A 1 9   ? -11.773 6.137   -1.452  1.00 22.03 ? 9   ALA X CB  1 
ATOM   74   N  N   . ALA A 1 10  ? -12.889 5.163   1.328   1.00 22.02 ? 10  ALA X N   1 
ATOM   75   C  CA  . ALA A 1 10  ? -13.468 5.428   2.644   1.00 22.39 ? 10  ALA X CA  1 
ATOM   76   C  C   . ALA A 1 10  ? -12.675 4.733   3.751   1.00 22.86 ? 10  ALA X C   1 
ATOM   77   O  O   . ALA A 1 10  ? -12.429 5.314   4.813   1.00 22.45 ? 10  ALA X O   1 
ATOM   78   C  CB  . ALA A 1 10  ? -14.930 5.007   2.687   1.00 22.58 ? 10  ALA X CB  1 
ATOM   79   N  N   . ALA A 1 11  ? -12.259 3.496   3.494   1.00 22.81 ? 11  ALA X N   1 
ATOM   80   C  CA  . ALA A 1 11  ? -11.479 2.751   4.471   1.00 22.81 ? 11  ALA X CA  1 
ATOM   81   C  C   . ALA A 1 11  ? -10.166 3.458   4.755   1.00 23.32 ? 11  ALA X C   1 
ATOM   82   O  O   . ALA A 1 11  ? -9.759  3.612   5.912   1.00 22.92 ? 11  ALA X O   1 
ATOM   83   C  CB  . ALA A 1 11  ? -11.240 1.326   3.993   1.00 23.13 ? 11  ALA X CB  1 
ATOM   84   N  N   . MET A 1 12  ? -9.506  3.894   3.686   1.00 23.06 ? 12  MET X N   1 
ATOM   85   C  CA  . MET A 1 12  ? -8.243  4.592   3.820   1.00 23.20 ? 12  MET X CA  1 
ATOM   86   C  C   . MET A 1 12  ? -8.414  5.911   4.562   1.00 24.09 ? 12  MET X C   1 
ATOM   87   O  O   . MET A 1 12  ? -7.556  6.283   5.355   1.00 24.48 ? 12  MET X O   1 
ATOM   88   C  CB  . MET A 1 12  ? -7.589  4.810   2.454   1.00 22.16 ? 12  MET X CB  1 
ATOM   89   C  CG  . MET A 1 12  ? -7.113  3.512   1.807   1.00 22.61 ? 12  MET X CG  1 
ATOM   90   S  SD  . MET A 1 12  ? -6.440  3.800   0.158   1.00 20.80 ? 12  MET X SD  1 
ATOM   91   C  CE  . MET A 1 12  ? -5.284  2.436   -0.020  1.00 22.01 ? 12  MET X CE  1 
ATOM   92   N  N   . LYS A 1 13  ? -9.525  6.606   4.324   1.00 25.00 ? 13  LYS X N   1 
ATOM   93   C  CA  . LYS A 1 13  ? -9.751  7.895   4.994   1.00 26.30 ? 13  LYS X CA  1 
ATOM   94   C  C   . LYS A 1 13  ? -9.905  7.721   6.509   1.00 26.03 ? 13  LYS X C   1 
ATOM   95   O  O   . LYS A 1 13  ? -9.301  8.448   7.299   1.00 26.12 ? 13  LYS X O   1 
ATOM   96   C  CB  . LYS A 1 13  ? -10.963 8.621   4.405   1.00 27.25 ? 13  LYS X CB  1 
ATOM   97   C  CG  . LYS A 1 13  ? -11.111 10.054  4.904   1.00 28.84 ? 13  LYS X CG  1 
ATOM   98   C  CD  . LYS A 1 13  ? -11.808 10.940  3.887   1.00 30.07 ? 13  LYS X CD  1 
ATOM   99   C  CE  . LYS A 1 13  ? -11.881 12.385  4.375   1.00 30.90 ? 13  LYS X CE  1 
ATOM   100  N  NZ  . LYS A 1 13  ? -13.095 12.166  5.281   0.00 35.60 ? 13  LYS X NZ  1 
ATOM   101  N  N   . ARG A 1 14  ? -10.706 6.746   6.907   1.00 26.30 ? 14  ARG X N   1 
ATOM   102  C  CA  . ARG A 1 14  ? -10.886 6.443   8.314   1.00 27.37 ? 14  ARG X CA  1 
ATOM   103  C  C   . ARG A 1 14  ? -9.556  6.094   8.986   1.00 27.41 ? 14  ARG X C   1 
ATOM   104  O  O   . ARG A 1 14  ? -9.359  6.361   10.174  1.00 27.53 ? 14  ARG X O   1 
ATOM   105  C  CB  . ARG A 1 14  ? -11.859 5.281   8.464   1.00 28.25 ? 14  ARG X CB  1 
ATOM   106  C  CG  . ARG A 1 14  ? -11.802 4.612   9.829   1.00 30.82 ? 14  ARG X CG  1 
ATOM   107  C  CD  . ARG A 1 14  ? -12.731 5.274   10.819  1.00 32.78 ? 14  ARG X CD  1 
ATOM   108  N  NE  . ARG A 1 14  ? -12.761 4.527   12.074  1.00 34.17 ? 14  ARG X NE  1 
ATOM   109  C  CZ  . ARG A 1 14  ? -12.434 5.043   13.253  1.00 34.08 ? 14  ARG X CZ  1 
ATOM   110  N  NH1 . ARG A 1 14  ? -12.076 6.316   13.339  1.00 34.44 ? 14  ARG X NH1 1 
ATOM   111  N  NH2 . ARG A 1 14  ? -12.480 4.292   14.345  1.00 34.00 ? 14  ARG X NH2 1 
ATOM   112  N  N   . HIS A 1 15  ? -8.646  5.496   8.219   1.00 27.60 ? 15  HIS X N   1 
ATOM   113  C  CA  . HIS A 1 15  ? -7.368  5.046   8.765   1.00 27.03 ? 15  HIS X CA  1 
ATOM   114  C  C   . HIS A 1 15  ? -6.269  6.102   8.734   1.00 26.82 ? 15  HIS X C   1 
ATOM   115  O  O   . HIS A 1 15  ? -5.105  5.809   9.032   1.00 26.84 ? 15  HIS X O   1 
ATOM   116  C  CB  . HIS A 1 15  ? -6.917  3.759   8.066   1.00 27.37 ? 15  HIS X CB  1 
ATOM   117  C  CG  . HIS A 1 15  ? -7.557  2.527   8.621   1.00 27.57 ? 15  HIS X CG  1 
ATOM   118  N  ND1 . HIS A 1 15  ? -6.937  1.724   9.553   1.00 28.96 ? 15  HIS X ND1 1 
ATOM   119  C  CD2 . HIS A 1 15  ? -8.769  1.971   8.392   1.00 27.62 ? 15  HIS X CD2 1 
ATOM   120  C  CE1 . HIS A 1 15  ? -7.735  0.721   9.868   1.00 29.00 ? 15  HIS X CE1 1 
ATOM   121  N  NE2 . HIS A 1 15  ? -8.854  0.847   9.177   1.00 29.03 ? 15  HIS X NE2 1 
ATOM   122  N  N   . GLY A 1 16  ? -6.637  7.326   8.359   1.00 26.07 ? 16  GLY X N   1 
ATOM   123  C  CA  . GLY A 1 16  ? -5.733  8.468   8.440   1.00 25.76 ? 16  GLY X CA  1 
ATOM   124  C  C   . GLY A 1 16  ? -4.810  8.714   7.260   1.00 25.54 ? 16  GLY X C   1 
ATOM   125  O  O   . GLY A 1 16  ? -3.846  9.463   7.384   1.00 25.75 ? 16  GLY X O   1 
ATOM   126  N  N   . LEU A 1 17  ? -5.108  8.116   6.108   1.00 25.99 ? 17  LEU X N   1 
ATOM   127  C  CA  . LEU A 1 17  ? -4.250  8.280   4.926   1.00 25.52 ? 17  LEU X CA  1 
ATOM   128  C  C   . LEU A 1 17  ? -4.512  9.541   4.086   1.00 25.55 ? 17  LEU X C   1 
ATOM   129  O  O   . LEU A 1 17  ? -3.644  9.965   3.319   1.00 24.49 ? 17  LEU X O   1 
ATOM   130  C  CB  . LEU A 1 17  ? -4.290  7.036   4.037   1.00 25.69 ? 17  LEU X CB  1 
ATOM   131  C  CG  . LEU A 1 17  ? -3.391  5.861   4.448   1.00 25.18 ? 17  LEU X CG  1 
ATOM   132  C  CD1 . LEU A 1 17  ? -3.586  4.692   3.502   1.00 26.79 ? 17  LEU X CD1 1 
ATOM   133  C  CD2 . LEU A 1 17  ? -1.918  6.264   4.511   1.00 25.43 ? 17  LEU X CD2 1 
ATOM   134  N  N   . ASP A 1 18  ? -5.695  10.138  4.215   1.00 26.12 ? 18  ASP X N   1 
ATOM   135  C  CA  . ASP A 1 18  ? -6.000  11.365  3.466   1.00 26.27 ? 18  ASP X CA  1 
ATOM   136  C  C   . ASP A 1 18  ? -5.076  12.519  3.840   1.00 26.25 ? 18  ASP X C   1 
ATOM   137  O  O   . ASP A 1 18  ? -5.124  13.032  4.962   1.00 25.82 ? 18  ASP X O   1 
ATOM   138  C  CB  . ASP A 1 18  ? -7.462  11.785  3.650   1.00 27.12 ? 18  ASP X CB  1 
ATOM   139  C  CG  . ASP A 1 18  ? -7.911  12.802  2.613   1.00 28.20 ? 18  ASP X CG  1 
ATOM   140  O  OD1 . ASP A 1 18  ? -7.081  13.212  1.774   1.00 28.86 ? 18  ASP X OD1 1 
ATOM   141  O  OD2 . ASP A 1 18  ? -9.103  13.187  2.625   1.00 29.48 ? 18  ASP X OD2 1 
ATOM   142  N  N   . ASN A 1 19  ? -4.241  12.923  2.889   1.00 25.81 ? 19  ASN X N   1 
ATOM   143  C  CA  . ASN A 1 19  ? -3.231  13.955  3.107   1.00 25.98 ? 19  ASN X CA  1 
ATOM   144  C  C   . ASN A 1 19  ? -2.106  13.547  4.053   1.00 24.81 ? 19  ASN X C   1 
ATOM   145  O  O   . ASN A 1 19  ? -1.363  14.400  4.540   1.00 23.85 ? 19  ASN X O   1 
ATOM   146  C  CB  . ASN A 1 19  ? -3.872  15.268  3.575   1.00 27.43 ? 19  ASN X CB  1 
ATOM   147  C  CG  . ASN A 1 19  ? -4.819  15.847  2.548   1.00 30.12 ? 19  ASN X CG  1 
ATOM   148  O  OD1 . ASN A 1 19  ? -4.599  15.708  1.342   1.00 31.78 ? 19  ASN X OD1 1 
ATOM   149  N  ND2 . ASN A 1 19  ? -5.886  16.497  3.017   1.00 32.11 ? 19  ASN X ND2 1 
ATOM   150  N  N   . TYR A 1 20  ? -1.972  12.249  4.319   1.00 23.84 ? 20  TYR X N   1 
ATOM   151  C  CA  . TYR A 1 20  ? -0.862  11.791  5.149   1.00 22.96 ? 20  TYR X CA  1 
ATOM   152  C  C   . TYR A 1 20  ? 0.433   12.047  4.404   1.00 22.98 ? 20  TYR X C   1 
ATOM   153  O  O   . TYR A 1 20  ? 0.585   11.630  3.252   1.00 22.79 ? 20  TYR X O   1 
ATOM   154  C  CB  . TYR A 1 20  ? -0.978  10.309  5.519   1.00 22.49 ? 20  TYR X CB  1 
ATOM   155  C  CG  . TYR A 1 20  ? 0.029   9.898   6.575   1.00 22.41 ? 20  TYR X CG  1 
ATOM   156  C  CD1 . TYR A 1 20  ? -0.296  9.932   7.929   1.00 21.59 ? 20  TYR X CD1 1 
ATOM   157  C  CD2 . TYR A 1 20  ? 1.312   9.489   6.221   1.00 22.08 ? 20  TYR X CD2 1 
ATOM   158  C  CE1 . TYR A 1 20  ? 0.630   9.567   8.903   1.00 22.14 ? 20  TYR X CE1 1 
ATOM   159  C  CE2 . TYR A 1 20  ? 2.239   9.125   7.181   1.00 22.47 ? 20  TYR X CE2 1 
ATOM   160  C  CZ  . TYR A 1 20  ? 1.894   9.161   8.519   1.00 22.09 ? 20  TYR X CZ  1 
ATOM   161  O  OH  . TYR A 1 20  ? 2.824   8.803   9.468   1.00 22.64 ? 20  TYR X OH  1 
ATOM   162  N  N   . ARG A 1 21  ? 1.355   12.734  5.075   1.00 22.61 ? 21  ARG X N   1 
ATOM   163  C  CA  . ARG A 1 21  ? 2.588   13.222  4.460   1.00 22.62 ? 21  ARG X CA  1 
ATOM   164  C  C   . ARG A 1 21  ? 2.291   14.042  3.207   1.00 21.96 ? 21  ARG X C   1 
ATOM   165  O  O   . ARG A 1 21  ? 3.114   14.113  2.300   1.00 21.33 ? 21  ARG X O   1 
ATOM   166  C  CB  . ARG A 1 21  ? 3.543   12.072  4.132   1.00 23.02 ? 21  ARG X CB  1 
ATOM   167  C  CG  . ARG A 1 21  ? 4.332   11.554  5.318   1.00 24.24 ? 21  ARG X CG  1 
ATOM   168  C  CD  . ARG A 1 21  ? 5.432   12.517  5.700   1.00 25.97 ? 21  ARG X CD  1 
ATOM   169  N  NE  . ARG A 1 21  ? 6.098   12.095  7.029   0.00 33.97 ? 21  ARG X NE  1 
ATOM   170  C  CZ  . ARG A 1 21  ? 7.517   12.320  7.985   1.00 43.69 ? 21  ARG X CZ  1 
ATOM   171  N  NH1 . ARG A 1 21  ? 8.345   12.606  6.989   1.00 43.36 ? 21  ARG X NH1 1 
ATOM   172  N  NH2 . ARG A 1 21  ? 7.992   12.137  9.210   1.00 43.65 ? 21  ARG X NH2 1 
ATOM   173  N  N   . GLY A 1 22  ? 1.104   14.643  3.165   1.00 22.08 ? 22  GLY X N   1 
ATOM   174  C  CA  . GLY A 1 22  ? 0.729   15.554  2.080   1.00 20.74 ? 22  GLY X CA  1 
ATOM   175  C  C   . GLY A 1 22  ? 0.144   14.864  0.862   1.00 20.51 ? 22  GLY X C   1 
ATOM   176  O  O   . GLY A 1 22  ? -0.123  15.497  -0.168  1.00 19.69 ? 22  GLY X O   1 
ATOM   177  N  N   . TYR A 1 23  ? -0.051  13.558  0.971   1.00 19.16 ? 23  TYR X N   1 
ATOM   178  C  CA  . TYR A 1 23  ? -0.600  12.793  -0.136  1.00 18.89 ? 23  TYR X CA  1 
ATOM   179  C  C   . TYR A 1 23  ? -2.128  12.642  -0.053  1.00 19.20 ? 23  TYR X C   1 
ATOM   180  O  O   . TYR A 1 23  ? -2.653  11.939  0.814   1.00 19.43 ? 23  TYR X O   1 
ATOM   181  C  CB  . TYR A 1 23  ? 0.100   11.437  -0.222  1.00 18.22 ? 23  TYR X CB  1 
ATOM   182  C  CG  . TYR A 1 23  ? 1.539   11.547  -0.695  1.00 16.22 ? 23  TYR X CG  1 
ATOM   183  C  CD1 . TYR A 1 23  ? 1.839   11.564  -2.051  1.00 16.21 ? 23  TYR X CD1 1 
ATOM   184  C  CD2 . TYR A 1 23  ? 2.597   11.644  0.210   1.00 16.07 ? 23  TYR X CD2 1 
ATOM   185  C  CE1 . TYR A 1 23  ? 3.135   11.669  -2.501  1.00 16.47 ? 23  TYR X CE1 1 
ATOM   186  C  CE2 . TYR A 1 23  ? 3.910   11.743  -0.239  1.00 15.58 ? 23  TYR X CE2 1 
ATOM   187  C  CZ  . TYR A 1 23  ? 4.169   11.760  -1.600  1.00 15.91 ? 23  TYR X CZ  1 
ATOM   188  O  OH  . TYR A 1 23  ? 5.471   11.859  -2.060  1.00 16.81 ? 23  TYR X OH  1 
ATOM   189  N  N   . SER A 1 24  ? -2.837  13.295  -0.973  1.00 20.21 ? 24  SER X N   1 
ATOM   190  C  CA  . SER A 1 24  ? -4.302  13.223  -0.990  1.00 20.14 ? 24  SER X CA  1 
ATOM   191  C  C   . SER A 1 24  ? -4.793  11.804  -1.209  1.00 20.03 ? 24  SER X C   1 
ATOM   192  O  O   . SER A 1 24  ? -4.095  10.970  -1.805  1.00 20.77 ? 24  SER X O   1 
ATOM   193  C  CB  . SER A 1 24  ? -4.893  14.131  -2.070  1.00 21.00 ? 24  SER X CB  1 
ATOM   194  O  OG  . SER A 1 24  ? -4.502  13.708  -3.363  1.00 21.93 ? 24  SER X OG  1 
ATOM   195  N  N   . LEU A 1 25  ? -6.011  11.545  -0.747  1.00 19.19 ? 25  LEU X N   1 
ATOM   196  C  CA  . LEU A 1 25  ? -6.614  10.219  -0.823  1.00 19.28 ? 25  LEU X CA  1 
ATOM   197  C  C   . LEU A 1 25  ? -6.475  9.543   -2.184  1.00 19.26 ? 25  LEU X C   1 
ATOM   198  O  O   . LEU A 1 25  ? -6.137  8.360   -2.256  1.00 19.98 ? 25  LEU X O   1 
ATOM   199  C  CB  . LEU A 1 25  ? -8.089  10.290  -0.431  1.00 19.68 ? 25  LEU X CB  1 
ATOM   200  C  CG  . LEU A 1 25  ? -8.791  8.986   -0.089  1.00 19.10 ? 25  LEU X CG  1 
ATOM   201  C  CD1 . LEU A 1 25  ? -7.969  8.206   0.935   1.00 20.82 ? 25  LEU X CD1 1 
ATOM   202  C  CD2 . LEU A 1 25  ? -10.199 9.271   0.451   1.00 20.24 ? 25  LEU X CD2 1 
ATOM   203  N  N   . GLY A 1 26  ? -6.753  10.275  -3.260  1.00 18.27 ? 26  GLY X N   1 
ATOM   204  C  CA  . GLY A 1 26  ? -6.751  9.678   -4.591  1.00 18.59 ? 26  GLY X CA  1 
ATOM   205  C  C   . GLY A 1 26  ? -5.433  9.011   -4.956  1.00 17.89 ? 26  GLY X C   1 
ATOM   206  O  O   . GLY A 1 26  ? -5.424  8.056   -5.739  1.00 17.43 ? 26  GLY X O   1 
ATOM   207  N  N   . ASN A 1 27  ? -4.332  9.517   -4.392  1.00 18.10 ? 27  ASN X N   1 
ATOM   208  C  CA  . ASN A 1 27  ? -2.982  8.961   -4.623  1.00 18.48 ? 27  ASN X CA  1 
ATOM   209  C  C   . ASN A 1 27  ? -2.851  7.553   -4.057  1.00 18.44 ? 27  ASN X C   1 
ATOM   210  O  O   . ASN A 1 27  ? -2.249  6.678   -4.676  1.00 17.22 ? 27  ASN X O   1 
ATOM   211  C  CB  . ASN A 1 27  ? -1.903  9.825   -3.961  1.00 18.69 ? 27  ASN X CB  1 
ATOM   212  C  CG  . ASN A 1 27  ? -1.525  11.048  -4.783  1.00 19.95 ? 27  ASN X CG  1 
ATOM   213  O  OD1 . ASN A 1 27  ? -0.788  10.951  -5.762  1.00 19.35 ? 27  ASN X OD1 1 
ATOM   214  N  ND2 . ASN A 1 27  ? -1.999  12.216  -4.356  1.00 20.75 ? 27  ASN X ND2 1 
ATOM   215  N  N   . TRP A 1 28  ? -3.404  7.361   -2.864  1.00 18.35 ? 28  TRP X N   1 
ATOM   216  C  CA  . TRP A 1 28  ? -3.368  6.067   -2.194  1.00 17.63 ? 28  TRP X CA  1 
ATOM   217  C  C   . TRP A 1 28  ? -4.265  5.047   -2.900  1.00 17.71 ? 28  TRP X C   1 
ATOM   218  O  O   . TRP A 1 28  ? -3.914  3.871   -3.025  1.00 16.12 ? 28  TRP X O   1 
ATOM   219  C  CB  . TRP A 1 28  ? -3.784  6.234   -0.728  1.00 17.24 ? 28  TRP X CB  1 
ATOM   220  C  CG  . TRP A 1 28  ? -2.848  7.103   0.040   1.00 18.12 ? 28  TRP X CG  1 
ATOM   221  C  CD1 . TRP A 1 28  ? -3.050  8.405   0.407   1.00 18.03 ? 28  TRP X CD1 1 
ATOM   222  C  CD2 . TRP A 1 28  ? -1.556  6.740   0.531   1.00 18.56 ? 28  TRP X CD2 1 
ATOM   223  N  NE1 . TRP A 1 28  ? -1.963  8.870   1.103   1.00 19.00 ? 28  TRP X NE1 1 
ATOM   224  C  CE2 . TRP A 1 28  ? -1.031  7.866   1.194   1.00 17.78 ? 28  TRP X CE2 1 
ATOM   225  C  CE3 . TRP A 1 28  ? -0.791  5.563   0.482   1.00 17.75 ? 28  TRP X CE3 1 
ATOM   226  C  CZ2 . TRP A 1 28  ? 0.224   7.858   1.797   1.00 19.06 ? 28  TRP X CZ2 1 
ATOM   227  C  CZ3 . TRP A 1 28  ? 0.455   5.552   1.088   1.00 18.70 ? 28  TRP X CZ3 1 
ATOM   228  C  CH2 . TRP A 1 28  ? 0.955   6.696   1.729   1.00 19.24 ? 28  TRP X CH2 1 
ATOM   229  N  N   . VAL A 1 29  ? -5.430  5.498   -3.350  1.00 16.65 ? 29  VAL X N   1 
ATOM   230  C  CA  . VAL A 1 29  ? -6.348  4.637   -4.072  1.00 16.89 ? 29  VAL X CA  1 
ATOM   231  C  C   . VAL A 1 29  ? -5.771  4.240   -5.434  1.00 16.53 ? 29  VAL X C   1 
ATOM   232  O  O   . VAL A 1 29  ? -5.825  3.077   -5.830  1.00 16.29 ? 29  VAL X O   1 
ATOM   233  C  CB  . VAL A 1 29  ? -7.724  5.317   -4.257  1.00 17.49 ? 29  VAL X CB  1 
ATOM   234  C  CG1 . VAL A 1 29  ? -8.618  4.473   -5.162  1.00 17.60 ? 29  VAL X CG1 1 
ATOM   235  C  CG2 . VAL A 1 29  ? -8.361  5.577   -2.887  1.00 17.26 ? 29  VAL X CG2 1 
ATOM   236  N  N   . CYS A 1 30  ? -5.216  5.215   -6.146  1.00 16.14 ? 30  CYS X N   1 
ATOM   237  C  CA  . CYS A 1 30  ? -4.563  4.937   -7.424  1.00 16.59 ? 30  CYS X CA  1 
ATOM   238  C  C   . CYS A 1 30  ? -3.453  3.891   -7.247  1.00 16.71 ? 30  CYS X C   1 
ATOM   239  O  O   . CYS A 1 30  ? -3.381  2.917   -8.012  1.00 16.43 ? 30  CYS X O   1 
ATOM   240  C  CB  . CYS A 1 30  ? -3.976  6.216   -8.003  1.00 16.82 ? 30  CYS X CB  1 
ATOM   241  S  SG  . CYS A 1 30  ? -3.250  6.011   -9.637  1.00 18.35 ? 30  CYS X SG  1 
ATOM   242  N  N   . ALA A 1 31  ? -2.609  4.090   -6.232  1.00 16.89 ? 31  ALA X N   1 
ATOM   243  C  CA  . ALA A 1 31  ? -1.504  3.161   -5.932  1.00 16.22 ? 31  ALA X CA  1 
ATOM   244  C  C   . ALA A 1 31  ? -2.012  1.756   -5.663  1.00 16.84 ? 31  ALA X C   1 
ATOM   245  O  O   . ALA A 1 31  ? -1.484  0.781   -6.202  1.00 16.76 ? 31  ALA X O   1 
ATOM   246  C  CB  . ALA A 1 31  ? -0.668  3.651   -4.746  1.00 16.02 ? 31  ALA X CB  1 
ATOM   247  N  N   . ALA A 1 32  ? -3.029  1.645   -4.814  1.00 16.13 ? 32  ALA X N   1 
ATOM   248  C  CA  . ALA A 1 32  ? -3.619  0.331   -4.537  1.00 16.49 ? 32  ALA X CA  1 
ATOM   249  C  C   . ALA A 1 32  ? -4.217  -0.340  -5.780  1.00 16.39 ? 32  ALA X C   1 
ATOM   250  O  O   . ALA A 1 32  ? -4.139  -1.554  -5.928  1.00 17.25 ? 32  ALA X O   1 
ATOM   251  C  CB  . ALA A 1 32  ? -4.647  0.425   -3.406  1.00 17.11 ? 32  ALA X CB  1 
ATOM   252  N  N   . LYS A 1 33  ? -4.805  0.439   -6.685  1.00 16.37 ? 33  LYS X N   1 
ATOM   253  C  CA  . LYS A 1 33  ? -5.357  -0.127  -7.913  1.00 16.49 ? 33  LYS X CA  1 
ATOM   254  C  C   . LYS A 1 33  ? -4.263  -0.803  -8.730  1.00 17.07 ? 33  LYS X C   1 
ATOM   255  O  O   . LYS A 1 33  ? -4.420  -1.923  -9.215  1.00 17.53 ? 33  LYS X O   1 
ATOM   256  C  CB  . LYS A 1 33  ? -6.018  0.968   -8.762  1.00 17.93 ? 33  LYS X CB  1 
ATOM   257  C  CG  . LYS A 1 33  ? -6.412  0.525   -10.163 1.00 18.66 ? 33  LYS X CG  1 
ATOM   258  C  CD  . LYS A 1 33  ? -7.552  -0.496  -10.158 1.00 20.27 ? 33  LYS X CD  1 
ATOM   259  C  CE  . LYS A 1 33  ? -8.026  -0.765  -11.580 1.00 21.95 ? 33  LYS X CE  1 
ATOM   260  N  NZ  . LYS A 1 33  ? -8.886  -1.969  -11.681 1.00 22.85 ? 33  LYS X NZ  1 
ATOM   261  N  N   . PHE A 1 34  ? -3.140  -0.115  -8.878  1.00 16.86 ? 34  PHE X N   1 
ATOM   262  C  CA  . PHE A 1 34  ? -2.110  -0.618  -9.774  1.00 17.90 ? 34  PHE X CA  1 
ATOM   263  C  C   . PHE A 1 34  ? -1.146  -1.572  -9.085  1.00 17.90 ? 34  PHE X C   1 
ATOM   264  O  O   . PHE A 1 34  ? -0.459  -2.346  -9.745  1.00 19.31 ? 34  PHE X O   1 
ATOM   265  C  CB  . PHE A 1 34  ? -1.382  0.531   -10.483 1.00 18.34 ? 34  PHE X CB  1 
ATOM   266  C  CG  . PHE A 1 34  ? -2.266  1.296   -11.441 1.00 19.31 ? 34  PHE X CG  1 
ATOM   267  C  CD1 . PHE A 1 34  ? -2.980  0.623   -12.433 1.00 19.44 ? 34  PHE X CD1 1 
ATOM   268  C  CD2 . PHE A 1 34  ? -2.396  2.674   -11.346 1.00 19.93 ? 34  PHE X CD2 1 
ATOM   269  C  CE1 . PHE A 1 34  ? -3.806  1.311   -13.313 1.00 18.49 ? 34  PHE X CE1 1 
ATOM   270  C  CE2 . PHE A 1 34  ? -3.221  3.371   -12.224 1.00 20.38 ? 34  PHE X CE2 1 
ATOM   271  C  CZ  . PHE A 1 34  ? -3.927  2.689   -13.207 1.00 19.97 ? 34  PHE X CZ  1 
ATOM   272  N  N   . GLU A 1 35  ? -1.094  -1.528  -7.759  1.00 16.88 ? 35  GLU X N   1 
ATOM   273  C  CA  . GLU A 1 35  ? -0.258  -2.487  -7.041  1.00 16.61 ? 35  GLU X CA  1 
ATOM   274  C  C   . GLU A 1 35  ? -0.961  -3.838  -6.886  1.00 17.66 ? 35  GLU X C   1 
ATOM   275  O  O   . GLU A 1 35  ? -0.343  -4.891  -7.056  1.00 16.56 ? 35  GLU X O   1 
ATOM   276  C  CB  . GLU A 1 35  ? 0.178   -1.933  -5.679  1.00 16.16 ? 35  GLU X CB  1 
ATOM   277  C  CG  . GLU A 1 35  ? 1.140   -0.752  -5.764  1.00 17.05 ? 35  GLU X CG  1 
ATOM   278  C  CD  . GLU A 1 35  ? 2.555   -1.149  -6.160  1.00 17.96 ? 35  GLU X CD  1 
ATOM   279  O  OE1 . GLU A 1 35  ? 2.819   -2.363  -6.341  1.00 17.88 ? 35  GLU X OE1 1 
ATOM   280  O  OE2 . GLU A 1 35  ? 3.399   -0.244  -6.293  1.00 18.07 ? 35  GLU X OE2 1 
ATOM   281  N  N   . SER A 1 36  ? -2.262  -3.812  -6.602  1.00 17.87 ? 36  SER X N   1 
ATOM   282  C  CA  . SER A 1 36  ? -2.962  -5.031  -6.207  1.00 18.87 ? 36  SER X CA  1 
ATOM   283  C  C   . SER A 1 36  ? -4.334  -5.224  -6.847  1.00 19.64 ? 36  SER X C   1 
ATOM   284  O  O   . SER A 1 36  ? -5.002  -6.232  -6.603  1.00 20.07 ? 36  SER X O   1 
ATOM   285  C  CB  . SER A 1 36  ? -3.128  -5.021  -4.692  1.00 18.72 ? 36  SER X CB  1 
ATOM   286  O  OG  . SER A 1 36  ? -4.137  -4.095  -4.321  1.00 18.23 ? 36  SER X OG  1 
ATOM   287  N  N   . ASN A 1 37  ? -4.751  -4.270  -7.672  1.00 20.34 ? 37  ASN X N   1 
ATOM   288  C  CA  . ASN A 1 37  ? -6.125  -4.227  -8.164  1.00 22.05 ? 37  ASN X CA  1 
ATOM   289  C  C   . ASN A 1 37  ? -7.123  -4.352  -7.017  1.00 21.04 ? 37  ASN X C   1 
ATOM   290  O  O   . ASN A 1 37  ? -8.129  -5.052  -7.132  1.00 22.43 ? 37  ASN X O   1 
ATOM   291  C  CB  . ASN A 1 37  ? -6.379  -5.289  -9.243  1.00 23.74 ? 37  ASN X CB  1 
ATOM   292  C  CG  . ASN A 1 37  ? -7.549  -4.923  -10.156 1.00 26.07 ? 37  ASN X CG  1 
ATOM   293  O  OD1 . ASN A 1 37  ? -8.160  -3.863  -10.008 1.00 27.81 ? 37  ASN X OD1 1 
ATOM   294  N  ND2 . ASN A 1 37  ? -7.866  -5.807  -11.095 1.00 28.72 ? 37  ASN X ND2 1 
ATOM   295  N  N   . PHE A 1 38  ? -6.819  -3.664  -5.918  1.00 21.11 ? 38  PHE X N   1 
ATOM   296  C  CA  . PHE A 1 38  ? -7.661  -3.598  -4.711  1.00 20.73 ? 38  PHE X CA  1 
ATOM   297  C  C   . PHE A 1 38  ? -7.845  -4.942  -3.994  1.00 20.69 ? 38  PHE X C   1 
ATOM   298  O  O   . PHE A 1 38  ? -8.738  -5.087  -3.161  1.00 20.99 ? 38  PHE X O   1 
ATOM   299  C  CB  . PHE A 1 38  ? -9.049  -3.000  -5.010  1.00 20.54 ? 38  PHE X CB  1 
ATOM   300  C  CG  . PHE A 1 38  ? -9.023  -1.643  -5.686  1.00 20.04 ? 38  PHE X CG  1 
ATOM   301  C  CD1 . PHE A 1 38  ? -8.149  -0.652  -5.274  1.00 20.23 ? 38  PHE X CD1 1 
ATOM   302  C  CD2 . PHE A 1 38  ? -9.919  -1.362  -6.704  1.00 21.22 ? 38  PHE X CD2 1 
ATOM   303  C  CE1 . PHE A 1 38  ? -8.162  0.601   -5.882  1.00 19.96 ? 38  PHE X CE1 1 
ATOM   304  C  CE2 . PHE A 1 38  ? -9.940  -0.118  -7.321  1.00 20.51 ? 38  PHE X CE2 1 
ATOM   305  C  CZ  . PHE A 1 38  ? -9.053  0.862   -6.911  1.00 20.78 ? 38  PHE X CZ  1 
ATOM   306  N  N   . ASN A 1 39  ? -6.988  -5.909  -4.304  1.00 20.39 ? 39  ASN X N   1 
ATOM   307  C  CA  . ASN A 1 39  ? -7.049  -7.227  -3.680  1.00 19.67 ? 39  ASN X CA  1 
ATOM   308  C  C   . ASN A 1 39  ? -6.097  -7.334  -2.463  1.00 19.47 ? 39  ASN X C   1 
ATOM   309  O  O   . ASN A 1 39  ? -4.868  -7.220  -2.603  1.00 19.22 ? 39  ASN X O   1 
ATOM   310  C  CB  . ASN A 1 39  ? -6.741  -8.280  -4.745  1.00 18.95 ? 39  ASN X CB  1 
ATOM   311  C  CG  . ASN A 1 39  ? -6.998  -9.687  -4.272  1.00 19.84 ? 39  ASN X CG  1 
ATOM   312  O  OD1 . ASN A 1 39  ? -7.352  -9.908  -3.115  1.00 19.62 ? 39  ASN X OD1 1 
ATOM   313  N  ND2 . ASN A 1 39  ? -6.839  -10.647 -5.169  1.00 21.29 ? 39  ASN X ND2 1 
ATOM   314  N  N   . THR A 1 40  ? -6.661  -7.533  -1.266  1.00 18.85 ? 40  THR X N   1 
ATOM   315  C  CA  . THR A 1 40  ? -5.844  -7.582  -0.042  1.00 18.55 ? 40  THR X CA  1 
ATOM   316  C  C   . THR A 1 40  ? -4.928  -8.810  0.014   1.00 17.79 ? 40  THR X C   1 
ATOM   317  O  O   . THR A 1 40  ? -3.912  -8.796  0.706   1.00 18.48 ? 40  THR X O   1 
ATOM   318  C  CB  . THR A 1 40  ? -6.677  -7.575  1.261   1.00 19.95 ? 40  THR X CB  1 
ATOM   319  O  OG1 . THR A 1 40  ? -7.363  -8.821  1.399   1.00 19.76 ? 40  THR X OG1 1 
ATOM   320  C  CG2 . THR A 1 40  ? -7.673  -6.417  1.297   1.00 19.22 ? 40  THR X CG2 1 
ATOM   321  N  N   . GLN A 1 41  ? -5.301  -9.863  -0.696  1.00 17.78 ? 41  GLN X N   1 
ATOM   322  C  CA  . GLN A 1 41  ? -4.539  -11.113 -0.660  1.00 18.46 ? 41  GLN X CA  1 
ATOM   323  C  C   . GLN A 1 41  ? -3.471  -11.195 -1.749  1.00 18.38 ? 41  GLN X C   1 
ATOM   324  O  O   . GLN A 1 41  ? -2.878  -12.251 -1.956  1.00 19.00 ? 41  GLN X O   1 
ATOM   325  C  CB  . GLN A 1 41  ? -5.470  -12.315 -0.771  1.00 18.77 ? 41  GLN X CB  1 
ATOM   326  C  CG  . GLN A 1 41  ? -6.510  -12.415 0.322   1.00 20.47 ? 41  GLN X CG  1 
ATOM   327  C  CD  . GLN A 1 41  ? -7.208  -13.755 0.303   1.00 21.62 ? 41  GLN X CD  1 
ATOM   328  O  OE1 . GLN A 1 41  ? -6.692  -14.740 0.832   1.00 22.59 ? 41  GLN X OE1 1 
ATOM   329  N  NE2 . GLN A 1 41  ? -8.368  -13.808 -0.330  1.00 22.08 ? 41  GLN X NE2 1 
ATOM   330  N  N   . ALA A 1 42  ? -3.225  -10.092 -2.451  1.00 18.51 ? 42  ALA X N   1 
ATOM   331  C  CA  . ALA A 1 42  ? -2.232  -10.085 -3.522  1.00 17.75 ? 42  ALA X CA  1 
ATOM   332  C  C   . ALA A 1 42  ? -0.812  -10.319 -2.999  1.00 17.58 ? 42  ALA X C   1 
ATOM   333  O  O   . ALA A 1 42  ? -0.394  -9.712  -2.014  1.00 17.72 ? 42  ALA X O   1 
ATOM   334  C  CB  . ALA A 1 42  ? -2.292  -8.777  -4.307  1.00 18.28 ? 42  ALA X CB  1 
ATOM   335  N  N   . THR A 1 43  ? -0.083  -11.201 -3.681  1.00 17.56 ? 43  THR X N   1 
ATOM   336  C  CA  . THR A 1 43  ? 1.325   -11.456 -3.382  1.00 18.48 ? 43  THR X CA  1 
ATOM   337  C  C   . THR A 1 43  ? 2.093   -11.599 -4.693  1.00 19.15 ? 43  THR X C   1 
ATOM   338  O  O   . THR A 1 43  ? 1.572   -12.144 -5.664  1.00 19.86 ? 43  THR X O   1 
ATOM   339  C  CB  . THR A 1 43  ? 1.530   -12.741 -2.556  1.00 18.24 ? 43  THR X CB  1 
ATOM   340  O  OG1 . THR A 1 43  ? 1.082   -13.874 -3.309  1.00 19.01 ? 43  THR X OG1 1 
ATOM   341  C  CG2 . THR A 1 43  ? 0.792   -12.676 -1.226  1.00 19.95 ? 43  THR X CG2 1 
ATOM   342  N  N   . ASN A 1 44  ? 3.325   -11.102 -4.724  1.00 18.83 ? 44  ASN X N   1 
ATOM   343  C  CA  . ASN A 1 44  ? 4.165   -11.217 -5.911  1.00 19.76 ? 44  ASN X CA  1 
ATOM   344  C  C   . ASN A 1 44  ? 5.636   -11.401 -5.521  1.00 19.51 ? 44  ASN X C   1 
ATOM   345  O  O   . ASN A 1 44  ? 6.176   -10.616 -4.741  1.00 19.08 ? 44  ASN X O   1 
ATOM   346  C  CB  . ASN A 1 44  ? 3.972   -9.997  -6.821  1.00 20.34 ? 44  ASN X CB  1 
ATOM   347  C  CG  . ASN A 1 44  ? 2.588   -9.969  -7.488  1.00 22.20 ? 44  ASN X CG  1 
ATOM   348  O  OD1 . ASN A 1 44  ? 1.713   -9.165  -7.129  1.00 23.96 ? 44  ASN X OD1 1 
ATOM   349  N  ND2 . ASN A 1 44  ? 2.389   -10.845 -8.458  1.00 21.17 ? 44  ASN X ND2 1 
ATOM   350  N  N   . ARG A 1 45  ? 6.266   -12.454 -6.042  1.00 20.34 ? 45  ARG X N   1 
ATOM   351  C  CA  . ARG A 1 45  ? 7.689   -12.734 -5.765  1.00 20.64 ? 45  ARG X CA  1 
ATOM   352  C  C   . ARG A 1 45  ? 8.611   -11.863 -6.614  1.00 20.84 ? 45  ARG X C   1 
ATOM   353  O  O   . ARG A 1 45  ? 8.425   -11.736 -7.830  1.00 20.45 ? 45  ARG X O   1 
ATOM   354  C  CB  . ARG A 1 45  ? 8.019   -14.208 -6.030  1.00 21.62 ? 45  ARG X CB  1 
ATOM   355  C  CG  . ARG A 1 45  ? 9.313   -14.712 -5.347  1.00 22.76 ? 45  ARG X CG  1 
ATOM   356  C  CD  . ARG A 1 45  ? 9.050   -14.986 -3.864  1.00 25.56 ? 45  ARG X CD  1 
ATOM   357  N  NE  . ARG A 1 45  ? 10.238  -15.277 -3.055  1.00 28.59 ? 45  ARG X NE  1 
ATOM   358  C  CZ  . ARG A 1 45  ? 10.631  -16.501 -2.698  1.00 30.13 ? 45  ARG X CZ  1 
ATOM   359  N  NH1 . ARG A 1 45  ? 9.951   -17.571 -3.101  1.00 31.07 ? 45  ARG X NH1 1 
ATOM   360  N  NH2 . ARG A 1 45  ? 11.707  -16.663 -1.935  1.00 29.86 ? 45  ARG X NH2 1 
ATOM   361  N  N   . ASN A 1 46  ? 9.616   -11.279 -5.973  1.00 20.65 ? 46  ASN X N   1 
ATOM   362  C  CA  . ASN A 1 46  ? 10.617  -10.495 -6.680  1.00 21.87 ? 46  ASN X CA  1 
ATOM   363  C  C   . ASN A 1 46  ? 11.796  -11.378 -7.063  1.00 22.75 ? 46  ASN X C   1 
ATOM   364  O  O   . ASN A 1 46  ? 12.031  -12.413 -6.442  1.00 22.74 ? 46  ASN X O   1 
ATOM   365  C  CB  . ASN A 1 46  ? 11.078  -9.326  -5.808  1.00 21.78 ? 46  ASN X CB  1 
ATOM   366  C  CG  . ASN A 1 46  ? 9.918   -8.492  -5.294  1.00 22.84 ? 46  ASN X CG  1 
ATOM   367  O  OD1 . ASN A 1 46  ? 9.817   -8.203  -4.092  1.00 24.09 ? 46  ASN X OD1 1 
ATOM   368  N  ND2 . ASN A 1 46  ? 9.026   -8.115  -6.196  1.00 22.48 ? 46  ASN X ND2 1 
ATOM   369  N  N   . THR A 1 47  ? 12.551  -10.966 -8.076  1.00 24.96 ? 47  THR X N   1 
ATOM   370  C  CA  . THR A 1 47  ? 13.654  -11.796 -8.555  1.00 26.94 ? 47  THR X CA  1 
ATOM   371  C  C   . THR A 1 47  ? 14.725  -11.975 -7.477  1.00 26.76 ? 47  THR X C   1 
ATOM   372  O  O   . THR A 1 47  ? 15.498  -12.930 -7.523  1.00 27.67 ? 47  THR X O   1 
ATOM   373  C  CB  . THR A 1 47  ? 14.299  -11.240 -9.839  1.00 27.43 ? 47  THR X CB  1 
ATOM   374  O  OG1 . THR A 1 47  ? 15.283  -10.254 -9.504  1.00 30.04 ? 47  THR X OG1 1 
ATOM   375  C  CG2 . THR A 1 47  ? 13.242  -10.636 -10.768 1.00 28.83 ? 47  THR X CG2 1 
ATOM   376  N  N   . ASP A 1 48  ? 14.750  -11.070 -6.503  1.00 26.83 ? 48  ASP X N   1 
ATOM   377  C  CA  . ASP A 1 48  ? 15.737  -11.120 -5.427  1.00 26.89 ? 48  ASP X CA  1 
ATOM   378  C  C   . ASP A 1 48  ? 15.356  -12.025 -4.257  1.00 26.53 ? 48  ASP X C   1 
ATOM   379  O  O   . ASP A 1 48  ? 16.114  -12.134 -3.285  1.00 27.14 ? 48  ASP X O   1 
ATOM   380  C  CB  . ASP A 1 48  ? 16.036  -9.712  -4.907  1.00 27.77 ? 48  ASP X CB  1 
ATOM   381  C  CG  . ASP A 1 48  ? 14.793  -8.989  -4.447  1.00 29.29 ? 48  ASP X CG  1 
ATOM   382  O  OD1 . ASP A 1 48  ? 14.175  -9.428  -3.454  1.00 29.44 ? 48  ASP X OD1 1 
ATOM   383  O  OD2 . ASP A 1 48  ? 14.424  -7.987  -5.094  1.00 31.28 ? 48  ASP X OD2 1 
ATOM   384  N  N   . GLY A 1 49  ? 14.185  -12.654 -4.335  1.00 24.32 ? 49  GLY X N   1 
ATOM   385  C  CA  . GLY A 1 49  ? 13.759  -13.603 -3.315  1.00 22.15 ? 49  GLY X CA  1 
ATOM   386  C  C   . GLY A 1 49  ? 12.794  -13.035 -2.291  1.00 20.54 ? 49  GLY X C   1 
ATOM   387  O  O   . GLY A 1 49  ? 12.193  -13.771 -1.512  1.00 20.20 ? 49  GLY X O   1 
ATOM   388  N  N   . SER A 1 50  ? 12.646  -11.715 -2.285  1.00 19.46 ? 50  SER X N   1 
ATOM   389  C  CA  . SER A 1 50  ? 11.665  -11.075 -1.412  1.00 17.66 ? 50  SER X CA  1 
ATOM   390  C  C   . SER A 1 50  ? 10.281  -11.192 -2.034  1.00 16.69 ? 50  SER X C   1 
ATOM   391  O  O   . SER A 1 50  ? 10.133  -11.585 -3.199  1.00 15.95 ? 50  SER X O   1 
ATOM   392  C  CB  . SER A 1 50  ? 12.015  -9.606  -1.187  1.00 16.42 ? 50  SER X CB  1 
ATOM   393  O  OG  . SER A 1 50  ? 11.955  -8.891  -2.417  1.00 19.69 ? 50  SER X OG  1 
ATOM   394  N  N   . THR A 1 51  ? 9.267   -10.841 -1.255  1.00 16.39 ? 51  THR X N   1 
ATOM   395  C  CA  . THR A 1 51  ? 7.879   -10.946 -1.716  1.00 16.12 ? 51  THR X CA  1 
ATOM   396  C  C   . THR A 1 51  ? 7.096   -9.678  -1.358  1.00 16.39 ? 51  THR X C   1 
ATOM   397  O  O   . THR A 1 51  ? 7.269   -9.127  -0.266  1.00 17.36 ? 51  THR X O   1 
ATOM   398  C  CB  . THR A 1 51  ? 7.200   -12.189 -1.094  1.00 16.47 ? 51  THR X CB  1 
ATOM   399  O  OG1 . THR A 1 51  ? 7.940   -13.370 -1.440  1.00 15.17 ? 51  THR X OG1 1 
ATOM   400  C  CG2 . THR A 1 51  ? 5.770   -12.344 -1.597  1.00 14.85 ? 51  THR X CG2 1 
ATOM   401  N  N   . ASP A 1 52  ? 6.259   -9.206  -2.284  1.00 16.70 ? 52  ASP X N   1 
ATOM   402  C  CA  . ASP A 1 52  ? 5.351   -8.082  -2.030  1.00 16.96 ? 52  ASP X CA  1 
ATOM   403  C  C   . ASP A 1 52  ? 3.990   -8.579  -1.526  1.00 16.38 ? 52  ASP X C   1 
ATOM   404  O  O   . ASP A 1 52  ? 3.419   -9.531  -2.070  1.00 15.52 ? 52  ASP X O   1 
ATOM   405  C  CB  . ASP A 1 52  ? 5.140   -7.247  -3.298  1.00 17.29 ? 52  ASP X CB  1 
ATOM   406  C  CG  . ASP A 1 52  ? 6.420   -6.573  -3.794  1.00 19.41 ? 52  ASP X CG  1 
ATOM   407  O  OD1 . ASP A 1 52  ? 7.408   -6.483  -3.043  1.00 19.07 ? 52  ASP X OD1 1 
ATOM   408  O  OD2 . ASP A 1 52  ? 6.423   -6.112  -4.957  1.00 21.28 ? 52  ASP X OD2 1 
ATOM   409  N  N   . TYR A 1 53  ? 3.459   -7.917  -0.494  1.00 17.18 ? 53  TYR X N   1 
ATOM   410  C  CA  . TYR A 1 53  ? 2.228   -8.369  0.137   1.00 17.67 ? 53  TYR X CA  1 
ATOM   411  C  C   . TYR A 1 53  ? 1.149   -7.296  0.211   1.00 17.20 ? 53  TYR X C   1 
ATOM   412  O  O   . TYR A 1 53  ? 1.417   -6.161  0.598   1.00 17.77 ? 53  TYR X O   1 
ATOM   413  C  CB  . TYR A 1 53  ? 2.510   -8.823  1.569   1.00 18.11 ? 53  TYR X CB  1 
ATOM   414  C  CG  . TYR A 1 53  ? 3.414   -10.020 1.667   1.00 17.68 ? 53  TYR X CG  1 
ATOM   415  C  CD1 . TYR A 1 53  ? 4.794   -9.873  1.644   1.00 17.92 ? 53  TYR X CD1 1 
ATOM   416  C  CD2 . TYR A 1 53  ? 2.885   -11.297 1.761   1.00 19.75 ? 53  TYR X CD2 1 
ATOM   417  C  CE1 . TYR A 1 53  ? 5.635   -10.981 1.730   1.00 18.21 ? 53  TYR X CE1 1 
ATOM   418  C  CE2 . TYR A 1 53  ? 3.712   -12.402 1.848   1.00 19.07 ? 53  TYR X CE2 1 
ATOM   419  C  CZ  . TYR A 1 53  ? 5.079   -12.234 1.828   1.00 18.86 ? 53  TYR X CZ  1 
ATOM   420  O  OH  . TYR A 1 53  ? 5.888   -13.339 1.920   1.00 20.03 ? 53  TYR X OH  1 
ATOM   421  N  N   . GLY A 1 54  ? -0.071  -7.680  -0.130  1.00 17.04 ? 54  GLY X N   1 
ATOM   422  C  CA  . GLY A 1 54  ? -1.230  -6.889  0.253   1.00 17.22 ? 54  GLY X CA  1 
ATOM   423  C  C   . GLY A 1 54  ? -1.609  -5.818  -0.741  1.00 17.81 ? 54  GLY X C   1 
ATOM   424  O  O   . GLY A 1 54  ? -1.049  -5.724  -1.827  1.00 17.15 ? 54  GLY X O   1 
ATOM   425  N  N   . ILE A 1 55  ? -2.582  -5.007  -0.347  1.00 18.48 ? 55  ILE X N   1 
ATOM   426  C  CA  . ILE A 1 55  ? -3.200  -4.040  -1.232  1.00 18.92 ? 55  ILE X CA  1 
ATOM   427  C  C   . ILE A 1 55  ? -2.176  -2.989  -1.720  1.00 17.88 ? 55  ILE X C   1 
ATOM   428  O  O   . ILE A 1 55  ? -2.321  -2.428  -2.807  1.00 17.23 ? 55  ILE X O   1 
ATOM   429  C  CB  . ILE A 1 55  ? -4.445  -3.420  -0.528  1.00 19.80 ? 55  ILE X CB  1 
ATOM   430  C  CG1 . ILE A 1 55  ? -5.518  -3.024  -1.548  1.00 22.79 ? 55  ILE X CG1 1 
ATOM   431  C  CG2 . ILE A 1 55  ? -4.037  -2.302  0.445   1.00 21.26 ? 55  ILE X CG2 1 
ATOM   432  C  CD1 . ILE A 1 55  ? -6.933  -3.096  -0.992  1.00 24.51 ? 55  ILE X CD1 1 
ATOM   433  N  N   . LEU A 1 56  ? -1.122  -2.762  -0.940  1.00 17.08 ? 56  LEU X N   1 
ATOM   434  C  CA  . LEU A 1 56  ? -0.062  -1.839  -1.340  1.00 15.99 ? 56  LEU X CA  1 
ATOM   435  C  C   . LEU A 1 56  ? 1.291   -2.533  -1.572  1.00 16.06 ? 56  LEU X C   1 
ATOM   436  O  O   . LEU A 1 56  ? 2.321   -1.885  -1.648  1.00 15.73 ? 56  LEU X O   1 
ATOM   437  C  CB  . LEU A 1 56  ? 0.073   -0.689  -0.335  1.00 16.73 ? 56  LEU X CB  1 
ATOM   438  C  CG  . LEU A 1 56  ? -1.130  0.255   -0.289  1.00 16.72 ? 56  LEU X CG  1 
ATOM   439  C  CD1 . LEU A 1 56  ? -0.985  1.202   0.884   1.00 17.06 ? 56  LEU X CD1 1 
ATOM   440  C  CD2 . LEU A 1 56  ? -1.266  1.013   -1.606  1.00 17.76 ? 56  LEU X CD2 1 
ATOM   441  N  N   . GLN A 1 57  ? 1.265   -3.856  -1.686  1.00 16.01 ? 57  GLN X N   1 
ATOM   442  C  CA  . GLN A 1 57  ? 2.437   -4.611  -2.137  1.00 16.00 ? 57  GLN X CA  1 
ATOM   443  C  C   . GLN A 1 57  ? 3.733   -4.237  -1.433  1.00 16.82 ? 57  GLN X C   1 
ATOM   444  O  O   . GLN A 1 57  ? 4.747   -3.956  -2.064  1.00 16.39 ? 57  GLN X O   1 
ATOM   445  C  CB  . GLN A 1 57  ? 2.582   -4.480  -3.645  1.00 16.85 ? 57  GLN X CB  1 
ATOM   446  C  CG  . GLN A 1 57  ? 1.474   -5.193  -4.349  1.00 15.72 ? 57  GLN X CG  1 
ATOM   447  C  CD  . GLN A 1 57  ? 1.606   -6.690  -4.229  1.00 16.21 ? 57  GLN X CD  1 
ATOM   448  O  OE1 . GLN A 1 57  ? 2.326   -7.318  -5.013  1.00 16.34 ? 57  GLN X OE1 1 
ATOM   449  N  NE2 . GLN A 1 57  ? 0.899   -7.281  -3.268  1.00 14.39 ? 57  GLN X NE2 1 
ATOM   450  N  N   . ILE A 1 58  ? 3.669   -4.260  -0.109  1.00 17.37 ? 58  ILE X N   1 
ATOM   451  C  CA  . ILE A 1 58  ? 4.795   -3.947  0.756   1.00 18.24 ? 58  ILE X CA  1 
ATOM   452  C  C   . ILE A 1 58  ? 5.777   -5.114  0.764   1.00 18.91 ? 58  ILE X C   1 
ATOM   453  O  O   . ILE A 1 58  ? 5.372   -6.267  0.938   1.00 17.32 ? 58  ILE X O   1 
ATOM   454  C  CB  . ILE A 1 58  ? 4.289   -3.614  2.171   1.00 18.07 ? 58  ILE X CB  1 
ATOM   455  C  CG1 . ILE A 1 58  ? 3.554   -2.264  2.152   1.00 19.93 ? 58  ILE X CG1 1 
ATOM   456  C  CG2 . ILE A 1 58  ? 5.430   -3.617  3.186   1.00 20.35 ? 58  ILE X CG2 1 
ATOM   457  C  CD1 . ILE A 1 58  ? 2.727   -1.978  3.409   1.00 21.04 ? 58  ILE X CD1 1 
ATOM   458  N  N   . ASN A 1 59  ? 7.056   -4.779  0.578   1.00 19.45 ? 59  ASN X N   1 
ATOM   459  C  CA  . ASN A 1 59  ? 8.154   -5.718  0.314   1.00 20.84 ? 59  ASN X CA  1 
ATOM   460  C  C   . ASN A 1 59  ? 8.787   -6.291  1.586   1.00 21.60 ? 59  ASN X C   1 
ATOM   461  O  O   . ASN A 1 59  ? 9.170   -5.551  2.495   1.00 22.30 ? 59  ASN X O   1 
ATOM   462  C  CB  . ASN A 1 59  ? 9.219   -4.991  -0.522  1.00 21.34 ? 59  ASN X CB  1 
ATOM   463  C  CG  . ASN A 1 59  ? 10.204  -5.931  -1.194  1.00 21.92 ? 59  ASN X CG  1 
ATOM   464  O  OD1 . ASN A 1 59  ? 10.429  -7.041  -0.738  1.00 23.43 ? 59  ASN X OD1 1 
ATOM   465  N  ND2 . ASN A 1 59  ? 10.800  -5.473  -2.291  1.00 24.11 ? 59  ASN X ND2 1 
ATOM   466  N  N   . SER A 1 60  ? 8.910   -7.613  1.639   1.00 21.36 ? 60  SER X N   1 
ATOM   467  C  CA  . SER A 1 60  ? 9.536   -8.285  2.768   1.00 21.73 ? 60  SER X CA  1 
ATOM   468  C  C   . SER A 1 60  ? 11.034  -7.966  2.900   1.00 22.85 ? 60  SER X C   1 
ATOM   469  O  O   . SER A 1 60  ? 11.643  -8.312  3.905   1.00 23.89 ? 60  SER X O   1 
ATOM   470  C  CB  . SER A 1 60  ? 9.367   -9.796  2.627   1.00 20.73 ? 60  SER X CB  1 
ATOM   471  O  OG  . SER A 1 60  ? 10.058  -10.229 1.468   1.00 19.78 ? 60  SER X OG  1 
ATOM   472  N  N   . ARG A 1 61  ? 11.618  -7.324  1.891   1.00 24.29 ? 61  ARG X N   1 
ATOM   473  C  CA  . ARG A 1 61  ? 13.033  -6.944  1.914   1.00 25.61 ? 61  ARG X CA  1 
ATOM   474  C  C   . ARG A 1 61  ? 13.323  -6.013  3.091   1.00 26.23 ? 61  ARG X C   1 
ATOM   475  O  O   . ARG A 1 61  ? 14.358  -6.125  3.749   1.00 26.49 ? 61  ARG X O   1 
ATOM   476  C  CB  . ARG A 1 61  ? 13.414  -6.284  0.580   1.00 26.75 ? 61  ARG X CB  1 
ATOM   477  C  CG  . ARG A 1 61  ? 14.843  -5.760  0.471   1.00 28.44 ? 61  ARG X CG  1 
ATOM   478  C  CD  . ARG A 1 61  ? 15.870  -6.855  0.689   1.00 30.41 ? 61  ARG X CD  1 
ATOM   479  N  NE  . ARG A 1 61  ? 15.738  -7.969  -0.249  1.00 32.83 ? 61  ARG X NE  1 
ATOM   480  C  CZ  . ARG A 1 61  ? 16.421  -9.107  -0.143  1.00 33.21 ? 61  ARG X CZ  1 
ATOM   481  N  NH1 . ARG A 1 61  ? 17.282  -9.273  0.854   1.00 34.96 ? 61  ARG X NH1 1 
ATOM   482  N  NH2 . ARG A 1 61  ? 16.250  -10.081 -1.026  1.00 33.19 ? 61  ARG X NH2 1 
ATOM   483  N  N   . TRP A 1 62  ? 12.384  -5.116  3.376   1.00 25.54 ? 62  TRP X N   1 
ATOM   484  C  CA  . TRP A 1 62  ? 12.588  -4.101  4.405   1.00 25.33 ? 62  TRP X CA  1 
ATOM   485  C  C   . TRP A 1 62  ? 11.551  -4.107  5.523   1.00 24.34 ? 62  TRP X C   1 
ATOM   486  O  O   . TRP A 1 62  ? 11.892  -3.864  6.680   1.00 24.20 ? 62  TRP X O   1 
ATOM   487  C  CB  . TRP A 1 62  ? 12.622  -2.703  3.771   1.00 26.00 ? 62  TRP X CB  1 
ATOM   488  C  CG  . TRP A 1 62  ? 13.629  -2.545  2.672   1.00 28.64 ? 62  TRP X CG  1 
ATOM   489  C  CD1 . TRP A 1 62  ? 14.983  -2.453  2.812   1.00 29.81 ? 62  TRP X CD1 1 
ATOM   490  C  CD2 . TRP A 1 62  ? 13.363  -2.445  1.262   1.00 29.88 ? 62  TRP X CD2 1 
ATOM   491  N  NE1 . TRP A 1 62  ? 15.578  -2.311  1.580   1.00 31.09 ? 62  TRP X NE1 1 
ATOM   492  C  CE2 . TRP A 1 62  ? 14.608  -2.298  0.612   1.00 30.76 ? 62  TRP X CE2 1 
ATOM   493  C  CE3 . TRP A 1 62  ? 12.196  -2.467  0.488   1.00 30.61 ? 62  TRP X CE3 1 
ATOM   494  C  CZ2 . TRP A 1 62  ? 14.722  -2.177  -0.780  1.00 31.39 ? 62  TRP X CZ2 1 
ATOM   495  C  CZ3 . TRP A 1 62  ? 12.310  -2.340  -0.899  1.00 31.33 ? 62  TRP X CZ3 1 
ATOM   496  C  CH2 . TRP A 1 62  ? 13.564  -2.200  -1.516  1.00 31.55 ? 62  TRP X CH2 1 
ATOM   497  N  N   . TRP A 1 63  ? 10.293  -4.388  5.192   1.00 22.78 ? 63  TRP X N   1 
ATOM   498  C  CA  . TRP A 1 63  ? 9.177   -3.930  6.037   1.00 21.81 ? 63  TRP X CA  1 
ATOM   499  C  C   . TRP A 1 63  ? 8.448   -4.974  6.886   1.00 21.47 ? 63  TRP X C   1 
ATOM   500  O  O   . TRP A 1 63  ? 7.867   -4.631  7.912   1.00 23.08 ? 63  TRP X O   1 
ATOM   501  C  CB  . TRP A 1 63  ? 8.165   -3.131  5.198   1.00 21.25 ? 63  TRP X CB  1 
ATOM   502  C  CG  . TRP A 1 63  ? 8.815   -2.074  4.370   1.00 20.60 ? 63  TRP X CG  1 
ATOM   503  C  CD1 . TRP A 1 63  ? 9.030   -2.096  3.029   1.00 20.73 ? 63  TRP X CD1 1 
ATOM   504  C  CD2 . TRP A 1 63  ? 9.365   -0.843  4.846   1.00 20.33 ? 63  TRP X CD2 1 
ATOM   505  N  NE1 . TRP A 1 63  ? 9.680   -0.950  2.634   1.00 20.60 ? 63  TRP X NE1 1 
ATOM   506  C  CE2 . TRP A 1 63  ? 9.897   -0.164  3.734   1.00 21.24 ? 63  TRP X CE2 1 
ATOM   507  C  CE3 . TRP A 1 63  ? 9.462   -0.251  6.109   1.00 21.71 ? 63  TRP X CE3 1 
ATOM   508  C  CZ2 . TRP A 1 63  ? 10.516  1.082   3.844   1.00 21.05 ? 63  TRP X CZ2 1 
ATOM   509  C  CZ3 . TRP A 1 63  ? 10.070  0.989   6.216   1.00 20.69 ? 63  TRP X CZ3 1 
ATOM   510  C  CH2 . TRP A 1 63  ? 10.587  1.640   5.089   1.00 21.61 ? 63  TRP X CH2 1 
ATOM   511  N  N   . CYS A 1 64  ? 8.469   -6.238  6.477   1.00 20.54 ? 64  CYS X N   1 
ATOM   512  C  CA  . CYS A 1 64  ? 7.742   -7.264  7.221   1.00 20.12 ? 64  CYS X CA  1 
ATOM   513  C  C   . CYS A 1 64  ? 8.522   -8.571  7.205   1.00 20.23 ? 64  CYS X C   1 
ATOM   514  O  O   . CYS A 1 64  ? 9.423   -8.739  6.383   1.00 20.09 ? 64  CYS X O   1 
ATOM   515  C  CB  . CYS A 1 64  ? 6.340   -7.466  6.641   1.00 20.30 ? 64  CYS X CB  1 
ATOM   516  S  SG  . CYS A 1 64  ? 6.321   -8.052  4.933   1.00 19.56 ? 64  CYS X SG  1 
ATOM   517  N  N   . ASN A 1 65  ? 8.198   -9.477  8.120   1.00 21.36 ? 65  ASN X N   1 
ATOM   518  C  CA  . ASN A 1 65  ? 8.883   -10.769 8.159   1.00 21.96 ? 65  ASN X CA  1 
ATOM   519  C  C   . ASN A 1 65  ? 8.036   -11.898 7.606   1.00 21.32 ? 65  ASN X C   1 
ATOM   520  O  O   . ASN A 1 65  ? 6.894   -12.086 8.024   1.00 21.79 ? 65  ASN X O   1 
ATOM   521  C  CB  . ASN A 1 65  ? 9.327   -11.131 9.576   1.00 23.10 ? 65  ASN X CB  1 
ATOM   522  C  CG  . ASN A 1 65  ? 10.022  -12.488 9.626   1.00 23.93 ? 65  ASN X CG  1 
ATOM   523  O  OD1 . ASN A 1 65  ? 11.115  -12.657 9.084   1.00 25.86 ? 65  ASN X OD1 1 
ATOM   524  N  ND2 . ASN A 1 65  ? 9.375   -13.459 10.241  1.00 24.90 ? 65  ASN X ND2 1 
ATOM   525  N  N   . ASP A 1 66  ? 8.614   -12.653 6.674   1.00 21.16 ? 66  ASP X N   1 
ATOM   526  C  CA  . ASP A 1 66  ? 7.960   -13.829 6.130   1.00 21.54 ? 66  ASP X CA  1 
ATOM   527  C  C   . ASP A 1 66  ? 8.796   -15.093 6.328   1.00 22.15 ? 66  ASP X C   1 
ATOM   528  O  O   . ASP A 1 66  ? 8.390   -16.171 5.915   1.00 22.58 ? 66  ASP X O   1 
ATOM   529  C  CB  . ASP A 1 66  ? 7.606   -13.646 4.647   1.00 20.47 ? 66  ASP X CB  1 
ATOM   530  C  CG  . ASP A 1 66  ? 8.821   -13.428 3.756   1.00 21.33 ? 66  ASP X CG  1 
ATOM   531  O  OD1 . ASP A 1 66  ? 9.982   -13.586 4.210   1.00 21.59 ? 66  ASP X OD1 1 
ATOM   532  O  OD2 . ASP A 1 66  ? 8.606   -13.093 2.566   1.00 20.82 ? 66  ASP X OD2 1 
ATOM   533  N  N   . GLY A 1 67  ? 9.960   -14.943 6.949   1.00 23.57 ? 67  GLY X N   1 
ATOM   534  C  CA  . GLY A 1 67  ? 10.813  -16.091 7.291   1.00 24.15 ? 67  GLY X CA  1 
ATOM   535  C  C   . GLY A 1 67  ? 11.595  -16.676 6.129   1.00 25.23 ? 67  GLY X C   1 
ATOM   536  O  O   . GLY A 1 67  ? 12.273  -17.692 6.285   1.00 26.23 ? 67  GLY X O   1 
ATOM   537  N  N   . ARG A 1 68  ? 11.505  -16.054 4.957   1.00 24.83 ? 68  ARG X N   1 
ATOM   538  C  CA  . ARG A 1 68  ? 12.174  -16.587 3.775   1.00 25.44 ? 68  ARG X CA  1 
ATOM   539  C  C   . ARG A 1 68  ? 12.766  -15.503 2.890   1.00 24.44 ? 68  ARG X C   1 
ATOM   540  O  O   . ARG A 1 68  ? 12.829  -15.653 1.667   1.00 24.99 ? 68  ARG X O   1 
ATOM   541  C  CB  . ARG A 1 68  ? 11.207  -17.445 2.951   1.00 26.09 ? 68  ARG X CB  1 
ATOM   542  C  CG  . ARG A 1 68  ? 10.077  -16.655 2.310   1.00 27.64 ? 68  ARG X CG  1 
ATOM   543  C  CD  . ARG A 1 68  ? 9.444   -17.459 1.197   1.00 28.72 ? 68  ARG X CD  1 
ATOM   544  N  NE  . ARG A 1 68  ? 8.749   -16.625 0.233   1.00 29.79 ? 68  ARG X NE  1 
ATOM   545  C  CZ  . ARG A 1 68  ? 7.840   -17.075 -0.630  1.00 31.47 ? 68  ARG X CZ  1 
ATOM   546  N  NH1 . ARG A 1 68  ? 7.517   -18.367 -0.649  1.00 30.51 ? 68  ARG X NH1 1 
ATOM   547  N  NH2 . ARG A 1 68  ? 7.248   -16.231 -1.473  1.00 29.66 ? 68  ARG X NH2 1 
ATOM   548  N  N   . THR A 1 69  ? 13.197  -14.408 3.500   1.00 23.70 ? 69  THR X N   1 
ATOM   549  C  CA  . THR A 1 69  ? 13.906  -13.372 2.763   1.00 23.31 ? 69  THR X CA  1 
ATOM   550  C  C   . THR A 1 69  ? 15.254  -13.102 3.418   1.00 24.19 ? 69  THR X C   1 
ATOM   551  O  O   . THR A 1 69  ? 15.396  -12.164 4.198   1.00 23.62 ? 69  THR X O   1 
ATOM   552  C  CB  . THR A 1 69  ? 13.095  -12.068 2.696   1.00 23.28 ? 69  THR X CB  1 
ATOM   553  O  OG1 . THR A 1 69  ? 11.731  -12.373 2.367   1.00 21.75 ? 69  THR X OG1 1 
ATOM   554  C  CG2 . THR A 1 69  ? 13.687  -11.126 1.651   1.00 22.15 ? 69  THR X CG2 1 
ATOM   555  N  N   . PRO A 1 70  ? 16.252  -13.940 3.102   1.00 25.26 ? 70  PRO X N   1 
ATOM   556  C  CA  . PRO A 1 70  ? 17.560  -13.909 3.754   1.00 26.21 ? 70  PRO X CA  1 
ATOM   557  C  C   . PRO A 1 70  ? 18.179  -12.526 3.798   1.00 27.31 ? 70  PRO X C   1 
ATOM   558  O  O   . PRO A 1 70  ? 18.337  -11.883 2.761   1.00 28.12 ? 70  PRO X O   1 
ATOM   559  C  CB  . PRO A 1 70  ? 18.410  -14.829 2.875   1.00 25.72 ? 70  PRO X CB  1 
ATOM   560  C  CG  . PRO A 1 70  ? 17.435  -15.796 2.301   1.00 25.91 ? 70  PRO X CG  1 
ATOM   561  C  CD  . PRO A 1 70  ? 16.157  -15.014 2.094   1.00 25.04 ? 70  PRO X CD  1 
ATOM   562  N  N   . GLY A 1 71  ? 18.518  -12.077 5.001   1.00 28.12 ? 71  GLY X N   1 
ATOM   563  C  CA  . GLY A 1 71  ? 19.238  -10.826 5.175   1.00 29.71 ? 71  GLY X CA  1 
ATOM   564  C  C   . GLY A 1 71  ? 18.338  -9.612  5.091   1.00 30.78 ? 71  GLY X C   1 
ATOM   565  O  O   . GLY A 1 71  ? 18.813  -8.489  4.926   1.00 31.61 ? 71  GLY X O   1 
ATOM   566  N  N   . SER A 1 72  ? 17.036  -9.830  5.205   1.00 31.48 ? 72  SER X N   1 
ATOM   567  C  CA  . SER A 1 72  ? 16.088  -8.735  5.102   1.00 32.12 ? 72  SER X CA  1 
ATOM   568  C  C   . SER A 1 72  ? 15.847  -8.100  6.465   1.00 32.50 ? 72  SER X C   1 
ATOM   569  O  O   . SER A 1 72  ? 16.344  -8.585  7.485   1.00 32.56 ? 72  SER X O   1 
ATOM   570  C  CB  . SER A 1 72  ? 14.771  -9.227  4.509   1.00 32.28 ? 72  SER X CB  1 
ATOM   571  O  OG  . SER A 1 72  ? 14.132  -10.142 5.384   1.00 32.30 ? 72  SER X OG  1 
ATOM   572  N  N   . ARG A 1 73  ? 15.089  -7.008  6.476   1.00 32.09 ? 73  ARG X N   1 
ATOM   573  C  CA  . ARG A 1 73  ? 14.719  -6.364  7.723   1.00 31.68 ? 73  ARG X CA  1 
ATOM   574  C  C   . ARG A 1 73  ? 13.224  -6.500  7.959   1.00 30.85 ? 73  ARG X C   1 
ATOM   575  O  O   . ARG A 1 73  ? 12.494  -7.008  7.102   1.00 30.42 ? 73  ARG X O   1 
ATOM   576  C  CB  . ARG A 1 73  ? 15.129  -4.888  7.719   1.00 32.33 ? 73  ARG X CB  1 
ATOM   577  C  CG  . ARG A 1 73  ? 16.623  -4.640  7.938   1.00 33.64 ? 73  ARG X CG  1 
ATOM   578  C  CD  . ARG A 1 73  ? 17.070  -5.044  9.343   1.00 34.44 ? 73  ARG X CD  1 
ATOM   579  N  NE  . ARG A 1 73  ? 16.075  -4.702  10.359  1.00 36.19 ? 73  ARG X NE  1 
ATOM   580  C  CZ  . ARG A 1 73  ? 15.420  -5.593  11.098  1.00 36.48 ? 73  ARG X CZ  1 
ATOM   581  N  NH1 . ARG A 1 73  ? 15.662  -6.889  10.953  1.00 37.41 ? 73  ARG X NH1 1 
ATOM   582  N  NH2 . ARG A 1 73  ? 14.527  -5.190  11.990  1.00 36.84 ? 73  ARG X NH2 1 
ATOM   583  N  N   . ASN A 1 74  ? 12.779  -6.058  9.128   1.00 29.76 ? 74  ASN X N   1 
ATOM   584  C  CA  . ASN A 1 74  ? 11.373  -6.087  9.499   1.00 29.08 ? 74  ASN X CA  1 
ATOM   585  C  C   . ASN A 1 74  ? 11.010  -4.778  10.199  1.00 28.77 ? 74  ASN X C   1 
ATOM   586  O  O   . ASN A 1 74  ? 10.631  -4.765  11.371  1.00 28.29 ? 74  ASN X O   1 
ATOM   587  C  CB  . ASN A 1 74  ? 11.087  -7.295  10.398  1.00 29.55 ? 74  ASN X CB  1 
ATOM   588  C  CG  . ASN A 1 74  ? 9.633   -7.382  10.840  1.00 30.45 ? 74  ASN X CG  1 
ATOM   589  O  OD1 . ASN A 1 74  ? 8.771   -6.643  10.364  1.00 31.27 ? 74  ASN X OD1 1 
ATOM   590  N  ND2 . ASN A 1 74  ? 9.356   -8.298  11.764  1.00 30.79 ? 74  ASN X ND2 1 
ATOM   591  N  N   . LEU A 1 75  ? 11.119  -3.681  9.453   1.00 28.39 ? 75  LEU X N   1 
ATOM   592  C  CA  . LEU A 1 75  ? 10.979  -2.331  10.015  1.00 27.81 ? 75  LEU X CA  1 
ATOM   593  C  C   . LEU A 1 75  ? 9.563   -1.959  10.474  1.00 27.62 ? 75  LEU X C   1 
ATOM   594  O  O   . LEU A 1 75  ? 9.389   -1.057  11.296  1.00 27.76 ? 75  LEU X O   1 
ATOM   595  C  CB  . LEU A 1 75  ? 11.553  -1.290  9.046   1.00 27.69 ? 75  LEU X CB  1 
ATOM   596  C  CG  . LEU A 1 75  ? 13.062  -1.455  8.804   1.00 28.06 ? 75  LEU X CG  1 
ATOM   597  C  CD1 . LEU A 1 75  ? 13.580  -0.447  7.794   1.00 28.08 ? 75  LEU X CD1 1 
ATOM   598  C  CD2 . LEU A 1 75  ? 13.827  -1.342  10.121  1.00 27.83 ? 75  LEU X CD2 1 
ATOM   599  N  N   . CYS A 1 76  ? 8.551   -2.656  9.968   1.00 26.39 ? 76  CYS X N   1 
ATOM   600  C  CA  . CYS A 1 76  ? 7.191   -2.442  10.465  1.00 25.98 ? 76  CYS X CA  1 
ATOM   601  C  C   . CYS A 1 76  ? 6.849   -3.397  11.597  1.00 26.28 ? 76  CYS X C   1 
ATOM   602  O  O   . CYS A 1 76  ? 5.758   -3.327  12.168  1.00 25.88 ? 76  CYS X O   1 
ATOM   603  C  CB  . CYS A 1 76  ? 6.160   -2.561  9.345   1.00 25.46 ? 76  CYS X CB  1 
ATOM   604  S  SG  . CYS A 1 76  ? 6.224   -1.194  8.174   1.00 23.70 ? 76  CYS X SG  1 
ATOM   605  N  N   . ASN A 1 77  ? 7.785   -4.296  11.897  1.00 27.14 ? 77  ASN X N   1 
ATOM   606  C  CA  . ASN A 1 77  ? 7.627   -5.238  13.003  1.00 27.45 ? 77  ASN X CA  1 
ATOM   607  C  C   . ASN A 1 77  ? 6.311   -5.996  12.965  1.00 26.51 ? 77  ASN X C   1 
ATOM   608  O  O   . ASN A 1 77  ? 5.542   -5.977  13.925  1.00 26.24 ? 77  ASN X O   1 
ATOM   609  C  CB  . ASN A 1 77  ? 7.795   -4.516  14.345  1.00 28.65 ? 77  ASN X CB  1 
ATOM   610  C  CG  . ASN A 1 77  ? 9.186   -3.951  14.524  1.00 30.47 ? 77  ASN X CG  1 
ATOM   611  O  OD1 . ASN A 1 77  ? 10.180  -4.657  14.354  1.00 33.13 ? 77  ASN X OD1 1 
ATOM   612  N  ND2 . ASN A 1 77  ? 9.267   -2.672  14.874  1.00 31.75 ? 77  ASN X ND2 1 
ATOM   613  N  N   . ILE A 1 78  ? 6.059   -6.673  11.848  1.00 25.43 ? 78  ILE X N   1 
ATOM   614  C  CA  . ILE A 1 78  ? 4.837   -7.430  11.668  1.00 24.76 ? 78  ILE X CA  1 
ATOM   615  C  C   . ILE A 1 78  ? 5.136   -8.639  10.798  1.00 23.77 ? 78  ILE X C   1 
ATOM   616  O  O   . ILE A 1 78  ? 6.049   -8.603  9.980   1.00 24.05 ? 78  ILE X O   1 
ATOM   617  C  CB  . ILE A 1 78  ? 3.750   -6.598  10.951  1.00 25.57 ? 78  ILE X CB  1 
ATOM   618  C  CG1 . ILE A 1 78  ? 4.326   -5.930  9.694   1.00 25.35 ? 78  ILE X CG1 1 
ATOM   619  C  CG2 . ILE A 1 78  ? 3.131   -5.576  11.904  1.00 25.82 ? 78  ILE X CG2 1 
ATOM   620  C  CD1 . ILE A 1 78  ? 3.295   -5.573  8.659   1.00 25.29 ? 78  ILE X CD1 1 
ATOM   621  N  N   . PRO A 1 79  ? 4.372   -9.720  10.974  1.00 23.63 ? 79  PRO X N   1 
ATOM   622  C  CA  . PRO A 1 79  ? 4.474   -10.770 9.966   1.00 22.34 ? 79  PRO X CA  1 
ATOM   623  C  C   . PRO A 1 79  ? 3.875   -10.259 8.658   1.00 21.48 ? 79  PRO X C   1 
ATOM   624  O  O   . PRO A 1 79  ? 2.903   -9.495  8.675   1.00 21.21 ? 79  PRO X O   1 
ATOM   625  C  CB  . PRO A 1 79  ? 3.631   -11.911 10.546  1.00 22.56 ? 79  PRO X CB  1 
ATOM   626  C  CG  . PRO A 1 79  ? 2.736   -11.275 11.557  1.00 23.74 ? 79  PRO X CG  1 
ATOM   627  C  CD  . PRO A 1 79  ? 3.423   -10.042 12.053  1.00 23.06 ? 79  PRO X CD  1 
ATOM   628  N  N   . CYS A 1 80  ? 4.453   -10.661 7.533   1.00 20.50 ? 80  CYS X N   1 
ATOM   629  C  CA  . CYS A 1 80  ? 3.955   -10.221 6.231   1.00 20.38 ? 80  CYS X CA  1 
ATOM   630  C  C   . CYS A 1 80  ? 2.504   -10.668 6.012   1.00 20.76 ? 80  CYS X C   1 
ATOM   631  O  O   . CYS A 1 80  ? 1.718   -9.984  5.357   1.00 20.45 ? 80  CYS X O   1 
ATOM   632  C  CB  . CYS A 1 80  ? 4.871   -10.714 5.102   1.00 19.30 ? 80  CYS X CB  1 
ATOM   633  S  SG  . CYS A 1 80  ? 6.553   -10.067 5.136   1.00 18.61 ? 80  CYS X SG  1 
ATOM   634  N  N   . SER A 1 81  ? 2.149   -11.817 6.573   1.00 21.43 ? 81  SER X N   1 
ATOM   635  C  CA  . SER A 1 81  ? 0.785   -12.319 6.480   1.00 21.92 ? 81  SER X CA  1 
ATOM   636  C  C   . SER A 1 81  ? -0.249  -11.301 6.959   1.00 22.07 ? 81  SER X C   1 
ATOM   637  O  O   . SER A 1 81  ? -1.366  -11.280 6.465   1.00 21.69 ? 81  SER X O   1 
ATOM   638  C  CB  . SER A 1 81  ? 0.634   -13.633 7.254   1.00 22.86 ? 81  SER X CB  1 
ATOM   639  O  OG  . SER A 1 81  ? 0.844   -13.438 8.643   1.00 24.14 ? 81  SER X OG  1 
ATOM   640  N  N   . ALA A 1 82  ? 0.125   -10.464 7.923   1.00 22.50 ? 82  ALA X N   1 
ATOM   641  C  CA  . ALA A 1 82  ? -0.775  -9.434  8.453   1.00 22.90 ? 82  ALA X CA  1 
ATOM   642  C  C   . ALA A 1 82  ? -1.173  -8.401  7.395   1.00 22.74 ? 82  ALA X C   1 
ATOM   643  O  O   . ALA A 1 82  ? -2.152  -7.671  7.564   1.00 23.42 ? 82  ALA X O   1 
ATOM   644  C  CB  . ALA A 1 82  ? -0.140  -8.747  9.651   1.00 22.98 ? 82  ALA X CB  1 
ATOM   645  N  N   . LEU A 1 83  ? -0.412  -8.350  6.305   1.00 22.51 ? 83  LEU X N   1 
ATOM   646  C  CA  . LEU A 1 83  ? -0.667  -7.393  5.229   1.00 22.11 ? 83  LEU X CA  1 
ATOM   647  C  C   . LEU A 1 83  ? -1.695  -7.927  4.234   1.00 21.80 ? 83  LEU X C   1 
ATOM   648  O  O   . LEU A 1 83  ? -2.035  -7.248  3.265   1.00 21.80 ? 83  LEU X O   1 
ATOM   649  C  CB  . LEU A 1 83  ? 0.638   -7.038  4.500   1.00 22.26 ? 83  LEU X CB  1 
ATOM   650  C  CG  . LEU A 1 83  ? 1.771   -6.412  5.320   1.00 22.71 ? 83  LEU X CG  1 
ATOM   651  C  CD1 . LEU A 1 83  ? 3.078   -6.360  4.520   1.00 22.19 ? 83  LEU X CD1 1 
ATOM   652  C  CD2 . LEU A 1 83  ? 1.393   -5.011  5.827   1.00 22.66 ? 83  LEU X CD2 1 
ATOM   653  N  N   . LEU A 1 84  ? -2.190  -9.143  4.478   1.00 21.66 ? 84  LEU X N   1 
ATOM   654  C  CA  . LEU A 1 84  ? -3.135  -9.808  3.575   1.00 21.56 ? 84  LEU X CA  1 
ATOM   655  C  C   . LEU A 1 84  ? -4.586  -9.830  4.084   1.00 22.15 ? 84  LEU X C   1 
ATOM   656  O  O   . LEU A 1 84  ? -5.501  -10.296 3.383   1.00 21.92 ? 84  LEU X O   1 
ATOM   657  C  CB  . LEU A 1 84  ? -2.681  -11.247 3.302   1.00 21.25 ? 84  LEU X CB  1 
ATOM   658  C  CG  . LEU A 1 84  ? -1.323  -11.503 2.650   1.00 21.46 ? 84  LEU X CG  1 
ATOM   659  C  CD1 . LEU A 1 84  ? -1.241  -12.970 2.277   1.00 22.62 ? 84  LEU X CD1 1 
ATOM   660  C  CD2 . LEU A 1 84  ? -1.094  -10.627 1.415   1.00 21.10 ? 84  LEU X CD2 1 
ATOM   661  N  N   . SER A 1 85  ? -4.777  -9.327  5.298   1.00 22.89 ? 85  SER X N   1 
ATOM   662  C  CA  . SER A 1 85  ? -6.074  -9.326  5.976   1.00 23.82 ? 85  SER X CA  1 
ATOM   663  C  C   . SER A 1 85  ? -7.150  -8.494  5.268   1.00 24.80 ? 85  SER X C   1 
ATOM   664  O  O   . SER A 1 85  ? -6.843  -7.532  4.569   1.00 24.27 ? 85  SER X O   1 
ATOM   665  C  CB  . SER A 1 85  ? -5.887  -8.801  7.399   1.00 24.34 ? 85  SER X CB  1 
ATOM   666  O  OG  . SER A 1 85  ? -7.131  -8.671  8.061   1.00 23.47 ? 85  SER X OG  1 
ATOM   667  N  N   . SER A 1 86  ? -8.416  -8.849  5.467   1.00 25.74 ? 86  SER X N   1 
ATOM   668  C  CA  . SER A 1 86  ? -9.520  -8.013  4.983   1.00 26.64 ? 86  SER X CA  1 
ATOM   669  C  C   . SER A 1 86  ? -9.494  -6.644  5.656   1.00 26.83 ? 86  SER X C   1 
ATOM   670  O  O   . SER A 1 86  ? -9.946  -5.648  5.083   1.00 26.96 ? 86  SER X O   1 
ATOM   671  C  CB  A SER A 1 86  ? -10.865 -8.693  5.233   0.50 26.60 ? 86  SER X CB  1 
ATOM   672  C  CB  B SER A 1 86  ? -10.864 -8.693  5.248   0.50 26.84 ? 86  SER X CB  1 
ATOM   673  O  OG  A SER A 1 86  ? -11.030 -8.987  6.607   0.50 26.78 ? 86  SER X OG  1 
ATOM   674  O  OG  B SER A 1 86  ? -10.893 -10.000 4.700   0.50 28.03 ? 86  SER X OG  1 
ATOM   675  N  N   . ASP A 1 87  ? -8.982  -6.602  6.881   1.00 27.10 ? 87  ASP X N   1 
ATOM   676  C  CA  . ASP A 1 87  ? -8.819  -5.346  7.601   1.00 27.23 ? 87  ASP X CA  1 
ATOM   677  C  C   . ASP A 1 87  ? -7.483  -4.722  7.225   1.00 26.48 ? 87  ASP X C   1 
ATOM   678  O  O   . ASP A 1 87  ? -6.440  -5.372  7.324   1.00 26.73 ? 87  ASP X O   1 
ATOM   679  C  CB  . ASP A 1 87  ? -8.898  -5.576  9.113   1.00 28.19 ? 87  ASP X CB  1 
ATOM   680  C  CG  . ASP A 1 87  ? -8.797  -4.290  9.901   1.00 30.82 ? 87  ASP X CG  1 
ATOM   681  O  OD1 . ASP A 1 87  ? -7.680  -3.749  10.015  1.00 32.29 ? 87  ASP X OD1 1 
ATOM   682  O  OD2 . ASP A 1 87  ? -9.837  -3.820  10.419  1.00 32.95 ? 87  ASP X OD2 1 
ATOM   683  N  N   . ILE A 1 88  ? -7.515  -3.461  6.810   1.00 25.20 ? 88  ILE X N   1 
ATOM   684  C  CA  . ILE A 1 88  ? -6.326  -2.807  6.258   1.00 23.80 ? 88  ILE X CA  1 
ATOM   685  C  C   . ILE A 1 88  ? -5.408  -2.136  7.270   1.00 24.19 ? 88  ILE X C   1 
ATOM   686  O  O   . ILE A 1 88  ? -4.414  -1.521  6.883   1.00 23.68 ? 88  ILE X O   1 
ATOM   687  C  CB  . ILE A 1 88  ? -6.693  -1.773  5.150   1.00 23.84 ? 88  ILE X CB  1 
ATOM   688  C  CG1 . ILE A 1 88  ? -7.430  -0.562  5.740   1.00 23.26 ? 88  ILE X CG1 1 
ATOM   689  C  CG2 . ILE A 1 88  ? -7.489  -2.439  4.038   1.00 22.60 ? 88  ILE X CG2 1 
ATOM   690  C  CD1 . ILE A 1 88  ? -7.646  0.566   4.739   1.00 22.76 ? 88  ILE X CD1 1 
ATOM   691  N  N   . THR A 1 89  ? -5.726  -2.252  8.560   1.00 24.01 ? 89  THR X N   1 
ATOM   692  C  CA  . THR A 1 89  ? -4.923  -1.616  9.610   1.00 23.98 ? 89  THR X CA  1 
ATOM   693  C  C   . THR A 1 89  ? -3.420  -1.841  9.454   1.00 22.99 ? 89  THR X C   1 
ATOM   694  O  O   . THR A 1 89  ? -2.643  -0.890  9.462   1.00 22.54 ? 89  THR X O   1 
ATOM   695  C  CB  . THR A 1 89  ? -5.341  -2.087  11.025  1.00 24.48 ? 89  THR X CB  1 
ATOM   696  O  OG1 . THR A 1 89  ? -6.706  -1.730  11.264  1.00 25.60 ? 89  THR X OG1 1 
ATOM   697  C  CG2 . THR A 1 89  ? -4.463  -1.455  12.096  1.00 25.71 ? 89  THR X CG2 1 
ATOM   698  N  N   . ALA A 1 90  ? -3.010  -3.102  9.332   1.00 22.53 ? 90  ALA X N   1 
ATOM   699  C  CA  . ALA A 1 90  ? -1.595  -3.415  9.276   1.00 22.07 ? 90  ALA X CA  1 
ATOM   700  C  C   . ALA A 1 90  ? -0.939  -2.787  8.056   1.00 21.47 ? 90  ALA X C   1 
ATOM   701  O  O   . ALA A 1 90  ? 0.157   -2.236  8.163   1.00 21.80 ? 90  ALA X O   1 
ATOM   702  C  CB  . ALA A 1 90  ? -1.358  -4.933  9.305   1.00 22.18 ? 90  ALA X CB  1 
ATOM   703  N  N   . SER A 1 91  ? -1.610  -2.865  6.905   1.00 20.48 ? 91  SER X N   1 
ATOM   704  C  CA  . SER A 1 91  ? -1.081  -2.281  5.669   1.00 20.32 ? 91  SER X CA  1 
ATOM   705  C  C   . SER A 1 91  ? -0.952  -0.768  5.776   1.00 20.30 ? 91  SER X C   1 
ATOM   706  O  O   . SER A 1 91  ? 0.077   -0.200  5.415   1.00 20.24 ? 91  SER X O   1 
ATOM   707  C  CB  . SER A 1 91  ? -1.952  -2.642  4.461   1.00 20.08 ? 91  SER X CB  1 
ATOM   708  O  OG  . SER A 1 91  ? -1.687  -3.961  4.002   1.00 20.01 ? 91  SER X OG  1 
ATOM   709  N  N   . VAL A 1 92  ? -1.999  -0.126  6.289   1.00 20.24 ? 92  VAL X N   1 
ATOM   710  C  CA  . VAL A 1 92  ? -2.004  1.330   6.447   1.00 20.83 ? 92  VAL X CA  1 
ATOM   711  C  C   . VAL A 1 92  ? -0.912  1.816   7.398   1.00 21.25 ? 92  VAL X C   1 
ATOM   712  O  O   . VAL A 1 92  ? -0.179  2.753   7.085   1.00 21.61 ? 92  VAL X O   1 
ATOM   713  C  CB  . VAL A 1 92  ? -3.392  1.831   6.922   1.00 20.73 ? 92  VAL X CB  1 
ATOM   714  C  CG1 . VAL A 1 92  ? -3.332  3.303   7.318   1.00 21.87 ? 92  VAL X CG1 1 
ATOM   715  C  CG2 . VAL A 1 92  ? -4.416  1.604   5.843   1.00 21.21 ? 92  VAL X CG2 1 
ATOM   716  N  N   . ASN A 1 93  ? -0.785  1.172   8.558   1.00 22.13 ? 93  ASN X N   1 
ATOM   717  C  CA  . ASN A 1 93  ? 0.228   1.582   9.526   1.00 22.64 ? 93  ASN X CA  1 
ATOM   718  C  C   . ASN A 1 93  ? 1.653   1.419   8.988   1.00 21.92 ? 93  ASN X C   1 
ATOM   719  O  O   . ASN A 1 93  ? 2.527   2.247   9.240   1.00 21.36 ? 93  ASN X O   1 
ATOM   720  C  CB  . ASN A 1 93  ? 0.041   0.838   10.861  1.00 24.33 ? 93  ASN X CB  1 
ATOM   721  C  CG  . ASN A 1 93  ? -1.246  1.240   11.583  1.00 26.79 ? 93  ASN X CG  1 
ATOM   722  O  OD1 . ASN A 1 93  ? -1.847  2.270   11.280  1.00 28.30 ? 93  ASN X OD1 1 
ATOM   723  N  ND2 . ASN A 1 93  ? -1.676  0.417   12.535  1.00 28.83 ? 93  ASN X ND2 1 
ATOM   724  N  N   . CYS A 1 94  ? 1.881   0.356   8.223   1.00 21.12 ? 94  CYS X N   1 
ATOM   725  C  CA  . CYS A 1 94  ? 3.199   0.131   7.645   1.00 20.35 ? 94  CYS X CA  1 
ATOM   726  C  C   . CYS A 1 94  ? 3.455   1.150   6.524   1.00 19.52 ? 94  CYS X C   1 
ATOM   727  O  O   . CYS A 1 94  ? 4.529   1.746   6.449   1.00 19.10 ? 94  CYS X O   1 
ATOM   728  C  CB  . CYS A 1 94  ? 3.329   -1.311  7.142   1.00 21.25 ? 94  CYS X CB  1 
ATOM   729  S  SG  . CYS A 1 94  ? 5.012   -1.784  6.634   1.00 22.17 ? 94  CYS X SG  1 
ATOM   730  N  N   . ALA A 1 95  ? 2.453   1.354   5.674   1.00 19.52 ? 95  ALA X N   1 
ATOM   731  C  CA  . ALA A 1 95  ? 2.509   2.360   4.610   1.00 19.31 ? 95  ALA X CA  1 
ATOM   732  C  C   . ALA A 1 95  ? 2.894   3.728   5.163   1.00 19.18 ? 95  ALA X C   1 
ATOM   733  O  O   . ALA A 1 95  ? 3.656   4.470   4.547   1.00 18.40 ? 95  ALA X O   1 
ATOM   734  C  CB  . ALA A 1 95  ? 1.172   2.442   3.884   1.00 19.23 ? 95  ALA X CB  1 
ATOM   735  N  N   . LYS A 1 96  ? 2.355   4.069   6.326   1.00 20.05 ? 96  LYS X N   1 
ATOM   736  C  CA  . LYS A 1 96  ? 2.704   5.335   6.959   1.00 20.01 ? 96  LYS X CA  1 
ATOM   737  C  C   . LYS A 1 96  ? 4.203   5.457   7.233   1.00 20.57 ? 96  LYS X C   1 
ATOM   738  O  O   . LYS A 1 96  ? 4.783   6.499   6.973   1.00 21.70 ? 96  LYS X O   1 
ATOM   739  C  CB  . LYS A 1 96  ? 1.870   5.553   8.226   1.00 20.52 ? 96  LYS X CB  1 
ATOM   740  C  CG  . LYS A 1 96  ? 0.411   5.911   7.912   1.00 21.42 ? 96  LYS X CG  1 
ATOM   741  C  CD  . LYS A 1 96  ? -0.435  6.040   9.170   1.00 23.06 ? 96  LYS X CD  1 
ATOM   742  C  CE  . LYS A 1 96  ? -1.913  6.185   8.817   1.00 24.12 ? 96  LYS X CE  1 
ATOM   743  N  NZ  . LYS A 1 96  ? -2.738  6.531   10.006  1.00 25.04 ? 96  LYS X NZ  1 
ATOM   744  N  N   . LYS A 1 97  ? 4.831   4.388   7.730   1.00 20.49 ? 97  LYS X N   1 
ATOM   745  C  CA  . LYS A 1 97  ? 6.267   4.406   8.008   1.00 21.65 ? 97  LYS X CA  1 
ATOM   746  C  C   . LYS A 1 97  ? 7.048   4.517   6.701   1.00 20.63 ? 97  LYS X C   1 
ATOM   747  O  O   . LYS A 1 97  ? 8.003   5.291   6.591   1.00 21.44 ? 97  LYS X O   1 
ATOM   748  C  CB  . LYS A 1 97  ? 6.690   3.142   8.775   1.00 22.63 ? 97  LYS X CB  1 
ATOM   749  C  CG  . LYS A 1 97  ? 5.958   2.925   10.092  1.00 26.22 ? 97  LYS X CG  1 
ATOM   750  C  CD  . LYS A 1 97  ? 6.461   1.675   10.816  1.00 28.54 ? 97  LYS X CD  1 
ATOM   751  C  CE  . LYS A 1 97  ? 5.931   1.597   12.246  1.00 30.72 ? 97  LYS X CE  1 
ATOM   752  N  NZ  . LYS A 1 97  ? 4.465   1.329   12.294  1.00 32.60 ? 97  LYS X NZ  1 
ATOM   753  N  N   . ILE A 1 98  ? 6.615   3.745   5.709   1.00 20.28 ? 98  ILE X N   1 
ATOM   754  C  CA  . ILE A 1 98  ? 7.242   3.718   4.394   1.00 20.18 ? 98  ILE X CA  1 
ATOM   755  C  C   . ILE A 1 98  ? 7.217   5.100   3.749   1.00 20.43 ? 98  ILE X C   1 
ATOM   756  O  O   . ILE A 1 98  ? 8.250   5.616   3.324   1.00 22.10 ? 98  ILE X O   1 
ATOM   757  C  CB  . ILE A 1 98  ? 6.552   2.674   3.463   1.00 19.51 ? 98  ILE X CB  1 
ATOM   758  C  CG1 . ILE A 1 98  ? 6.674   1.266   4.071   1.00 18.06 ? 98  ILE X CG1 1 
ATOM   759  C  CG2 . ILE A 1 98  ? 7.154   2.718   2.051   1.00 20.01 ? 98  ILE X CG2 1 
ATOM   760  C  CD1 . ILE A 1 98  ? 5.866   0.190   3.364   1.00 16.68 ? 98  ILE X CD1 1 
ATOM   761  N  N   . VAL A 1 99  ? 6.043   5.714   3.700   1.00 20.94 ? 99  VAL X N   1 
ATOM   762  C  CA  . VAL A 1 99  ? 5.910   7.005   3.032   1.00 21.95 ? 99  VAL X CA  1 
ATOM   763  C  C   . VAL A 1 99  ? 6.671   8.122   3.775   1.00 22.80 ? 99  VAL X C   1 
ATOM   764  O  O   . VAL A 1 99  ? 6.958   9.173   3.197   1.00 23.07 ? 99  VAL X O   1 
ATOM   765  C  CB  . VAL A 1 99  ? 4.421   7.365   2.777   1.00 21.26 ? 99  VAL X CB  1 
ATOM   766  C  CG1 . VAL A 1 99  ? 3.720   7.757   4.063   1.00 20.64 ? 99  VAL X CG1 1 
ATOM   767  C  CG2 . VAL A 1 99  ? 4.294   8.458   1.719   1.00 21.55 ? 99  VAL X CG2 1 
ATOM   768  N  N   . SER A 1 100 ? 7.026   7.870   5.036   1.00 24.19 ? 100 SER X N   1 
ATOM   769  C  CA  . SER A 1 100 ? 7.766   8.838   5.854   1.00 26.00 ? 100 SER X CA  1 
ATOM   770  C  C   . SER A 1 100 ? 9.289   8.611   5.849   1.00 26.86 ? 100 SER X C   1 
ATOM   771  O  O   . SER A 1 100 ? 10.017  9.273   6.591   1.00 26.97 ? 100 SER X O   1 
ATOM   772  C  CB  . SER A 1 100 ? 7.266   8.800   7.306   1.00 26.08 ? 100 SER X CB  1 
ATOM   773  O  OG  . SER A 1 100 ? 5.853   8.890   7.388   1.00 26.96 ? 100 SER X OG  1 
ATOM   774  N  N   . ASP A 1 101 ? 9.761   7.693   5.009   1.00 27.46 ? 101 ASP X N   1 
ATOM   775  C  CA  . ASP A 1 101 ? 11.157  7.231   5.036   1.00 28.48 ? 101 ASP X CA  1 
ATOM   776  C  C   . ASP A 1 101 ? 12.102  8.120   4.223   1.00 27.81 ? 101 ASP X C   1 
ATOM   777  O  O   . ASP A 1 101 ? 13.310  7.874   4.184   1.00 28.42 ? 101 ASP X O   1 
ATOM   778  C  CB  . ASP A 1 101 ? 11.234  5.794   4.510   1.00 29.02 ? 101 ASP X CB  1 
ATOM   779  C  CG  . ASP A 1 101 ? 12.387  5.006   5.104   1.00 30.83 ? 101 ASP X CG  1 
ATOM   780  O  OD1 . ASP A 1 101 ? 12.536  4.982   6.346   1.00 32.32 ? 101 ASP X OD1 1 
ATOM   781  O  OD2 . ASP A 1 101 ? 13.130  4.385   4.319   1.00 32.28 ? 101 ASP X OD2 1 
ATOM   782  N  N   . GLY A 1 102 ? 11.558  9.139   3.564   1.00 26.84 ? 102 GLY X N   1 
ATOM   783  C  CA  . GLY A 1 102 ? 12.383  10.113  2.845   1.00 25.72 ? 102 GLY X CA  1 
ATOM   784  C  C   . GLY A 1 102 ? 12.052  10.291  1.374   1.00 24.81 ? 102 GLY X C   1 
ATOM   785  O  O   . GLY A 1 102 ? 12.219  11.386  0.822   1.00 24.62 ? 102 GLY X O   1 
ATOM   786  N  N   . ASN A 1 103 ? 11.580  9.224   0.740   1.00 23.68 ? 103 ASN X N   1 
ATOM   787  C  CA  . ASN A 1 103 ? 11.219  9.265   -0.680  1.00 23.25 ? 103 ASN X CA  1 
ATOM   788  C  C   . ASN A 1 103 ? 9.725   9.419   -0.978  1.00 21.68 ? 103 ASN X C   1 
ATOM   789  O  O   . ASN A 1 103 ? 9.305   9.380   -2.137  1.00 22.07 ? 103 ASN X O   1 
ATOM   790  C  CB  . ASN A 1 103 ? 11.775  8.037   -1.391  1.00 24.70 ? 103 ASN X CB  1 
ATOM   791  C  CG  . ASN A 1 103 ? 13.279  8.050   -1.456  1.00 26.13 ? 103 ASN X CG  1 
ATOM   792  O  OD1 . ASN A 1 103 ? 13.872  9.008   -1.944  1.00 27.04 ? 103 ASN X OD1 1 
ATOM   793  N  ND2 . ASN A 1 103 ? 13.909  6.998   -0.952  1.00 27.55 ? 103 ASN X ND2 1 
ATOM   794  N  N   . GLY A 1 104 ? 8.923   9.608   0.059   1.00 20.56 ? 104 GLY X N   1 
ATOM   795  C  CA  . GLY A 1 104 ? 7.487   9.790   -0.147  1.00 19.53 ? 104 GLY X CA  1 
ATOM   796  C  C   . GLY A 1 104 ? 6.883   8.586   -0.847  1.00 18.77 ? 104 GLY X C   1 
ATOM   797  O  O   . GLY A 1 104 ? 7.289   7.442   -0.594  1.00 19.11 ? 104 GLY X O   1 
ATOM   798  N  N   . MET A 1 105 ? 5.918   8.830   -1.730  1.00 18.01 ? 105 MET X N   1 
ATOM   799  C  CA  . MET A 1 105 ? 5.219   7.725   -2.395  1.00 17.49 ? 105 MET X CA  1 
ATOM   800  C  C   . MET A 1 105 ? 5.998   7.094   -3.542  1.00 17.57 ? 105 MET X C   1 
ATOM   801  O  O   . MET A 1 105 ? 5.541   6.122   -4.156  1.00 17.64 ? 105 MET X O   1 
ATOM   802  C  CB  . MET A 1 105 ? 3.816   8.137   -2.831  1.00 17.55 ? 105 MET X CB  1 
ATOM   803  C  CG  . MET A 1 105 ? 2.817   8.120   -1.689  1.00 16.45 ? 105 MET X CG  1 
ATOM   804  S  SD  . MET A 1 105 ? 1.097   8.262   -2.213  1.00 17.22 ? 105 MET X SD  1 
ATOM   805  C  CE  . MET A 1 105 ? 0.737   6.567   -2.722  1.00 16.82 ? 105 MET X CE  1 
ATOM   806  N  N   . ASN A 1 106 ? 7.174   7.639   -3.829  1.00 18.02 ? 106 ASN X N   1 
ATOM   807  C  CA  . ASN A 1 106 ? 8.054   7.050   -4.847  1.00 18.67 ? 106 ASN X CA  1 
ATOM   808  C  C   . ASN A 1 106 ? 8.497   5.630   -4.488  1.00 19.11 ? 106 ASN X C   1 
ATOM   809  O  O   . ASN A 1 106 ? 8.891   4.853   -5.359  1.00 19.54 ? 106 ASN X O   1 
ATOM   810  C  CB  . ASN A 1 106 ? 9.273   7.941   -5.085  1.00 19.49 ? 106 ASN X CB  1 
ATOM   811  C  CG  . ASN A 1 106 ? 8.909   9.239   -5.768  1.00 19.57 ? 106 ASN X CG  1 
ATOM   812  O  OD1 . ASN A 1 106 ? 8.450   9.237   -6.908  1.00 21.15 ? 106 ASN X OD1 1 
ATOM   813  N  ND2 . ASN A 1 106 ? 9.097   10.358  -5.068  1.00 20.94 ? 106 ASN X ND2 1 
ATOM   814  N  N   . ALA A 1 107 ? 8.443   5.300   -3.202  1.00 18.91 ? 107 ALA X N   1 
ATOM   815  C  CA  . ALA A 1 107 ? 8.734   3.942   -2.760  1.00 19.06 ? 107 ALA X CA  1 
ATOM   816  C  C   . ALA A 1 107 ? 7.877   2.927   -3.516  1.00 18.90 ? 107 ALA X C   1 
ATOM   817  O  O   . ALA A 1 107 ? 8.304   1.793   -3.727  1.00 20.53 ? 107 ALA X O   1 
ATOM   818  C  CB  . ALA A 1 107 ? 8.516   3.809   -1.251  1.00 19.08 ? 107 ALA X CB  1 
ATOM   819  N  N   . TRP A 1 108 ? 6.671   3.338   -3.913  1.00 18.72 ? 108 TRP X N   1 
ATOM   820  C  CA  . TRP A 1 108 ? 5.770   2.497   -4.700  1.00 18.44 ? 108 TRP X CA  1 
ATOM   821  C  C   . TRP A 1 108 ? 6.024   2.734   -6.174  1.00 18.79 ? 108 TRP X C   1 
ATOM   822  O  O   . TRP A 1 108 ? 5.556   3.717   -6.743  1.00 17.80 ? 108 TRP X O   1 
ATOM   823  C  CB  . TRP A 1 108 ? 4.300   2.778   -4.346  1.00 18.16 ? 108 TRP X CB  1 
ATOM   824  C  CG  . TRP A 1 108 ? 3.935   2.190   -3.022  1.00 17.38 ? 108 TRP X CG  1 
ATOM   825  C  CD1 . TRP A 1 108 ? 3.594   0.889   -2.769  1.00 17.58 ? 108 TRP X CD1 1 
ATOM   826  C  CD2 . TRP A 1 108 ? 3.931   2.864   -1.760  1.00 17.94 ? 108 TRP X CD2 1 
ATOM   827  N  NE1 . TRP A 1 108 ? 3.365   0.718   -1.423  1.00 17.91 ? 108 TRP X NE1 1 
ATOM   828  C  CE2 . TRP A 1 108 ? 3.560   1.916   -0.782  1.00 17.11 ? 108 TRP X CE2 1 
ATOM   829  C  CE3 . TRP A 1 108 ? 4.195   4.180   -1.360  1.00 17.69 ? 108 TRP X CE3 1 
ATOM   830  C  CZ2 . TRP A 1 108 ? 3.456   2.237   0.572   1.00 17.41 ? 108 TRP X CZ2 1 
ATOM   831  C  CZ3 . TRP A 1 108 ? 4.089   4.500   -0.002  1.00 18.49 ? 108 TRP X CZ3 1 
ATOM   832  C  CH2 . TRP A 1 108 ? 3.716   3.530   0.942   1.00 18.12 ? 108 TRP X CH2 1 
ATOM   833  N  N   . VAL A 1 109 ? 6.785   1.839   -6.788  1.00 19.20 ? 109 VAL X N   1 
ATOM   834  C  CA  . VAL A 1 109 ? 7.151   2.029   -8.190  1.00 20.25 ? 109 VAL X CA  1 
ATOM   835  C  C   . VAL A 1 109 ? 5.926   2.269   -9.078  1.00 20.41 ? 109 VAL X C   1 
ATOM   836  O  O   . VAL A 1 109 ? 5.953   3.137   -9.960  1.00 20.97 ? 109 VAL X O   1 
ATOM   837  C  CB  . VAL A 1 109 ? 8.022   0.864   -8.716  1.00 21.14 ? 109 VAL X CB  1 
ATOM   838  C  CG1 . VAL A 1 109 ? 8.399   1.105   -10.158 1.00 21.48 ? 109 VAL X CG1 1 
ATOM   839  C  CG2 . VAL A 1 109 ? 9.282   0.749   -7.867  1.00 22.22 ? 109 VAL X CG2 1 
ATOM   840  N  N   . ALA A 1 110 ? 4.848   1.525   -8.835  1.00 19.92 ? 110 ALA X N   1 
ATOM   841  C  CA  . ALA A 1 110 ? 3.634   1.697   -9.638  1.00 20.07 ? 110 ALA X CA  1 
ATOM   842  C  C   . ALA A 1 110 ? 3.021   3.085   -9.429  1.00 18.77 ? 110 ALA X C   1 
ATOM   843  O  O   . ALA A 1 110 ? 2.468   3.665   -10.358 1.00 19.74 ? 110 ALA X O   1 
ATOM   844  C  CB  . ALA A 1 110 ? 2.631   0.606   -9.347  1.00 19.74 ? 110 ALA X CB  1 
ATOM   845  N  N   . TRP A 1 111 ? 3.123   3.628   -8.217  1.00 18.46 ? 111 TRP X N   1 
ATOM   846  C  CA  . TRP A 1 111 ? 2.649   4.995   -7.999  1.00 18.03 ? 111 TRP X CA  1 
ATOM   847  C  C   . TRP A 1 111 ? 3.458   5.977   -8.841  1.00 18.64 ? 111 TRP X C   1 
ATOM   848  O  O   . TRP A 1 111 ? 2.897   6.844   -9.515  1.00 17.91 ? 111 TRP X O   1 
ATOM   849  C  CB  . TRP A 1 111 ? 2.687   5.400   -6.515  1.00 18.33 ? 111 TRP X CB  1 
ATOM   850  C  CG  . TRP A 1 111 ? 2.232   6.834   -6.334  1.00 16.68 ? 111 TRP X CG  1 
ATOM   851  C  CD1 . TRP A 1 111 ? 0.953   7.276   -6.219  1.00 16.55 ? 111 TRP X CD1 1 
ATOM   852  C  CD2 . TRP A 1 111 ? 3.066   7.996   -6.285  1.00 17.00 ? 111 TRP X CD2 1 
ATOM   853  N  NE1 . TRP A 1 111 ? 0.931   8.648   -6.101  1.00 16.61 ? 111 TRP X NE1 1 
ATOM   854  C  CE2 . TRP A 1 111 ? 2.220   9.113   -6.139  1.00 16.12 ? 111 TRP X CE2 1 
ATOM   855  C  CE3 . TRP A 1 111 ? 4.449   8.198   -6.358  1.00 16.47 ? 111 TRP X CE3 1 
ATOM   856  C  CZ2 . TRP A 1 111 ? 2.710   10.413  -6.046  1.00 16.77 ? 111 TRP X CZ2 1 
ATOM   857  C  CZ3 . TRP A 1 111 ? 4.936   9.488   -6.271  1.00 18.73 ? 111 TRP X CZ3 1 
ATOM   858  C  CH2 . TRP A 1 111 ? 4.071   10.580  -6.117  1.00 16.60 ? 111 TRP X CH2 1 
ATOM   859  N  N   . ARG A 1 112 ? 4.781   5.838   -8.812  1.00 19.35 ? 112 ARG X N   1 
ATOM   860  C  CA  . ARG A 1 112 ? 5.635   6.750   -9.560  1.00 20.03 ? 112 ARG X CA  1 
ATOM   861  C  C   . ARG A 1 112 ? 5.366   6.663   -11.062 1.00 19.61 ? 112 ARG X C   1 
ATOM   862  O  O   . ARG A 1 112 ? 5.346   7.676   -11.753 1.00 19.24 ? 112 ARG X O   1 
ATOM   863  C  CB  . ARG A 1 112 ? 7.123   6.491   -9.277  1.00 21.05 ? 112 ARG X CB  1 
ATOM   864  C  CG  . ARG A 1 112 ? 8.017   7.603   -9.827  1.00 24.85 ? 112 ARG X CG  1 
ATOM   865  C  CD  . ARG A 1 112 ? 9.469   7.190   -9.989  1.00 29.40 ? 112 ARG X CD  1 
ATOM   866  N  NE  . ARG A 1 112 ? 9.985   6.500   -8.813  1.00 32.72 ? 112 ARG X NE  1 
ATOM   867  C  CZ  . ARG A 1 112 ? 10.468  5.261   -8.821  1.00 34.14 ? 112 ARG X CZ  1 
ATOM   868  N  NH1 . ARG A 1 112 ? 10.518  4.565   -9.951  1.00 35.57 ? 112 ARG X NH1 1 
ATOM   869  N  NH2 . ARG A 1 112 ? 10.907  4.720   -7.690  1.00 35.19 ? 112 ARG X NH2 1 
ATOM   870  N  N   . ASN A 1 113 ? 5.147   5.449   -11.557 1.00 20.05 ? 113 ASN X N   1 
ATOM   871  C  CA  . ASN A 1 113 ? 4.983   5.223   -12.992 1.00 20.35 ? 113 ASN X CA  1 
ATOM   872  C  C   . ASN A 1 113 ? 3.579   5.441   -13.581 1.00 20.99 ? 113 ASN X C   1 
ATOM   873  O  O   . ASN A 1 113 ? 3.431   5.636   -14.791 1.00 20.75 ? 113 ASN X O   1 
ATOM   874  C  CB  . ASN A 1 113 ? 5.508   3.825   -13.341 1.00 20.79 ? 113 ASN X CB  1 
ATOM   875  C  CG  . ASN A 1 113 ? 7.021   3.753   -13.269 1.00 21.26 ? 113 ASN X CG  1 
ATOM   876  O  OD1 . ASN A 1 113 ? 7.705   4.748   -13.518 1.00 22.39 ? 113 ASN X OD1 1 
ATOM   877  N  ND2 . ASN A 1 113 ? 7.557   2.582   -12.919 1.00 22.48 ? 113 ASN X ND2 1 
ATOM   878  N  N   . ARG A 1 114 ? 2.552   5.424   -12.733 1.00 20.45 ? 114 ARG X N   1 
ATOM   879  C  CA  . ARG A 1 114 ? 1.177   5.353   -13.230 1.00 20.10 ? 114 ARG X CA  1 
ATOM   880  C  C   . ARG A 1 114 ? 0.211   6.338   -12.578 1.00 19.74 ? 114 ARG X C   1 
ATOM   881  O  O   . ARG A 1 114 ? -0.862  6.599   -13.121 1.00 20.15 ? 114 ARG X O   1 
ATOM   882  C  CB  . ARG A 1 114 ? 0.644   3.919   -13.097 1.00 20.20 ? 114 ARG X CB  1 
ATOM   883  C  CG  . ARG A 1 114 ? 1.464   2.912   -13.892 1.00 19.65 ? 114 ARG X CG  1 
ATOM   884  C  CD  . ARG A 1 114 ? 0.976   1.509   -13.712 1.00 19.32 ? 114 ARG X CD  1 
ATOM   885  N  NE  . ARG A 1 114 ? -0.156  1.220   -14.577 1.00 19.32 ? 114 ARG X NE  1 
ATOM   886  C  CZ  . ARG A 1 114 ? -0.692  0.012   -14.693 1.00 18.32 ? 114 ARG X CZ  1 
ATOM   887  N  NH1 . ARG A 1 114 ? -0.195  -0.992  -13.980 1.00 18.04 ? 114 ARG X NH1 1 
ATOM   888  N  NH2 . ARG A 1 114 ? -1.722  -0.189  -15.504 1.00 19.67 ? 114 ARG X NH2 1 
ATOM   889  N  N   . CYS A 1 115 ? 0.582   6.870   -11.417 1.00 19.37 ? 115 CYS X N   1 
ATOM   890  C  CA  . CYS A 1 115 ? -0.303  7.749   -10.657 1.00 18.74 ? 115 CYS X CA  1 
ATOM   891  C  C   . CYS A 1 115 ? 0.256   9.150   -10.533 1.00 19.97 ? 115 CYS X C   1 
ATOM   892  O  O   . CYS A 1 115 ? -0.478  10.137  -10.638 1.00 20.09 ? 115 CYS X O   1 
ATOM   893  C  CB  . CYS A 1 115 ? -0.507  7.189   -9.251  1.00 18.31 ? 115 CYS X CB  1 
ATOM   894  S  SG  . CYS A 1 115 ? -1.300  5.592   -9.231  1.00 17.66 ? 115 CYS X SG  1 
ATOM   895  N  N   . LYS A 1 116 ? 1.559   9.216   -10.287 1.00 20.14 ? 116 LYS X N   1 
ATOM   896  C  CA  . LYS A 1 116 ? 2.255   10.472  -10.023 1.00 20.79 ? 116 LYS X CA  1 
ATOM   897  C  C   . LYS A 1 116 ? 2.043   11.464  -11.163 1.00 21.73 ? 116 LYS X C   1 
ATOM   898  O  O   . LYS A 1 116 ? 2.249   11.137  -12.337 1.00 21.54 ? 116 LYS X O   1 
ATOM   899  C  CB  . LYS A 1 116 ? 3.746   10.193  -9.826  1.00 19.50 ? 116 LYS X CB  1 
ATOM   900  C  CG  . LYS A 1 116 ? 4.625   11.415  -9.580  1.00 19.56 ? 116 LYS X CG  1 
ATOM   901  C  CD  . LYS A 1 116 ? 6.094   11.002  -9.523  1.00 19.45 ? 116 LYS X CD  1 
ATOM   902  C  CE  . LYS A 1 116 ? 6.987   12.097  -8.945  1.00 21.05 ? 116 LYS X CE  1 
ATOM   903  N  NZ  . LYS A 1 116 ? 8.390   11.616  -8.664  1.00 20.61 ? 116 LYS X NZ  1 
ATOM   904  N  N   . GLY A 1 117 ? 1.624   12.676  -10.811 1.00 23.20 ? 117 GLY X N   1 
ATOM   905  C  CA  . GLY A 1 117 ? 1.400   13.726  -11.804 1.00 24.34 ? 117 GLY X CA  1 
ATOM   906  C  C   . GLY A 1 117 ? 0.080   13.670  -12.553 1.00 25.43 ? 117 GLY X C   1 
ATOM   907  O  O   . GLY A 1 117 ? -0.268  14.611  -13.270 1.00 27.41 ? 117 GLY X O   1 
ATOM   908  N  N   . THR A 1 118 ? -0.667  12.582  -12.386 1.00 24.77 ? 118 THR X N   1 
ATOM   909  C  CA  . THR A 1 118 ? -1.951  12.411  -13.060 1.00 24.79 ? 118 THR X CA  1 
ATOM   910  C  C   . THR A 1 118 ? -3.102  12.990  -12.240 1.00 25.55 ? 118 THR X C   1 
ATOM   911  O  O   . THR A 1 118 ? -2.900  13.488  -11.128 1.00 25.35 ? 118 THR X O   1 
ATOM   912  C  CB  . THR A 1 118 ? -2.239  10.920  -13.344 1.00 24.57 ? 118 THR X CB  1 
ATOM   913  O  OG1 . THR A 1 118 ? -2.537  10.244  -12.112 1.00 23.40 ? 118 THR X OG1 1 
ATOM   914  C  CG2 . THR A 1 118 ? -1.039  10.271  -14.001 1.00 23.94 ? 118 THR X CG2 1 
ATOM   915  N  N   . ASP A 1 119 ? -4.311  12.918  -12.786 1.00 27.00 ? 119 ASP X N   1 
ATOM   916  C  CA  . ASP A 1 119 ? -5.494  13.411  -12.091 1.00 27.99 ? 119 ASP X CA  1 
ATOM   917  C  C   . ASP A 1 119 ? -5.985  12.359  -11.108 1.00 27.62 ? 119 ASP X C   1 
ATOM   918  O  O   . ASP A 1 119 ? -6.915  11.613  -11.412 1.00 27.75 ? 119 ASP X O   1 
ATOM   919  C  CB  . ASP A 1 119 ? -6.603  13.738  -13.092 1.00 29.74 ? 119 ASP X CB  1 
ATOM   920  C  CG  . ASP A 1 119 ? -7.776  14.464  -12.451 1.00 31.99 ? 119 ASP X CG  1 
ATOM   921  O  OD1 . ASP A 1 119 ? -7.721  14.753  -11.234 1.00 33.49 ? 119 ASP X OD1 1 
ATOM   922  O  OD2 . ASP A 1 119 ? -8.756  14.751  -13.172 1.00 34.15 ? 119 ASP X OD2 1 
ATOM   923  N  N   . VAL A 1 120 ? -5.359  12.303  -9.934  1.00 27.15 ? 120 VAL X N   1 
ATOM   924  C  CA  . VAL A 1 120 ? -5.659  11.259  -8.954  1.00 26.25 ? 120 VAL X CA  1 
ATOM   925  C  C   . VAL A 1 120 ? -7.024  11.435  -8.286  1.00 26.22 ? 120 VAL X C   1 
ATOM   926  O  O   . VAL A 1 120 ? -7.599  10.470  -7.782  1.00 25.52 ? 120 VAL X O   1 
ATOM   927  C  CB  . VAL A 1 120 ? -4.541  11.137  -7.872  1.00 26.30 ? 120 VAL X CB  1 
ATOM   928  C  CG1 . VAL A 1 120 ? -3.220  10.720  -8.507  1.00 24.52 ? 120 VAL X CG1 1 
ATOM   929  C  CG2 . VAL A 1 120 ? -4.394  12.434  -7.079  1.00 25.06 ? 120 VAL X CG2 1 
ATOM   930  N  N   . GLN A 1 121 ? -7.558  12.657  -8.298  1.00 26.17 ? 121 GLN X N   1 
ATOM   931  C  CA  . GLN A 1 121 ? -8.864  12.903  -7.691  1.00 25.84 ? 121 GLN X CA  1 
ATOM   932  C  C   . GLN A 1 121 ? -9.950  12.081  -8.382  1.00 24.71 ? 121 GLN X C   1 
ATOM   933  O  O   . GLN A 1 121 ? -11.009 11.824  -7.814  1.00 24.85 ? 121 GLN X O   1 
ATOM   934  C  CB  . GLN A 1 121 ? -9.220  14.394  -7.718  1.00 26.90 ? 121 GLN X CB  1 
ATOM   935  C  CG  . GLN A 1 121 ? -10.245 14.778  -6.664  1.00 29.78 ? 121 GLN X CG  1 
ATOM   936  C  CD  . GLN A 1 121 ? -10.576 16.262  -6.669  1.00 31.79 ? 121 GLN X CD  1 
ATOM   937  O  OE1 . GLN A 1 121 ? -9.949  17.051  -7.382  1.00 33.09 ? 121 GLN X OE1 1 
ATOM   938  N  NE2 . GLN A 1 121 ? -11.569 16.648  -5.872  1.00 32.26 ? 121 GLN X NE2 1 
ATOM   939  N  N   . ALA A 1 122 ? -9.687  11.663  -9.617  1.00 24.44 ? 122 ALA X N   1 
ATOM   940  C  CA  . ALA A 1 122 ? -10.650 10.859  -10.353 1.00 24.29 ? 122 ALA X CA  1 
ATOM   941  C  C   . ALA A 1 122 ? -10.915 9.525   -9.652  1.00 24.26 ? 122 ALA X C   1 
ATOM   942  O  O   . ALA A 1 122 ? -11.997 8.947   -9.776  1.00 24.59 ? 122 ALA X O   1 
ATOM   943  C  CB  . ALA A 1 122 ? -10.176 10.637  -11.802 1.00 24.16 ? 122 ALA X CB  1 
ATOM   944  N  N   . TRP A 1 123 ? -9.937  9.046   -8.892  1.00 23.72 ? 123 TRP X N   1 
ATOM   945  C  CA  . TRP A 1 123 ? -10.081 7.769   -8.184  1.00 24.01 ? 123 TRP X CA  1 
ATOM   946  C  C   . TRP A 1 123 ? -11.049 7.833   -7.005  1.00 25.02 ? 123 TRP X C   1 
ATOM   947  O  O   . TRP A 1 123 ? -11.558 6.794   -6.547  1.00 25.10 ? 123 TRP X O   1 
ATOM   948  C  CB  . TRP A 1 123 ? -8.712  7.244   -7.733  1.00 23.09 ? 123 TRP X CB  1 
ATOM   949  C  CG  . TRP A 1 123 ? -7.862  6.836   -8.880  1.00 21.93 ? 123 TRP X CG  1 
ATOM   950  C  CD1 . TRP A 1 123 ? -6.841  7.547   -9.440  1.00 22.44 ? 123 TRP X CD1 1 
ATOM   951  C  CD2 . TRP A 1 123 ? -7.972  5.625   -9.638  1.00 21.97 ? 123 TRP X CD2 1 
ATOM   952  N  NE1 . TRP A 1 123 ? -6.301  6.847   -10.498 1.00 21.23 ? 123 TRP X NE1 1 
ATOM   953  C  CE2 . TRP A 1 123 ? -6.978  5.666   -10.638 1.00 22.44 ? 123 TRP X CE2 1 
ATOM   954  C  CE3 . TRP A 1 123 ? -8.809  4.508   -9.566  1.00 21.40 ? 123 TRP X CE3 1 
ATOM   955  C  CZ2 . TRP A 1 123 ? -6.803  4.633   -11.561 1.00 22.48 ? 123 TRP X CZ2 1 
ATOM   956  C  CZ3 . TRP A 1 123 ? -8.634  3.487   -10.479 1.00 22.93 ? 123 TRP X CZ3 1 
ATOM   957  C  CH2 . TRP A 1 123 ? -7.637  3.555   -11.462 1.00 22.56 ? 123 TRP X CH2 1 
ATOM   958  N  N   . ILE A 1 124 ? -11.331 9.043   -6.523  1.00 25.80 ? 124 ILE X N   1 
ATOM   959  C  CA  . ILE A 1 124 ? -12.303 9.205   -5.443  1.00 27.06 ? 124 ILE X CA  1 
ATOM   960  C  C   . ILE A 1 124 ? -13.575 9.924   -5.881  1.00 28.09 ? 124 ILE X C   1 
ATOM   961  O  O   . ILE A 1 124 ? -14.513 10.051  -5.096  1.00 27.46 ? 124 ILE X O   1 
ATOM   962  C  CB  . ILE A 1 124 ? -11.713 9.956   -4.228  1.00 27.15 ? 124 ILE X CB  1 
ATOM   963  C  CG1 . ILE A 1 124 ? -11.232 11.353  -4.640  1.00 26.70 ? 124 ILE X CG1 1 
ATOM   964  C  CG2 . ILE A 1 124 ? -10.614 9.134   -3.562  1.00 26.54 ? 124 ILE X CG2 1 
ATOM   965  C  CD1 . ILE A 1 124 ? -10.812 12.234  -3.480  1.00 27.86 ? 124 ILE X CD1 1 
ATOM   966  N  N   . ARG A 1 125 ? -13.613 10.396  -7.123  1.00 29.62 ? 125 ARG X N   1 
ATOM   967  C  CA  . ARG A 1 125 ? -14.791 11.125  -7.596  1.00 31.28 ? 125 ARG X CA  1 
ATOM   968  C  C   . ARG A 1 125 ? -16.056 10.276  -7.481  1.00 31.13 ? 125 ARG X C   1 
ATOM   969  O  O   . ARG A 1 125 ? -16.080 9.116   -7.889  1.00 31.30 ? 125 ARG X O   1 
ATOM   970  C  CB  . ARG A 1 125 ? -14.600 11.659  -9.023  1.00 32.29 ? 125 ARG X CB  1 
ATOM   971  C  CG  . ARG A 1 125 ? -13.959 10.696  -10.018 1.00 35.08 ? 125 ARG X CG  1 
ATOM   972  C  CD  . ARG A 1 125 ? -14.922 9.637   -10.556 1.00 37.57 ? 125 ARG X CD  1 
ATOM   973  N  NE  . ARG A 1 125 ? -14.464 9.093   -11.836 1.00 39.43 ? 125 ARG X NE  1 
ATOM   974  C  CZ  . ARG A 1 125 ? -13.749 7.979   -11.983 1.00 40.85 ? 125 ARG X CZ  1 
ATOM   975  N  NH1 . ARG A 1 125 ? -13.392 7.260   -10.925 1.00 41.64 ? 125 ARG X NH1 1 
ATOM   976  N  NH2 . ARG A 1 125 ? -13.387 7.578   -13.195 1.00 41.20 ? 125 ARG X NH2 1 
ATOM   977  N  N   . GLY A 1 126 ? -17.097 10.860  -6.894  1.00 31.52 ? 126 GLY X N   1 
ATOM   978  C  CA  . GLY A 1 126 ? -18.368 10.168  -6.729  1.00 31.91 ? 126 GLY X CA  1 
ATOM   979  C  C   . GLY A 1 126 ? -18.499 9.366   -5.446  1.00 31.98 ? 126 GLY X C   1 
ATOM   980  O  O   . GLY A 1 126 ? -19.571 8.832   -5.144  1.00 32.49 ? 126 GLY X O   1 
ATOM   981  N  N   . CYS A 1 127 ? -17.419 9.266   -4.679  1.00 31.28 ? 127 CYS X N   1 
ATOM   982  C  CA  . CYS A 1 127 ? -17.454 8.446   -3.474  1.00 30.81 ? 127 CYS X CA  1 
ATOM   983  C  C   . CYS A 1 127 ? -17.981 9.214   -2.269  1.00 31.99 ? 127 CYS X C   1 
ATOM   984  O  O   . CYS A 1 127 ? -17.573 10.343  -2.014  1.00 31.03 ? 127 CYS X O   1 
ATOM   985  C  CB  . CYS A 1 127 ? -16.073 7.881   -3.162  1.00 29.61 ? 127 CYS X CB  1 
ATOM   986  S  SG  . CYS A 1 127 ? -15.338 6.949   -4.515  1.00 25.66 ? 127 CYS X SG  1 
ATOM   987  N  N   . ARG A 1 128 ? -18.891 8.590   -1.529  1.00 34.33 ? 128 ARG X N   1 
ATOM   988  C  CA  . ARG A 1 128 ? -19.338 9.159   -0.268  1.00 36.34 ? 128 ARG X CA  1 
ATOM   989  C  C   . ARG A 1 128 ? -18.272 8.874   0.783   1.00 37.54 ? 128 ARG X C   1 
ATOM   990  O  O   . ARG A 1 128 ? -18.161 7.750   1.278   1.00 38.18 ? 128 ARG X O   1 
ATOM   991  C  CB  . ARG A 1 128 ? -20.692 8.569   0.148   1.00 37.00 ? 128 ARG X CB  1 
ATOM   992  C  CG  . ARG A 1 128 ? -21.180 9.031   1.511   1.00 38.05 ? 128 ARG X CG  1 
ATOM   993  C  CD  . ARG A 1 128 ? -22.643 8.672   1.758   1.00 39.28 ? 128 ARG X CD  1 
ATOM   994  N  NE  . ARG A 1 128 ? -22.892 7.231   1.751   1.00 40.60 ? 128 ARG X NE  1 
ATOM   995  C  CZ  . ARG A 1 128 ? -23.777 6.623   0.964   1.00 41.50 ? 128 ARG X CZ  1 
ATOM   996  N  NH1 . ARG A 1 128 ? -24.516 7.328   0.114   1.00 42.18 ? 128 ARG X NH1 1 
ATOM   997  N  NH2 . ARG A 1 128 ? -23.931 5.307   1.032   1.00 41.87 ? 128 ARG X NH2 1 
ATOM   998  N  N   . LEU A 1 129 ? -17.474 9.890   1.099   1.00 38.62 ? 129 LEU X N   1 
ATOM   999  C  CA  . LEU A 1 129 ? -16.398 9.750   2.081   1.00 39.73 ? 129 LEU X CA  1 
ATOM   1000 C  C   . LEU A 1 129 ? -16.873 10.151  3.478   1.00 40.59 ? 129 LEU X C   1 
ATOM   1001 O  O   . LEU A 1 129 ? -17.842 9.581   3.990   1.00 41.03 ? 129 LEU X O   1 
ATOM   1002 C  CB  . LEU A 1 129 ? -15.168 10.574  1.679   1.00 39.81 ? 129 LEU X CB  1 
ATOM   1003 C  CG  . LEU A 1 129 ? -14.251 10.063  0.559   1.00 39.36 ? 129 LEU X CG  1 
ATOM   1004 C  CD1 . LEU A 1 129 ? -14.162 8.542   0.567   1.00 39.07 ? 129 LEU X CD1 1 
ATOM   1005 C  CD2 . LEU A 1 129 ? -14.694 10.556  -0.803  1.00 40.35 ? 129 LEU X CD2 1 
ATOM   1006 O  OXT . LEU A 1 129 ? -16.305 11.044  4.123   1.00 41.04 ? 129 LEU X OXT 1 
HETATM 1007 CL CL  . CL  B 2 .   ? 6.949   13.771  -0.257  1.00 23.51 ? 130 CL  X CL  1 
HETATM 1008 NA NA  . NA  C 3 .   ? 11.955  -9.155  6.119   1.00 26.84 ? 131 NA  X NA  1 
HETATM 1009 MN MN  . MN  D 4 .   ? -10.959 -0.266  9.487   0.80 29.35 ? 133 MN  X MN  1 
HETATM 1010 C  C   . CMO E 5 .   ? -10.381 -1.408  8.093   0.80 28.50 ? 132 CMO X C   1 
HETATM 1011 O  O   . CMO E 5 .   ? -10.123 -2.206  7.326   0.80 27.51 ? 132 CMO X O   1 
HETATM 1012 C  C   . CMO F 5 .   ? -12.505 -1.341  9.648   0.80 29.63 ? 134 CMO X C   1 
HETATM 1013 O  O   . CMO F 5 .   ? -13.464 -1.938  9.778   0.80 29.40 ? 134 CMO X O   1 
HETATM 1014 C  C   . CMO G 5 .   ? -11.868 0.832   8.241   0.80 28.80 ? 135 CMO X C   1 
HETATM 1015 O  O   . CMO G 5 .   ? -12.266 1.644   7.533   0.80 29.55 ? 135 CMO X O   1 
HETATM 1016 F  FAC . TFS H 6 .   ? 6.026   -0.226  -0.044  0.70 22.48 ? 136 TFS X FAC 1 
HETATM 1017 C  CAD . TFS H 6 .   ? 6.682   -0.221  -1.191  0.70 21.68 ? 136 TFS X CAD 1 
HETATM 1018 F  FAG . TFS H 6 .   ? 6.048   -1.007  -2.038  0.70 19.35 ? 136 TFS X FAG 1 
HETATM 1019 F  FAA . TFS H 6 .   ? 6.686   1.004   -1.678  0.70 22.28 ? 136 TFS X FAA 1 
HETATM 1020 S  SAE . TFS H 6 .   ? 8.246   -0.773  -0.974  0.70 22.75 ? 136 TFS X SAE 1 
HETATM 1021 O  OAH . TFS H 6 .   ? 9.049   0.220   -0.219  0.70 22.58 ? 136 TFS X OAH 1 
HETATM 1022 O  OAF . TFS H 6 .   ? 8.862   -1.012  -2.292  0.70 22.45 ? 136 TFS X OAF 1 
HETATM 1023 O  OAB . TFS H 6 .   ? 8.171   -2.032  -0.188  0.70 21.70 ? 136 TFS X OAB 1 
HETATM 1024 O  O   . HOH I 7 .   ? -9.831  -1.221  11.204  0.80 23.87 ? 137 HOH X O   1 
HETATM 1025 O  O   . HOH I 7 .   ? -10.434 1.602   11.366  0.80 43.24 ? 138 HOH X O   1 
HETATM 1026 O  O   . HOH I 7 .   ? -1.626  -14.031 -3.529  1.00 16.31 ? 139 HOH X O   1 
HETATM 1027 O  O   . HOH I 7 .   ? 13.375  -13.584 6.677   1.00 15.06 ? 140 HOH X O   1 
HETATM 1028 O  O   . HOH I 7 .   ? -7.380  13.156  -4.289  1.00 17.57 ? 141 HOH X O   1 
HETATM 1029 O  O   . HOH I 7 .   ? 9.899   -13.782 0.126   1.00 19.06 ? 142 HOH X O   1 
HETATM 1030 O  O   . HOH I 7 .   ? -3.498  -5.132  6.638   1.00 20.51 ? 143 HOH X O   1 
HETATM 1031 O  O   . HOH I 7 .   ? 5.107   -3.662  -6.669  1.00 20.32 ? 144 HOH X O   1 
HETATM 1032 O  O   . HOH I 7 .   ? 0.027   -3.857  1.609   1.00 18.21 ? 145 HOH X O   1 
HETATM 1033 O  O   . HOH I 7 .   ? -4.803  -5.278  9.919   1.00 23.15 ? 146 HOH X O   1 
HETATM 1034 O  O   . HOH I 7 .   ? -5.132  -5.369  4.297   1.00 20.37 ? 147 HOH X O   1 
HETATM 1035 O  O   . HOH I 7 .   ? 11.220  -11.591 5.695   1.00 22.42 ? 148 HOH X O   1 
HETATM 1036 O  O   . HOH I 7 .   ? -7.426  10.437  6.380   1.00 24.29 ? 149 HOH X O   1 
HETATM 1037 O  O   . HOH I 7 .   ? -3.411  -5.377  2.388   1.00 23.90 ? 150 HOH X O   1 
HETATM 1038 O  O   . HOH I 7 .   ? 2.987   8.682   -13.633 1.00 21.17 ? 151 HOH X O   1 
HETATM 1039 O  O   . HOH I 7 .   ? -4.804  8.493   -12.539 1.00 19.07 ? 152 HOH X O   1 
HETATM 1040 O  O   . HOH I 7 .   ? 9.018   -20.740 0.530   1.00 23.42 ? 153 HOH X O   1 
HETATM 1041 O  O   . HOH I 7 .   ? -1.145  3.241   -16.037 1.00 21.55 ? 154 HOH X O   1 
HETATM 1042 O  O   . HOH I 7 .   ? -3.034  -2.754  -15.253 1.00 19.60 ? 155 HOH X O   1 
HETATM 1043 O  O   . HOH I 7 .   ? -19.956 5.832   -2.713  1.00 28.87 ? 156 HOH X O   1 
HETATM 1044 O  O   . HOH I 7 .   ? 3.935   -6.247  -6.972  1.00 19.87 ? 157 HOH X O   1 
HETATM 1045 O  O   . HOH I 7 .   ? -9.297  -11.733 -2.008  1.00 24.07 ? 158 HOH X O   1 
HETATM 1046 O  O   . HOH I 7 .   ? 7.432   -0.690  -5.163  1.00 24.15 ? 159 HOH X O   1 
HETATM 1047 O  O   . HOH I 7 .   ? -8.923  -11.398 6.772   1.00 28.37 ? 160 HOH X O   1 
HETATM 1048 O  O   . HOH I 7 .   ? 4.051   15.297  -0.022  1.00 23.27 ? 161 HOH X O   1 
HETATM 1049 O  O   . HOH I 7 .   ? 0.326   12.752  -7.569  1.00 25.91 ? 162 HOH X O   1 
HETATM 1050 O  O   . HOH I 7 .   ? 1.605   -2.712  10.462  1.00 23.50 ? 163 HOH X O   1 
HETATM 1051 O  O   . HOH I 7 .   ? 2.304   -2.913  -10.086 1.00 21.92 ? 164 HOH X O   1 
HETATM 1052 O  O   . HOH I 7 .   ? 1.211   13.728  7.925   1.00 30.99 ? 165 HOH X O   1 
HETATM 1053 O  O   . HOH I 7 .   ? 6.303   -2.877  -4.333  1.00 27.76 ? 166 HOH X O   1 
HETATM 1054 O  O   . HOH I 7 .   ? 1.699   -15.364 9.948   1.00 24.24 ? 167 HOH X O   1 
HETATM 1055 O  O   . HOH I 7 .   ? -2.345  5.927   -15.320 1.00 26.73 ? 168 HOH X O   1 
HETATM 1056 O  O   . HOH I 7 .   ? 9.306   6.656   1.120   1.00 25.02 ? 169 HOH X O   1 
HETATM 1057 O  O   . HOH I 7 .   ? 1.975   -5.361  -9.132  1.00 33.54 ? 170 HOH X O   1 
HETATM 1058 O  O   . HOH I 7 .   ? 6.736   -12.573 12.148  1.00 29.30 ? 171 HOH X O   1 
HETATM 1059 O  O   . HOH I 7 .   ? -10.299 6.439   -12.199 1.00 31.95 ? 172 HOH X O   1 
HETATM 1060 O  O   . HOH I 7 .   ? -1.827  14.717  -6.134  1.00 27.00 ? 173 HOH X O   1 
HETATM 1061 O  O   . HOH I 7 .   ? -5.931  15.367  -8.631  1.00 32.89 ? 174 HOH X O   1 
HETATM 1062 O  O   . HOH I 7 .   ? -0.802  14.317  -9.190  1.00 29.96 ? 175 HOH X O   1 
HETATM 1063 O  O   . HOH I 7 .   ? 9.118   -3.432  -3.789  1.00 34.18 ? 176 HOH X O   1 
HETATM 1064 O  O   . HOH I 7 .   ? -3.992  -12.526 6.954   1.00 28.58 ? 177 HOH X O   1 
HETATM 1065 O  O   . HOH I 7 .   ? 9.278   10.696  2.853   1.00 30.69 ? 178 HOH X O   1 
HETATM 1066 O  O   . HOH I 7 .   ? 4.017   -1.199  11.545  1.00 29.30 ? 179 HOH X O   1 
HETATM 1067 O  O   . HOH I 7 .   ? 10.109  5.789   -12.455 1.00 30.97 ? 180 HOH X O   1 
HETATM 1068 O  O   . HOH I 7 .   ? -13.914 -9.784  -1.974  1.00 32.77 ? 181 HOH X O   1 
HETATM 1069 O  O   . HOH I 7 .   ? 0.392   -2.973  12.822  1.00 27.09 ? 182 HOH X O   1 
HETATM 1070 O  O   . HOH I 7 .   ? -3.780  -7.941  10.049  1.00 25.48 ? 183 HOH X O   1 
HETATM 1071 O  O   . HOH I 7 .   ? 6.858   -10.312 13.308  1.00 34.18 ? 184 HOH X O   1 
HETATM 1072 O  O   . HOH I 7 .   ? 2.941   -15.663 -3.767  0.50 14.61 ? 185 HOH X O   1 
HETATM 1073 O  O   . HOH I 7 .   ? -9.943  -11.456 2.968   1.00 26.94 ? 186 HOH X O   1 
HETATM 1074 O  O   . HOH I 7 .   ? -4.587  -8.911  -7.348  1.00 32.83 ? 187 HOH X O   1 
HETATM 1075 O  O   . HOH I 7 .   ? -0.374  18.041  -0.509  1.00 28.60 ? 188 HOH X O   1 
HETATM 1076 O  O   . HOH I 7 .   ? 9.367   12.706  4.264   1.00 38.15 ? 189 HOH X O   1 
HETATM 1077 O  O   . HOH I 7 .   ? -0.680  16.915  -9.956  1.00 31.27 ? 190 HOH X O   1 
HETATM 1078 O  O   . HOH I 7 .   ? -8.813  12.830  7.746   1.00 44.04 ? 191 HOH X O   1 
HETATM 1079 O  O   . HOH I 7 .   ? 14.236  -8.550  -7.319  1.00 36.94 ? 192 HOH X O   1 
HETATM 1080 O  O   . HOH I 7 .   ? 4.629   14.180  -11.848 1.00 25.74 ? 193 HOH X O   1 
HETATM 1081 O  O   . HOH I 7 .   ? 16.592  -6.107  -3.307  1.00 28.12 ? 194 HOH X O   1 
HETATM 1082 O  O   . HOH I 7 .   ? -16.936 2.118   -6.382  1.00 24.68 ? 195 HOH X O   1 
HETATM 1083 O  O   . HOH I 7 .   ? 6.523   12.297  -12.901 1.00 32.32 ? 196 HOH X O   1 
HETATM 1084 O  O   . HOH I 7 .   ? -8.743  -7.498  -8.034  1.00 34.27 ? 197 HOH X O   1 
HETATM 1085 O  O   . HOH I 7 .   ? 11.508  4.741   0.992   1.00 30.28 ? 198 HOH X O   1 
HETATM 1086 O  O   . HOH I 7 .   ? -17.375 7.128   3.482   1.00 36.95 ? 199 HOH X O   1 
HETATM 1087 O  O   . HOH I 7 .   ? -11.512 14.447  -12.768 1.00 37.88 ? 200 HOH X O   1 
HETATM 1088 O  O   . HOH I 7 .   ? -3.675  -11.002 10.184  1.00 31.44 ? 201 HOH X O   1 
HETATM 1089 O  O   . HOH I 7 .   ? 9.049   11.248  -11.548 1.00 28.79 ? 202 HOH X O   1 
HETATM 1090 O  O   . HOH I 7 .   ? -3.033  16.277  -12.854 1.00 40.81 ? 203 HOH X O   1 
HETATM 1091 O  O   . HOH I 7 .   ? -15.543 1.113   3.363   1.00 35.59 ? 204 HOH X O   1 
HETATM 1092 O  O   . HOH I 7 .   ? 4.895   -14.035 -8.153  1.00 32.07 ? 205 HOH X O   1 
HETATM 1093 O  O   . HOH I 7 .   ? -6.739  -9.705  -8.144  1.00 29.03 ? 206 HOH X O   1 
HETATM 1094 O  O   . HOH I 7 .   ? 10.590  -18.768 -1.249  1.00 34.70 ? 207 HOH X O   1 
HETATM 1095 O  O   . HOH I 7 .   ? 6.399   9.500   -13.384 1.00 30.16 ? 208 HOH X O   1 
HETATM 1096 O  O   . HOH I 7 .   ? 8.363   -5.165  -6.103  1.00 35.57 ? 209 HOH X O   1 
HETATM 1097 O  O   . HOH I 7 .   ? -4.582  2.002   10.454  1.00 32.93 ? 210 HOH X O   1 
HETATM 1098 O  O   . HOH I 7 .   ? 12.565  -10.119 8.116   1.00 28.38 ? 211 HOH X O   1 
HETATM 1099 O  O   . HOH I 7 .   ? -6.973  9.737   -13.491 1.00 33.13 ? 212 HOH X O   1 
HETATM 1100 O  O   . HOH I 7 .   ? -4.758  12.236  -15.624 1.00 31.98 ? 213 HOH X O   1 
HETATM 1101 O  O   . HOH I 7 .   ? -2.213  12.662  -17.326 1.00 29.44 ? 214 HOH X O   1 
HETATM 1102 O  O   . HOH I 7 .   ? 1.328   8.285   12.156  1.00 32.59 ? 215 HOH X O   1 
HETATM 1103 O  O   . HOH I 7 .   ? -12.393 -4.876  5.336   1.00 33.27 ? 216 HOH X O   1 
HETATM 1104 O  O   . HOH I 7 .   ? 9.446   -16.374 10.594  1.00 30.04 ? 217 HOH X O   1 
HETATM 1105 O  O   . HOH I 7 .   ? -2.025  8.936   11.657  1.00 33.64 ? 218 HOH X O   1 
HETATM 1106 O  O   . HOH I 7 .   ? 8.213   -17.431 -4.079  1.00 34.29 ? 219 HOH X O   1 
HETATM 1107 O  O   . HOH I 7 .   ? -9.803  14.681  1.309   1.00 22.80 ? 220 HOH X O   1 
HETATM 1108 O  O   . HOH I 7 .   ? -6.299  -9.918  -2.227  1.00 35.99 ? 221 HOH X O   1 
HETATM 1109 O  O   . HOH I 7 .   ? 5.542   -0.734  -7.356  1.00 30.12 ? 222 HOH X O   1 
# 
